data_8IVL
# 
_entry.id   8IVL 
# 
_audit_conform.dict_name       mmcif_pdbx.dic 
_audit_conform.dict_version    5.387 
_audit_conform.dict_location   http://mmcif.pdb.org/dictionaries/ascii/mmcif_pdbx.dic 
# 
loop_
_database_2.database_id 
_database_2.database_code 
_database_2.pdbx_database_accession 
_database_2.pdbx_DOI 
PDB   8IVL         pdb_00008ivl 10.2210/pdb8ivl/pdb 
WWPDB D_1300036489 ?            ?                   
# 
loop_
_pdbx_audit_revision_history.ordinal 
_pdbx_audit_revision_history.data_content_type 
_pdbx_audit_revision_history.major_revision 
_pdbx_audit_revision_history.minor_revision 
_pdbx_audit_revision_history.revision_date 
1 'Structure model' 1 0 2024-02-28 
2 'Structure model' 1 1 2024-03-13 
# 
_pdbx_audit_revision_details.ordinal             1 
_pdbx_audit_revision_details.revision_ordinal    1 
_pdbx_audit_revision_details.data_content_type   'Structure model' 
_pdbx_audit_revision_details.provider            repository 
_pdbx_audit_revision_details.type                'Initial release' 
_pdbx_audit_revision_details.description         ? 
_pdbx_audit_revision_details.details             ? 
# 
_pdbx_audit_revision_group.ordinal             1 
_pdbx_audit_revision_group.revision_ordinal    2 
_pdbx_audit_revision_group.data_content_type   'Structure model' 
_pdbx_audit_revision_group.group               'Database references' 
# 
loop_
_pdbx_audit_revision_category.ordinal 
_pdbx_audit_revision_category.revision_ordinal 
_pdbx_audit_revision_category.data_content_type 
_pdbx_audit_revision_category.category 
1 2 'Structure model' citation        
2 2 'Structure model' citation_author 
# 
loop_
_pdbx_audit_revision_item.ordinal 
_pdbx_audit_revision_item.revision_ordinal 
_pdbx_audit_revision_item.data_content_type 
_pdbx_audit_revision_item.item 
1 2 'Structure model' '_citation.journal_volume'          
2 2 'Structure model' '_citation.pdbx_database_id_PubMed' 
3 2 'Structure model' '_citation.title'                   
4 2 'Structure model' '_citation_author.identifier_ORCID' 
5 2 'Structure model' '_citation_author.name'             
# 
_pdbx_database_status.status_code                     REL 
_pdbx_database_status.status_code_sf                  REL 
_pdbx_database_status.status_code_mr                  ? 
_pdbx_database_status.entry_id                        8IVL 
_pdbx_database_status.recvd_initial_deposition_date   2023-03-28 
_pdbx_database_status.SG_entry                        N 
_pdbx_database_status.deposit_site                    PDBJ 
_pdbx_database_status.process_site                    PDBJ 
_pdbx_database_status.status_code_cs                  ? 
_pdbx_database_status.status_code_nmr_data            ? 
_pdbx_database_status.methods_development_category    ? 
_pdbx_database_status.pdb_format_compatible           Y 
# 
_pdbx_contact_author.id                 2 
_pdbx_contact_author.email              yinlei@whu.edu.cn 
_pdbx_contact_author.name_first         Lei 
_pdbx_contact_author.name_last          Yin 
_pdbx_contact_author.name_mi            ? 
_pdbx_contact_author.role               'principal investigator/group leader' 
_pdbx_contact_author.identifier_ORCID   0000-0001-5203-2766 
# 
loop_
_audit_author.name 
_audit_author.pdbx_ordinal 
_audit_author.identifier_ORCID 
'Wei, P.C.' 1 ? 
'Zhao, K.'  2 ? 
'Yin, L.'   3 ? 
# 
_citation.abstract                  ? 
_citation.abstract_id_CAS           ? 
_citation.book_id_ISBN              ? 
_citation.book_publisher            ? 
_citation.book_publisher_city       ? 
_citation.book_title                ? 
_citation.coordinate_linkage        ? 
_citation.country                   US 
_citation.database_id_Medline       ? 
_citation.details                   ? 
_citation.id                        primary 
_citation.journal_abbrev            'J.Cell Biol.' 
_citation.journal_id_ASTM           JCLBA3 
_citation.journal_id_CSD            2019 
_citation.journal_id_ISSN           1540-8140 
_citation.journal_full              ? 
_citation.journal_issue             ? 
_citation.journal_volume            223 
_citation.language                  ? 
_citation.page_first                ? 
_citation.page_last                 ? 
_citation.title                     
'Fatty acid-binding proteins 3, 7, and 8 bind cholesterol and facilitate its egress from lysosomes.' 
_citation.year                      2024 
_citation.database_id_CSD           ? 
_citation.pdbx_database_id_DOI      10.1083/jcb.202211062 
_citation.pdbx_database_id_PubMed   38429999 
_citation.pdbx_database_id_patent   ? 
_citation.unpublished_flag          ? 
# 
loop_
_citation_author.citation_id 
_citation_author.name 
_citation_author.ordinal 
_citation_author.identifier_ORCID 
primary 'Fang, X.X.'  1 0000-0003-4858-4538 
primary 'Wei, P.'     2 0000-0003-0002-9439 
primary 'Zhao, K.'    3 0009-0006-3032-8527 
primary 'Sheng, Z.C.' 4 0009-0003-8087-8250 
primary 'Song, B.L.'  5 0000-0002-6397-5935 
primary 'Yin, L.'     6 0000-0001-5203-2766 
primary 'Luo, J.'     7 0000-0003-1899-3111 
# 
loop_
_entity.id 
_entity.type 
_entity.src_method 
_entity.pdbx_description 
_entity.formula_weight 
_entity.pdbx_number_of_molecules 
_entity.pdbx_ec 
_entity.pdbx_mutation 
_entity.pdbx_fragment 
_entity.details 
1 polymer     man 'Fatty acid-binding protein, brain' 15050.055 1  ? ? ? ? 
2 non-polymer syn CHOLESTEROL                         386.654   1  ? ? ? ? 
3 water       nat water                               18.015    56 ? ? ? ? 
# 
_entity_name_com.entity_id   1 
_entity_name_com.name        
;Brain lipid-binding protein,BLBP,Brain-type fatty acid-binding protein,B-FABP,Fatty acid-binding protein 7,Mammary-derived growth inhibitor related
;
# 
_entity_poly.entity_id                      1 
_entity_poly.type                           'polypeptide(L)' 
_entity_poly.nstd_linkage                   no 
_entity_poly.nstd_monomer                   no 
_entity_poly.pdbx_seq_one_letter_code       
;MVEAFCATWKLTNSQNFDEYMKALGVGFATRQVGNVTKPTVIISQEGDKVVIRTLSTFKNTEISFQLGEEFDETTADDRN
CKSVVSLDGDKLVHIQKWDGKETNFVREIKDGKMVMTLTFGDVVAVRHYEKAAA
;
_entity_poly.pdbx_seq_one_letter_code_can   
;MVEAFCATWKLTNSQNFDEYMKALGVGFATRQVGNVTKPTVIISQEGDKVVIRTLSTFKNTEISFQLGEEFDETTADDRN
CKSVVSLDGDKLVHIQKWDGKETNFVREIKDGKMVMTLTFGDVVAVRHYEKAAA
;
_entity_poly.pdbx_strand_id                 A 
_entity_poly.pdbx_target_identifier         ? 
# 
loop_
_pdbx_entity_nonpoly.entity_id 
_pdbx_entity_nonpoly.name 
_pdbx_entity_nonpoly.comp_id 
2 CHOLESTEROL CLR 
3 water       HOH 
# 
loop_
_entity_poly_seq.entity_id 
_entity_poly_seq.num 
_entity_poly_seq.mon_id 
_entity_poly_seq.hetero 
1 1   MET n 
1 2   VAL n 
1 3   GLU n 
1 4   ALA n 
1 5   PHE n 
1 6   CYS n 
1 7   ALA n 
1 8   THR n 
1 9   TRP n 
1 10  LYS n 
1 11  LEU n 
1 12  THR n 
1 13  ASN n 
1 14  SER n 
1 15  GLN n 
1 16  ASN n 
1 17  PHE n 
1 18  ASP n 
1 19  GLU n 
1 20  TYR n 
1 21  MET n 
1 22  LYS n 
1 23  ALA n 
1 24  LEU n 
1 25  GLY n 
1 26  VAL n 
1 27  GLY n 
1 28  PHE n 
1 29  ALA n 
1 30  THR n 
1 31  ARG n 
1 32  GLN n 
1 33  VAL n 
1 34  GLY n 
1 35  ASN n 
1 36  VAL n 
1 37  THR n 
1 38  LYS n 
1 39  PRO n 
1 40  THR n 
1 41  VAL n 
1 42  ILE n 
1 43  ILE n 
1 44  SER n 
1 45  GLN n 
1 46  GLU n 
1 47  GLY n 
1 48  ASP n 
1 49  LYS n 
1 50  VAL n 
1 51  VAL n 
1 52  ILE n 
1 53  ARG n 
1 54  THR n 
1 55  LEU n 
1 56  SER n 
1 57  THR n 
1 58  PHE n 
1 59  LYS n 
1 60  ASN n 
1 61  THR n 
1 62  GLU n 
1 63  ILE n 
1 64  SER n 
1 65  PHE n 
1 66  GLN n 
1 67  LEU n 
1 68  GLY n 
1 69  GLU n 
1 70  GLU n 
1 71  PHE n 
1 72  ASP n 
1 73  GLU n 
1 74  THR n 
1 75  THR n 
1 76  ALA n 
1 77  ASP n 
1 78  ASP n 
1 79  ARG n 
1 80  ASN n 
1 81  CYS n 
1 82  LYS n 
1 83  SER n 
1 84  VAL n 
1 85  VAL n 
1 86  SER n 
1 87  LEU n 
1 88  ASP n 
1 89  GLY n 
1 90  ASP n 
1 91  LYS n 
1 92  LEU n 
1 93  VAL n 
1 94  HIS n 
1 95  ILE n 
1 96  GLN n 
1 97  LYS n 
1 98  TRP n 
1 99  ASP n 
1 100 GLY n 
1 101 LYS n 
1 102 GLU n 
1 103 THR n 
1 104 ASN n 
1 105 PHE n 
1 106 VAL n 
1 107 ARG n 
1 108 GLU n 
1 109 ILE n 
1 110 LYS n 
1 111 ASP n 
1 112 GLY n 
1 113 LYS n 
1 114 MET n 
1 115 VAL n 
1 116 MET n 
1 117 THR n 
1 118 LEU n 
1 119 THR n 
1 120 PHE n 
1 121 GLY n 
1 122 ASP n 
1 123 VAL n 
1 124 VAL n 
1 125 ALA n 
1 126 VAL n 
1 127 ARG n 
1 128 HIS n 
1 129 TYR n 
1 130 GLU n 
1 131 LYS n 
1 132 ALA n 
1 133 ALA n 
1 134 ALA n 
# 
_entity_src_gen.entity_id                          1 
_entity_src_gen.pdbx_src_id                        1 
_entity_src_gen.pdbx_alt_source_flag               sample 
_entity_src_gen.pdbx_seq_type                      'Biological sequence' 
_entity_src_gen.pdbx_beg_seq_num                   1 
_entity_src_gen.pdbx_end_seq_num                   134 
_entity_src_gen.gene_src_common_name               human 
_entity_src_gen.gene_src_genus                     ? 
_entity_src_gen.pdbx_gene_src_gene                 FABP7 
_entity_src_gen.gene_src_species                   ? 
_entity_src_gen.gene_src_strain                    ? 
_entity_src_gen.gene_src_tissue                    ? 
_entity_src_gen.gene_src_tissue_fraction           ? 
_entity_src_gen.gene_src_details                   ? 
_entity_src_gen.pdbx_gene_src_fragment             ? 
_entity_src_gen.pdbx_gene_src_scientific_name      'Homo sapiens' 
_entity_src_gen.pdbx_gene_src_ncbi_taxonomy_id     9606 
_entity_src_gen.pdbx_gene_src_variant              ? 
_entity_src_gen.pdbx_gene_src_cell_line            ? 
_entity_src_gen.pdbx_gene_src_atcc                 ? 
_entity_src_gen.pdbx_gene_src_organ                ? 
_entity_src_gen.pdbx_gene_src_organelle            ? 
_entity_src_gen.pdbx_gene_src_cell                 ? 
_entity_src_gen.pdbx_gene_src_cellular_location    ? 
_entity_src_gen.host_org_common_name               ? 
_entity_src_gen.pdbx_host_org_scientific_name      'Escherichia coli' 
_entity_src_gen.pdbx_host_org_ncbi_taxonomy_id     562 
_entity_src_gen.host_org_genus                     ? 
_entity_src_gen.pdbx_host_org_gene                 ? 
_entity_src_gen.pdbx_host_org_organ                ? 
_entity_src_gen.host_org_species                   ? 
_entity_src_gen.pdbx_host_org_tissue               ? 
_entity_src_gen.pdbx_host_org_tissue_fraction      ? 
_entity_src_gen.pdbx_host_org_strain               ? 
_entity_src_gen.pdbx_host_org_variant              ? 
_entity_src_gen.pdbx_host_org_cell_line            ? 
_entity_src_gen.pdbx_host_org_atcc                 ? 
_entity_src_gen.pdbx_host_org_culture_collection   ? 
_entity_src_gen.pdbx_host_org_cell                 ? 
_entity_src_gen.pdbx_host_org_organelle            ? 
_entity_src_gen.pdbx_host_org_cellular_location    ? 
_entity_src_gen.pdbx_host_org_vector_type          ? 
_entity_src_gen.pdbx_host_org_vector               ? 
_entity_src_gen.host_org_details                   ? 
_entity_src_gen.expression_system_id               ? 
_entity_src_gen.plasmid_name                       ? 
_entity_src_gen.plasmid_details                    ? 
_entity_src_gen.pdbx_description                   ? 
# 
loop_
_chem_comp.id 
_chem_comp.type 
_chem_comp.mon_nstd_flag 
_chem_comp.name 
_chem_comp.pdbx_synonyms 
_chem_comp.formula 
_chem_comp.formula_weight 
ALA 'L-peptide linking' y ALANINE         ? 'C3 H7 N O2'     89.093  
ARG 'L-peptide linking' y ARGININE        ? 'C6 H15 N4 O2 1' 175.209 
ASN 'L-peptide linking' y ASPARAGINE      ? 'C4 H8 N2 O3'    132.118 
ASP 'L-peptide linking' y 'ASPARTIC ACID' ? 'C4 H7 N O4'     133.103 
CLR non-polymer         . CHOLESTEROL     ? 'C27 H46 O'      386.654 
CYS 'L-peptide linking' y CYSTEINE        ? 'C3 H7 N O2 S'   121.158 
GLN 'L-peptide linking' y GLUTAMINE       ? 'C5 H10 N2 O3'   146.144 
GLU 'L-peptide linking' y 'GLUTAMIC ACID' ? 'C5 H9 N O4'     147.129 
GLY 'peptide linking'   y GLYCINE         ? 'C2 H5 N O2'     75.067  
HIS 'L-peptide linking' y HISTIDINE       ? 'C6 H10 N3 O2 1' 156.162 
HOH non-polymer         . WATER           ? 'H2 O'           18.015  
ILE 'L-peptide linking' y ISOLEUCINE      ? 'C6 H13 N O2'    131.173 
LEU 'L-peptide linking' y LEUCINE         ? 'C6 H13 N O2'    131.173 
LYS 'L-peptide linking' y LYSINE          ? 'C6 H15 N2 O2 1' 147.195 
MET 'L-peptide linking' y METHIONINE      ? 'C5 H11 N O2 S'  149.211 
PHE 'L-peptide linking' y PHENYLALANINE   ? 'C9 H11 N O2'    165.189 
PRO 'L-peptide linking' y PROLINE         ? 'C5 H9 N O2'     115.130 
SER 'L-peptide linking' y SERINE          ? 'C3 H7 N O3'     105.093 
THR 'L-peptide linking' y THREONINE       ? 'C4 H9 N O3'     119.119 
TRP 'L-peptide linking' y TRYPTOPHAN      ? 'C11 H12 N2 O2'  204.225 
TYR 'L-peptide linking' y TYROSINE        ? 'C9 H11 N O3'    181.189 
VAL 'L-peptide linking' y VALINE          ? 'C5 H11 N O2'    117.146 
# 
loop_
_pdbx_poly_seq_scheme.asym_id 
_pdbx_poly_seq_scheme.entity_id 
_pdbx_poly_seq_scheme.seq_id 
_pdbx_poly_seq_scheme.mon_id 
_pdbx_poly_seq_scheme.ndb_seq_num 
_pdbx_poly_seq_scheme.pdb_seq_num 
_pdbx_poly_seq_scheme.auth_seq_num 
_pdbx_poly_seq_scheme.pdb_mon_id 
_pdbx_poly_seq_scheme.auth_mon_id 
_pdbx_poly_seq_scheme.pdb_strand_id 
_pdbx_poly_seq_scheme.pdb_ins_code 
_pdbx_poly_seq_scheme.hetero 
A 1 1   MET 1   1   1   MET ALA A . n 
A 1 2   VAL 2   2   2   VAL VAL A . n 
A 1 3   GLU 3   3   3   GLU GLU A . n 
A 1 4   ALA 4   4   4   ALA ALA A . n 
A 1 5   PHE 5   5   5   PHE PHE A . n 
A 1 6   CYS 6   6   6   CYS CYS A . n 
A 1 7   ALA 7   7   7   ALA ALA A . n 
A 1 8   THR 8   8   8   THR THR A . n 
A 1 9   TRP 9   9   9   TRP TRP A . n 
A 1 10  LYS 10  10  10  LYS LYS A . n 
A 1 11  LEU 11  11  11  LEU LEU A . n 
A 1 12  THR 12  12  12  THR THR A . n 
A 1 13  ASN 13  13  13  ASN ASN A . n 
A 1 14  SER 14  14  14  SER SER A . n 
A 1 15  GLN 15  15  15  GLN GLN A . n 
A 1 16  ASN 16  16  16  ASN ASN A . n 
A 1 17  PHE 17  17  17  PHE PHE A . n 
A 1 18  ASP 18  18  18  ASP ASP A . n 
A 1 19  GLU 19  19  19  GLU GLU A . n 
A 1 20  TYR 20  20  20  TYR TYR A . n 
A 1 21  MET 21  21  21  MET MET A . n 
A 1 22  LYS 22  22  22  LYS LYS A . n 
A 1 23  ALA 23  23  23  ALA ALA A . n 
A 1 24  LEU 24  24  24  LEU LEU A . n 
A 1 25  GLY 25  25  25  GLY GLY A . n 
A 1 26  VAL 26  26  26  VAL VAL A . n 
A 1 27  GLY 27  27  27  GLY GLY A . n 
A 1 28  PHE 28  28  28  PHE PHE A . n 
A 1 29  ALA 29  29  29  ALA ALA A . n 
A 1 30  THR 30  30  30  THR THR A . n 
A 1 31  ARG 31  31  31  ARG ARG A . n 
A 1 32  GLN 32  32  32  GLN GLN A . n 
A 1 33  VAL 33  33  33  VAL VAL A . n 
A 1 34  GLY 34  34  34  GLY GLY A . n 
A 1 35  ASN 35  35  35  ASN ASN A . n 
A 1 36  VAL 36  36  36  VAL VAL A . n 
A 1 37  THR 37  37  37  THR THR A . n 
A 1 38  LYS 38  38  38  LYS LYS A . n 
A 1 39  PRO 39  39  39  PRO PRO A . n 
A 1 40  THR 40  40  40  THR THR A . n 
A 1 41  VAL 41  41  41  VAL VAL A . n 
A 1 42  ILE 42  42  42  ILE ILE A . n 
A 1 43  ILE 43  43  43  ILE ILE A . n 
A 1 44  SER 44  44  44  SER SER A . n 
A 1 45  GLN 45  45  45  GLN GLN A . n 
A 1 46  GLU 46  46  46  GLU GLU A . n 
A 1 47  GLY 47  47  47  GLY GLY A . n 
A 1 48  ASP 48  48  48  ASP ASP A . n 
A 1 49  LYS 49  49  49  LYS LYS A . n 
A 1 50  VAL 50  50  50  VAL VAL A . n 
A 1 51  VAL 51  51  51  VAL VAL A . n 
A 1 52  ILE 52  52  52  ILE ILE A . n 
A 1 53  ARG 53  53  53  ARG ARG A . n 
A 1 54  THR 54  54  54  THR THR A . n 
A 1 55  LEU 55  55  55  LEU LEU A . n 
A 1 56  SER 56  56  56  SER SER A . n 
A 1 57  THR 57  57  57  THR THR A . n 
A 1 58  PHE 58  58  58  PHE PHE A . n 
A 1 59  LYS 59  59  59  LYS LYS A . n 
A 1 60  ASN 60  60  60  ASN ASN A . n 
A 1 61  THR 61  61  61  THR THR A . n 
A 1 62  GLU 62  62  62  GLU GLU A . n 
A 1 63  ILE 63  63  63  ILE ILE A . n 
A 1 64  SER 64  64  64  SER SER A . n 
A 1 65  PHE 65  65  65  PHE PHE A . n 
A 1 66  GLN 66  66  66  GLN GLN A . n 
A 1 67  LEU 67  67  67  LEU LEU A . n 
A 1 68  GLY 68  68  68  GLY GLY A . n 
A 1 69  GLU 69  69  69  GLU GLU A . n 
A 1 70  GLU 70  70  70  GLU GLU A . n 
A 1 71  PHE 71  71  71  PHE PHE A . n 
A 1 72  ASP 72  72  72  ASP ASP A . n 
A 1 73  GLU 73  73  73  GLU GLU A . n 
A 1 74  THR 74  74  74  THR THR A . n 
A 1 75  THR 75  75  75  THR THR A . n 
A 1 76  ALA 76  76  76  ALA ALA A . n 
A 1 77  ASP 77  77  77  ASP ASP A . n 
A 1 78  ASP 78  78  78  ASP ASP A . n 
A 1 79  ARG 79  79  79  ARG ARG A . n 
A 1 80  ASN 80  80  80  ASN ASN A . n 
A 1 81  CYS 81  81  81  CYS CYS A . n 
A 1 82  LYS 82  82  82  LYS LYS A . n 
A 1 83  SER 83  83  83  SER SER A . n 
A 1 84  VAL 84  84  84  VAL VAL A . n 
A 1 85  VAL 85  85  85  VAL VAL A . n 
A 1 86  SER 86  86  86  SER SER A . n 
A 1 87  LEU 87  87  87  LEU LEU A . n 
A 1 88  ASP 88  88  88  ASP ASP A . n 
A 1 89  GLY 89  89  89  GLY GLY A . n 
A 1 90  ASP 90  90  90  ASP ASP A . n 
A 1 91  LYS 91  91  91  LYS LYS A . n 
A 1 92  LEU 92  92  92  LEU LEU A . n 
A 1 93  VAL 93  93  93  VAL VAL A . n 
A 1 94  HIS 94  94  94  HIS HIS A . n 
A 1 95  ILE 95  95  95  ILE ILE A . n 
A 1 96  GLN 96  96  96  GLN GLN A . n 
A 1 97  LYS 97  97  97  LYS LYS A . n 
A 1 98  TRP 98  98  98  TRP TRP A . n 
A 1 99  ASP 99  99  99  ASP ASP A . n 
A 1 100 GLY 100 100 100 GLY GLY A . n 
A 1 101 LYS 101 101 101 LYS LYS A . n 
A 1 102 GLU 102 102 102 GLU GLU A . n 
A 1 103 THR 103 103 103 THR THR A . n 
A 1 104 ASN 104 104 104 ASN ASN A . n 
A 1 105 PHE 105 105 105 PHE PHE A . n 
A 1 106 VAL 106 106 106 VAL VAL A . n 
A 1 107 ARG 107 107 107 ARG ARG A . n 
A 1 108 GLU 108 108 108 GLU GLU A . n 
A 1 109 ILE 109 109 109 ILE ILE A . n 
A 1 110 LYS 110 110 110 LYS LYS A . n 
A 1 111 ASP 111 111 111 ASP ASP A . n 
A 1 112 GLY 112 112 112 GLY GLY A . n 
A 1 113 LYS 113 113 113 LYS LYS A . n 
A 1 114 MET 114 114 114 MET MET A . n 
A 1 115 VAL 115 115 115 VAL VAL A . n 
A 1 116 MET 116 116 116 MET MET A . n 
A 1 117 THR 117 117 117 THR THR A . n 
A 1 118 LEU 118 118 118 LEU LEU A . n 
A 1 119 THR 119 119 119 THR THR A . n 
A 1 120 PHE 120 120 120 PHE PHE A . n 
A 1 121 GLY 121 121 121 GLY GLY A . n 
A 1 122 ASP 122 122 122 ASP ASP A . n 
A 1 123 VAL 123 123 123 VAL VAL A . n 
A 1 124 VAL 124 124 124 VAL VAL A . n 
A 1 125 ALA 125 125 125 ALA ALA A . n 
A 1 126 VAL 126 126 126 VAL VAL A . n 
A 1 127 ARG 127 127 127 ARG ARG A . n 
A 1 128 HIS 128 128 128 HIS HIS A . n 
A 1 129 TYR 129 129 129 TYR TYR A . n 
A 1 130 GLU 130 130 130 GLU GLU A . n 
A 1 131 LYS 131 131 131 LYS LYS A . n 
A 1 132 ALA 132 132 132 ALA ALA A . n 
A 1 133 ALA 133 133 133 ALA ALA A . n 
A 1 134 ALA 134 134 134 ALA ALA A . n 
# 
loop_
_pdbx_nonpoly_scheme.asym_id 
_pdbx_nonpoly_scheme.entity_id 
_pdbx_nonpoly_scheme.mon_id 
_pdbx_nonpoly_scheme.ndb_seq_num 
_pdbx_nonpoly_scheme.pdb_seq_num 
_pdbx_nonpoly_scheme.auth_seq_num 
_pdbx_nonpoly_scheme.pdb_mon_id 
_pdbx_nonpoly_scheme.auth_mon_id 
_pdbx_nonpoly_scheme.pdb_strand_id 
_pdbx_nonpoly_scheme.pdb_ins_code 
B 2 CLR 1  201 253 CLR CLR A . 
C 3 HOH 1  301 52  HOH HOH A . 
C 3 HOH 2  302 50  HOH HOH A . 
C 3 HOH 3  303 49  HOH HOH A . 
C 3 HOH 4  304 19  HOH HOH A . 
C 3 HOH 5  305 31  HOH HOH A . 
C 3 HOH 6  306 40  HOH HOH A . 
C 3 HOH 7  307 26  HOH HOH A . 
C 3 HOH 8  308 28  HOH HOH A . 
C 3 HOH 9  309 12  HOH HOH A . 
C 3 HOH 10 310 18  HOH HOH A . 
C 3 HOH 11 311 29  HOH HOH A . 
C 3 HOH 12 312 37  HOH HOH A . 
C 3 HOH 13 313 24  HOH HOH A . 
C 3 HOH 14 314 34  HOH HOH A . 
C 3 HOH 15 315 41  HOH HOH A . 
C 3 HOH 16 316 1   HOH HOH A . 
C 3 HOH 17 317 45  HOH HOH A . 
C 3 HOH 18 318 47  HOH HOH A . 
C 3 HOH 19 319 51  HOH HOH A . 
C 3 HOH 20 320 6   HOH HOH A . 
C 3 HOH 21 321 20  HOH HOH A . 
C 3 HOH 22 322 2   HOH HOH A . 
C 3 HOH 23 323 4   HOH HOH A . 
C 3 HOH 24 324 55  HOH HOH A . 
C 3 HOH 25 325 54  HOH HOH A . 
C 3 HOH 26 326 36  HOH HOH A . 
C 3 HOH 27 327 17  HOH HOH A . 
C 3 HOH 28 328 7   HOH HOH A . 
C 3 HOH 29 329 22  HOH HOH A . 
C 3 HOH 30 330 8   HOH HOH A . 
C 3 HOH 31 331 11  HOH HOH A . 
C 3 HOH 32 332 43  HOH HOH A . 
C 3 HOH 33 333 10  HOH HOH A . 
C 3 HOH 34 334 30  HOH HOH A . 
C 3 HOH 35 335 38  HOH HOH A . 
C 3 HOH 36 336 53  HOH HOH A . 
C 3 HOH 37 337 13  HOH HOH A . 
C 3 HOH 38 338 42  HOH HOH A . 
C 3 HOH 39 339 9   HOH HOH A . 
C 3 HOH 40 340 21  HOH HOH A . 
C 3 HOH 41 341 16  HOH HOH A . 
C 3 HOH 42 342 39  HOH HOH A . 
C 3 HOH 43 343 3   HOH HOH A . 
C 3 HOH 44 344 46  HOH HOH A . 
C 3 HOH 45 345 56  HOH HOH A . 
C 3 HOH 46 346 23  HOH HOH A . 
C 3 HOH 47 347 35  HOH HOH A . 
C 3 HOH 48 348 25  HOH HOH A . 
C 3 HOH 49 349 15  HOH HOH A . 
C 3 HOH 50 350 14  HOH HOH A . 
C 3 HOH 51 351 48  HOH HOH A . 
C 3 HOH 52 352 5   HOH HOH A . 
C 3 HOH 53 353 32  HOH HOH A . 
C 3 HOH 54 354 27  HOH HOH A . 
C 3 HOH 55 355 44  HOH HOH A . 
C 3 HOH 56 356 33  HOH HOH A . 
# 
loop_
_pdbx_unobs_or_zero_occ_atoms.id 
_pdbx_unobs_or_zero_occ_atoms.PDB_model_num 
_pdbx_unobs_or_zero_occ_atoms.polymer_flag 
_pdbx_unobs_or_zero_occ_atoms.occupancy_flag 
_pdbx_unobs_or_zero_occ_atoms.auth_asym_id 
_pdbx_unobs_or_zero_occ_atoms.auth_comp_id 
_pdbx_unobs_or_zero_occ_atoms.auth_seq_id 
_pdbx_unobs_or_zero_occ_atoms.PDB_ins_code 
_pdbx_unobs_or_zero_occ_atoms.auth_atom_id 
_pdbx_unobs_or_zero_occ_atoms.label_alt_id 
_pdbx_unobs_or_zero_occ_atoms.label_asym_id 
_pdbx_unobs_or_zero_occ_atoms.label_comp_id 
_pdbx_unobs_or_zero_occ_atoms.label_seq_id 
_pdbx_unobs_or_zero_occ_atoms.label_atom_id 
1 1 Y 1 A MET 1   ? CG  ? A MET 1 CG  
2 1 Y 1 A MET 1   ? SD  ? A MET 1 SD  
3 1 Y 1 A MET 1   ? CE  ? A MET 1 CE  
4 1 N 0 A CLR 201 ? C11 ? B CLR ? C11 
5 1 N 0 A CLR 201 ? C12 ? B CLR ? C12 
6 1 N 0 A CLR 201 ? C18 ? B CLR ? C18 
# 
loop_
_software.citation_id 
_software.classification 
_software.compiler_name 
_software.compiler_version 
_software.contact_author 
_software.contact_author_email 
_software.date 
_software.description 
_software.dependencies 
_software.hardware 
_software.language 
_software.location 
_software.mods 
_software.name 
_software.os 
_software.os_version 
_software.type 
_software.version 
_software.pdbx_ordinal 
? refinement       ? ? ? ? ? ? ? ? ? ? ? PHENIX  ? ? ? '(1.18.2_3874: ???)' 1 
? 'data reduction' ? ? ? ? ? ? ? ? ? ? ? MOSFLM  ? ? ? .                    2 
? 'data scaling'   ? ? ? ? ? ? ? ? ? ? ? Aimless ? ? ? .                    3 
? phasing          ? ? ? ? ? ? ? ? ? ? ? PHASER  ? ? ? .                    4 
# 
_cell.angle_alpha                  90.00 
_cell.angle_alpha_esd              ? 
_cell.angle_beta                   90.00 
_cell.angle_beta_esd               ? 
_cell.angle_gamma                  90.00 
_cell.angle_gamma_esd              ? 
_cell.entry_id                     8IVL 
_cell.details                      ? 
_cell.formula_units_Z              ? 
_cell.length_a                     34.680 
_cell.length_a_esd                 ? 
_cell.length_b                     54.910 
_cell.length_b_esd                 ? 
_cell.length_c                     66.580 
_cell.length_c_esd                 ? 
_cell.volume                       ? 
_cell.volume_esd                   ? 
_cell.Z_PDB                        4 
_cell.reciprocal_angle_alpha       ? 
_cell.reciprocal_angle_beta        ? 
_cell.reciprocal_angle_gamma       ? 
_cell.reciprocal_angle_alpha_esd   ? 
_cell.reciprocal_angle_beta_esd    ? 
_cell.reciprocal_angle_gamma_esd   ? 
_cell.reciprocal_length_a          ? 
_cell.reciprocal_length_b          ? 
_cell.reciprocal_length_c          ? 
_cell.reciprocal_length_a_esd      ? 
_cell.reciprocal_length_b_esd      ? 
_cell.reciprocal_length_c_esd      ? 
_cell.pdbx_unique_axis             ? 
_cell.pdbx_esd_method              ? 
# 
_symmetry.entry_id                         8IVL 
_symmetry.cell_setting                     ? 
_symmetry.Int_Tables_number                19 
_symmetry.space_group_name_Hall            ? 
_symmetry.space_group_name_H-M             'P 21 21 21' 
_symmetry.pdbx_full_space_group_name_H-M   ? 
# 
_exptl.absorpt_coefficient_mu     ? 
_exptl.absorpt_correction_T_max   ? 
_exptl.absorpt_correction_T_min   ? 
_exptl.absorpt_correction_type    ? 
_exptl.absorpt_process_details    ? 
_exptl.entry_id                   8IVL 
_exptl.crystals_number            1 
_exptl.details                    ? 
_exptl.method                     'X-RAY DIFFRACTION' 
_exptl.method_details             ? 
# 
_exptl_crystal.colour                       ? 
_exptl_crystal.density_diffrn               ? 
_exptl_crystal.density_Matthews             2.06 
_exptl_crystal.density_method               ? 
_exptl_crystal.density_percent_sol          40.40 
_exptl_crystal.description                  ? 
_exptl_crystal.F_000                        ? 
_exptl_crystal.id                           1 
_exptl_crystal.preparation                  ? 
_exptl_crystal.size_max                     ? 
_exptl_crystal.size_mid                     ? 
_exptl_crystal.size_min                     ? 
_exptl_crystal.size_rad                     ? 
_exptl_crystal.colour_lustre                ? 
_exptl_crystal.colour_modifier              ? 
_exptl_crystal.colour_primary               ? 
_exptl_crystal.density_meas                 ? 
_exptl_crystal.density_meas_esd             ? 
_exptl_crystal.density_meas_gt              ? 
_exptl_crystal.density_meas_lt              ? 
_exptl_crystal.density_meas_temp            ? 
_exptl_crystal.density_meas_temp_esd        ? 
_exptl_crystal.density_meas_temp_gt         ? 
_exptl_crystal.density_meas_temp_lt         ? 
_exptl_crystal.pdbx_crystal_image_url       ? 
_exptl_crystal.pdbx_crystal_image_format    ? 
_exptl_crystal.pdbx_mosaicity               ? 
_exptl_crystal.pdbx_mosaicity_esd           ? 
_exptl_crystal.pdbx_mosaic_method           ? 
_exptl_crystal.pdbx_mosaic_block_size       ? 
_exptl_crystal.pdbx_mosaic_block_size_esd   ? 
# 
_exptl_crystal_grow.apparatus       ? 
_exptl_crystal_grow.atmosphere      ? 
_exptl_crystal_grow.crystal_id      1 
_exptl_crystal_grow.details         ? 
_exptl_crystal_grow.method          'VAPOR DIFFUSION, SITTING DROP' 
_exptl_crystal_grow.method_ref      ? 
_exptl_crystal_grow.pH              5.5 
_exptl_crystal_grow.pressure        ? 
_exptl_crystal_grow.pressure_esd    ? 
_exptl_crystal_grow.seeding         ? 
_exptl_crystal_grow.seeding_ref     ? 
_exptl_crystal_grow.temp_details    ? 
_exptl_crystal_grow.temp_esd        ? 
_exptl_crystal_grow.time            ? 
_exptl_crystal_grow.pdbx_details    '0.1 M Bis-Tris 5.5 25% w/vPEG 3350' 
_exptl_crystal_grow.pdbx_pH_range   ? 
_exptl_crystal_grow.temp            277.15 
# 
_diffrn.ambient_environment              ? 
_diffrn.ambient_temp                     95 
_diffrn.ambient_temp_details             ? 
_diffrn.ambient_temp_esd                 ? 
_diffrn.crystal_id                       1 
_diffrn.crystal_support                  ? 
_diffrn.crystal_treatment                ? 
_diffrn.details                          ? 
_diffrn.id                               1 
_diffrn.ambient_pressure                 ? 
_diffrn.ambient_pressure_esd             ? 
_diffrn.ambient_pressure_gt              ? 
_diffrn.ambient_pressure_lt              ? 
_diffrn.ambient_temp_gt                  ? 
_diffrn.ambient_temp_lt                  ? 
_diffrn.pdbx_serial_crystal_experiment   N 
# 
_diffrn_detector.details                      ? 
_diffrn_detector.detector                     CCD 
_diffrn_detector.diffrn_id                    1 
_diffrn_detector.type                         'ADSC QUANTUM 315' 
_diffrn_detector.area_resol_mean              ? 
_diffrn_detector.dtime                        ? 
_diffrn_detector.pdbx_frames_total            ? 
_diffrn_detector.pdbx_collection_time_total   ? 
_diffrn_detector.pdbx_collection_date         2019-03-25 
_diffrn_detector.pdbx_frequency               ? 
_diffrn_detector.id                           ? 
_diffrn_detector.number_of_axes               ? 
# 
_diffrn_radiation.collimation                      ? 
_diffrn_radiation.diffrn_id                        1 
_diffrn_radiation.filter_edge                      ? 
_diffrn_radiation.inhomogeneity                    ? 
_diffrn_radiation.monochromator                    ? 
_diffrn_radiation.polarisn_norm                    ? 
_diffrn_radiation.polarisn_ratio                   ? 
_diffrn_radiation.probe                            ? 
_diffrn_radiation.type                             ? 
_diffrn_radiation.xray_symbol                      ? 
_diffrn_radiation.wavelength_id                    1 
_diffrn_radiation.pdbx_monochromatic_or_laue_m_l   M 
_diffrn_radiation.pdbx_wavelength_list             ? 
_diffrn_radiation.pdbx_wavelength                  ? 
_diffrn_radiation.pdbx_diffrn_protocol             'SINGLE WAVELENGTH' 
_diffrn_radiation.pdbx_analyzer                    ? 
_diffrn_radiation.pdbx_scattering_type             x-ray 
# 
_diffrn_radiation_wavelength.id           1 
_diffrn_radiation_wavelength.wavelength   1 
_diffrn_radiation_wavelength.wt           1.0 
# 
_diffrn_source.current                     ? 
_diffrn_source.details                     ? 
_diffrn_source.diffrn_id                   1 
_diffrn_source.power                       ? 
_diffrn_source.size                        ? 
_diffrn_source.source                      SYNCHROTRON 
_diffrn_source.target                      ? 
_diffrn_source.type                        'SSRF BEAMLINE BL19U1' 
_diffrn_source.voltage                     ? 
_diffrn_source.take-off_angle              ? 
_diffrn_source.pdbx_wavelength_list        1 
_diffrn_source.pdbx_wavelength             ? 
_diffrn_source.pdbx_synchrotron_beamline   BL19U1 
_diffrn_source.pdbx_synchrotron_site       SSRF 
# 
_reflns.B_iso_Wilson_estimate                          ? 
_reflns.entry_id                                       8IVL 
_reflns.data_reduction_details                         ? 
_reflns.data_reduction_method                          ? 
_reflns.d_resolution_high                              2.6 
_reflns.d_resolution_low                               42.36 
_reflns.details                                        ? 
_reflns.limit_h_max                                    ? 
_reflns.limit_h_min                                    ? 
_reflns.limit_k_max                                    ? 
_reflns.limit_k_min                                    ? 
_reflns.limit_l_max                                    ? 
_reflns.limit_l_min                                    ? 
_reflns.number_all                                     ? 
_reflns.number_obs                                     3750 
_reflns.observed_criterion                             ? 
_reflns.observed_criterion_F_max                       ? 
_reflns.observed_criterion_F_min                       ? 
_reflns.observed_criterion_I_max                       ? 
_reflns.observed_criterion_I_min                       ? 
_reflns.observed_criterion_sigma_F                     ? 
_reflns.observed_criterion_sigma_I                     ? 
_reflns.percent_possible_obs                           99.26 
_reflns.R_free_details                                 ? 
_reflns.Rmerge_F_all                                   ? 
_reflns.Rmerge_F_obs                                   ? 
_reflns.Friedel_coverage                               ? 
_reflns.number_gt                                      ? 
_reflns.threshold_expression                           ? 
_reflns.pdbx_redundancy                                5.7 
_reflns.pdbx_netI_over_av_sigmaI                       ? 
_reflns.pdbx_netI_over_sigmaI                          58.48 
_reflns.pdbx_res_netI_over_av_sigmaI_2                 ? 
_reflns.pdbx_res_netI_over_sigmaI_2                    ? 
_reflns.pdbx_chi_squared                               ? 
_reflns.pdbx_scaling_rejects                           ? 
_reflns.pdbx_d_res_high_opt                            ? 
_reflns.pdbx_d_res_low_opt                             ? 
_reflns.pdbx_d_res_opt_method                          ? 
_reflns.phase_calculation_details                      ? 
_reflns.pdbx_Rrim_I_all                                ? 
_reflns.pdbx_Rpim_I_all                                ? 
_reflns.pdbx_d_opt                                     ? 
_reflns.pdbx_number_measured_all                       ? 
_reflns.pdbx_diffrn_id                                 1 
_reflns.pdbx_ordinal                                   1 
_reflns.pdbx_CC_half                                   ? 
_reflns.pdbx_CC_star                                   ? 
_reflns.pdbx_R_split                                   ? 
_reflns.pdbx_Rmerge_I_obs                              0.043 
_reflns.pdbx_Rmerge_I_all                              ? 
_reflns.pdbx_Rsym_value                                ? 
_reflns.pdbx_CC_split_method                           ? 
_reflns.pdbx_aniso_diffraction_limit_axis_1_ortho[1]   ? 
_reflns.pdbx_aniso_diffraction_limit_axis_1_ortho[2]   ? 
_reflns.pdbx_aniso_diffraction_limit_axis_1_ortho[3]   ? 
_reflns.pdbx_aniso_diffraction_limit_axis_2_ortho[1]   ? 
_reflns.pdbx_aniso_diffraction_limit_axis_2_ortho[2]   ? 
_reflns.pdbx_aniso_diffraction_limit_axis_2_ortho[3]   ? 
_reflns.pdbx_aniso_diffraction_limit_axis_3_ortho[1]   ? 
_reflns.pdbx_aniso_diffraction_limit_axis_3_ortho[2]   ? 
_reflns.pdbx_aniso_diffraction_limit_axis_3_ortho[3]   ? 
_reflns.pdbx_aniso_diffraction_limit_1                 ? 
_reflns.pdbx_aniso_diffraction_limit_2                 ? 
_reflns.pdbx_aniso_diffraction_limit_3                 ? 
_reflns.pdbx_aniso_B_tensor_eigenvector_1_ortho[1]     ? 
_reflns.pdbx_aniso_B_tensor_eigenvector_1_ortho[2]     ? 
_reflns.pdbx_aniso_B_tensor_eigenvector_1_ortho[3]     ? 
_reflns.pdbx_aniso_B_tensor_eigenvector_2_ortho[1]     ? 
_reflns.pdbx_aniso_B_tensor_eigenvector_2_ortho[2]     ? 
_reflns.pdbx_aniso_B_tensor_eigenvector_2_ortho[3]     ? 
_reflns.pdbx_aniso_B_tensor_eigenvector_3_ortho[1]     ? 
_reflns.pdbx_aniso_B_tensor_eigenvector_3_ortho[2]     ? 
_reflns.pdbx_aniso_B_tensor_eigenvector_3_ortho[3]     ? 
_reflns.pdbx_aniso_B_tensor_eigenvalue_1               ? 
_reflns.pdbx_aniso_B_tensor_eigenvalue_2               ? 
_reflns.pdbx_aniso_B_tensor_eigenvalue_3               ? 
_reflns.pdbx_orthogonalization_convention              ? 
_reflns.pdbx_percent_possible_ellipsoidal              ? 
_reflns.pdbx_percent_possible_spherical                ? 
_reflns.pdbx_percent_possible_ellipsoidal_anomalous    ? 
_reflns.pdbx_percent_possible_spherical_anomalous      ? 
_reflns.pdbx_redundancy_anomalous                      ? 
_reflns.pdbx_CC_half_anomalous                         ? 
_reflns.pdbx_absDiff_over_sigma_anomalous              ? 
_reflns.pdbx_percent_possible_anomalous                ? 
_reflns.pdbx_observed_signal_threshold                 ? 
_reflns.pdbx_signal_type                               ? 
_reflns.pdbx_signal_details                            ? 
_reflns.pdbx_signal_software_id                        ? 
# 
_reflns_shell.d_res_high                                    2.7 
_reflns_shell.d_res_low                                     2.8 
_reflns_shell.meanI_over_sigI_all                           ? 
_reflns_shell.meanI_over_sigI_obs                           ? 
_reflns_shell.number_measured_all                           ? 
_reflns_shell.number_measured_obs                           ? 
_reflns_shell.number_possible                               ? 
_reflns_shell.number_unique_all                             ? 
_reflns_shell.number_unique_obs                             357 
_reflns_shell.percent_possible_obs                          ? 
_reflns_shell.Rmerge_F_all                                  ? 
_reflns_shell.Rmerge_F_obs                                  ? 
_reflns_shell.meanI_over_sigI_gt                            ? 
_reflns_shell.meanI_over_uI_all                             ? 
_reflns_shell.meanI_over_uI_gt                              ? 
_reflns_shell.number_measured_gt                            ? 
_reflns_shell.number_unique_gt                              ? 
_reflns_shell.percent_possible_gt                           ? 
_reflns_shell.Rmerge_F_gt                                   ? 
_reflns_shell.Rmerge_I_gt                                   ? 
_reflns_shell.pdbx_redundancy                               ? 
_reflns_shell.pdbx_chi_squared                              ? 
_reflns_shell.pdbx_netI_over_sigmaI_all                     ? 
_reflns_shell.pdbx_netI_over_sigmaI_obs                     ? 
_reflns_shell.pdbx_Rrim_I_all                               ? 
_reflns_shell.pdbx_Rpim_I_all                               ? 
_reflns_shell.pdbx_rejects                                  ? 
_reflns_shell.pdbx_ordinal                                  1 
_reflns_shell.pdbx_diffrn_id                                1 
_reflns_shell.pdbx_CC_half                                  ? 
_reflns_shell.pdbx_CC_star                                  ? 
_reflns_shell.pdbx_R_split                                  ? 
_reflns_shell.percent_possible_all                          ? 
_reflns_shell.Rmerge_I_all                                  ? 
_reflns_shell.Rmerge_I_obs                                  0.043 
_reflns_shell.pdbx_Rsym_value                               ? 
_reflns_shell.pdbx_percent_possible_ellipsoidal             ? 
_reflns_shell.pdbx_percent_possible_spherical               ? 
_reflns_shell.pdbx_percent_possible_ellipsoidal_anomalous   ? 
_reflns_shell.pdbx_percent_possible_spherical_anomalous     ? 
_reflns_shell.pdbx_redundancy_anomalous                     ? 
_reflns_shell.pdbx_CC_half_anomalous                        ? 
_reflns_shell.pdbx_absDiff_over_sigma_anomalous             ? 
_reflns_shell.pdbx_percent_possible_anomalous               ? 
# 
_refine.aniso_B[1][1]                            ? 
_refine.aniso_B[1][2]                            ? 
_refine.aniso_B[1][3]                            ? 
_refine.aniso_B[2][2]                            ? 
_refine.aniso_B[2][3]                            ? 
_refine.aniso_B[3][3]                            ? 
_refine.B_iso_max                                ? 
_refine.B_iso_mean                               ? 
_refine.B_iso_min                                ? 
_refine.correlation_coeff_Fo_to_Fc               ? 
_refine.correlation_coeff_Fo_to_Fc_free          ? 
_refine.details                                  ? 
_refine.diff_density_max                         ? 
_refine.diff_density_max_esd                     ? 
_refine.diff_density_min                         ? 
_refine.diff_density_min_esd                     ? 
_refine.diff_density_rms                         ? 
_refine.diff_density_rms_esd                     ? 
_refine.entry_id                                 8IVL 
_refine.pdbx_refine_id                           'X-RAY DIFFRACTION' 
_refine.ls_abs_structure_details                 ? 
_refine.ls_abs_structure_Flack                   ? 
_refine.ls_abs_structure_Flack_esd               ? 
_refine.ls_abs_structure_Rogers                  ? 
_refine.ls_abs_structure_Rogers_esd              ? 
_refine.ls_d_res_high                            2.70 
_refine.ls_d_res_low                             42.36 
_refine.ls_extinction_coef                       ? 
_refine.ls_extinction_coef_esd                   ? 
_refine.ls_extinction_expression                 ? 
_refine.ls_extinction_method                     ? 
_refine.ls_goodness_of_fit_all                   ? 
_refine.ls_goodness_of_fit_all_esd               ? 
_refine.ls_goodness_of_fit_obs                   ? 
_refine.ls_goodness_of_fit_obs_esd               ? 
_refine.ls_hydrogen_treatment                    ? 
_refine.ls_matrix_type                           ? 
_refine.ls_number_constraints                    ? 
_refine.ls_number_parameters                     ? 
_refine.ls_number_reflns_all                     ? 
_refine.ls_number_reflns_obs                     3750 
_refine.ls_number_reflns_R_free                  375 
_refine.ls_number_reflns_R_work                  ? 
_refine.ls_number_restraints                     ? 
_refine.ls_percent_reflns_obs                    99.29 
_refine.ls_percent_reflns_R_free                 10.00 
_refine.ls_R_factor_all                          ? 
_refine.ls_R_factor_obs                          0.2302 
_refine.ls_R_factor_R_free                       0.2590 
_refine.ls_R_factor_R_free_error                 ? 
_refine.ls_R_factor_R_free_error_details         ? 
_refine.ls_R_factor_R_work                       0.2268 
_refine.ls_R_Fsqd_factor_obs                     ? 
_refine.ls_R_I_factor_obs                        ? 
_refine.ls_redundancy_reflns_all                 ? 
_refine.ls_redundancy_reflns_obs                 ? 
_refine.ls_restrained_S_all                      ? 
_refine.ls_restrained_S_obs                      ? 
_refine.ls_shift_over_esd_max                    ? 
_refine.ls_shift_over_esd_mean                   ? 
_refine.ls_structure_factor_coef                 ? 
_refine.ls_weighting_details                     ? 
_refine.ls_weighting_scheme                      ? 
_refine.ls_wR_factor_all                         ? 
_refine.ls_wR_factor_obs                         ? 
_refine.ls_wR_factor_R_free                      ? 
_refine.ls_wR_factor_R_work                      ? 
_refine.occupancy_max                            ? 
_refine.occupancy_min                            ? 
_refine.solvent_model_details                    'FLAT BULK SOLVENT MODEL' 
_refine.solvent_model_param_bsol                 ? 
_refine.solvent_model_param_ksol                 ? 
_refine.pdbx_R_complete                          ? 
_refine.ls_R_factor_gt                           ? 
_refine.ls_goodness_of_fit_gt                    ? 
_refine.ls_goodness_of_fit_ref                   ? 
_refine.ls_shift_over_su_max                     ? 
_refine.ls_shift_over_su_max_lt                  ? 
_refine.ls_shift_over_su_mean                    ? 
_refine.ls_shift_over_su_mean_lt                 ? 
_refine.pdbx_ls_sigma_I                          ? 
_refine.pdbx_ls_sigma_F                          1.51 
_refine.pdbx_ls_sigma_Fsqd                       ? 
_refine.pdbx_data_cutoff_high_absF               ? 
_refine.pdbx_data_cutoff_high_rms_absF           ? 
_refine.pdbx_data_cutoff_low_absF                ? 
_refine.pdbx_isotropic_thermal_model             ? 
_refine.pdbx_ls_cross_valid_method               'FREE R-VALUE' 
_refine.pdbx_method_to_determine_struct          'MOLECULAR REPLACEMENT' 
_refine.pdbx_starting_model                      ? 
_refine.pdbx_stereochemistry_target_values       ML 
_refine.pdbx_R_Free_selection_details            ? 
_refine.pdbx_stereochem_target_val_spec_case     ? 
_refine.pdbx_overall_ESU_R                       ? 
_refine.pdbx_overall_ESU_R_Free                  ? 
_refine.pdbx_solvent_vdw_probe_radii             1.11 
_refine.pdbx_solvent_ion_probe_radii             ? 
_refine.pdbx_solvent_shrinkage_radii             0.90 
_refine.pdbx_real_space_R                        ? 
_refine.pdbx_density_correlation                 ? 
_refine.pdbx_pd_number_of_powder_patterns        ? 
_refine.pdbx_pd_number_of_points                 ? 
_refine.pdbx_pd_meas_number_of_points            ? 
_refine.pdbx_pd_proc_ls_prof_R_factor            ? 
_refine.pdbx_pd_proc_ls_prof_wR_factor           ? 
_refine.pdbx_pd_Marquardt_correlation_coeff      ? 
_refine.pdbx_pd_Fsqrd_R_factor                   ? 
_refine.pdbx_pd_ls_matrix_band_width             ? 
_refine.pdbx_overall_phase_error                 23.75 
_refine.pdbx_overall_SU_R_free_Cruickshank_DPI   ? 
_refine.pdbx_overall_SU_R_free_Blow_DPI          ? 
_refine.pdbx_overall_SU_R_Blow_DPI               ? 
_refine.pdbx_TLS_residual_ADP_flag               ? 
_refine.pdbx_diffrn_id                           1 
_refine.overall_SU_B                             ? 
_refine.overall_SU_ML                            0.23 
_refine.overall_SU_R_Cruickshank_DPI             ? 
_refine.overall_SU_R_free                        ? 
_refine.overall_FOM_free_R_set                   ? 
_refine.overall_FOM_work_R_set                   ? 
_refine.pdbx_average_fsc_overall                 ? 
_refine.pdbx_average_fsc_work                    ? 
_refine.pdbx_average_fsc_free                    ? 
# 
_refine_hist.pdbx_refine_id                   'X-RAY DIFFRACTION' 
_refine_hist.cycle_id                         LAST 
_refine_hist.details                          ? 
_refine_hist.d_res_high                       2.70 
_refine_hist.d_res_low                        42.36 
_refine_hist.number_atoms_solvent             56 
_refine_hist.number_atoms_total               1135 
_refine_hist.number_reflns_all                ? 
_refine_hist.number_reflns_obs                ? 
_refine_hist.number_reflns_R_free             ? 
_refine_hist.number_reflns_R_work             ? 
_refine_hist.R_factor_all                     ? 
_refine_hist.R_factor_obs                     ? 
_refine_hist.R_factor_R_free                  ? 
_refine_hist.R_factor_R_work                  ? 
_refine_hist.pdbx_number_residues_total       ? 
_refine_hist.pdbx_B_iso_mean_ligand           ? 
_refine_hist.pdbx_B_iso_mean_solvent          ? 
_refine_hist.pdbx_number_atoms_protein        1079 
_refine_hist.pdbx_number_atoms_nucleic_acid   0 
_refine_hist.pdbx_number_atoms_ligand         0 
_refine_hist.pdbx_number_atoms_lipid          ? 
_refine_hist.pdbx_number_atoms_carb           ? 
_refine_hist.pdbx_pseudo_atom_details         ? 
# 
loop_
_refine_ls_restr.pdbx_refine_id 
_refine_ls_restr.criterion 
_refine_ls_restr.dev_ideal 
_refine_ls_restr.dev_ideal_target 
_refine_ls_restr.number 
_refine_ls_restr.rejects 
_refine_ls_restr.type 
_refine_ls_restr.weight 
_refine_ls_restr.pdbx_restraint_function 
'X-RAY DIFFRACTION' ? 0.033  ? 1122 ? f_bond_d           ? ? 
'X-RAY DIFFRACTION' ? 1.160  ? 1524 ? f_angle_d          ? ? 
'X-RAY DIFFRACTION' ? 21.174 ? 158  ? f_dihedral_angle_d ? ? 
'X-RAY DIFFRACTION' ? 0.475  ? 177  ? f_chiral_restr     ? ? 
'X-RAY DIFFRACTION' ? 0.003  ? 191  ? f_plane_restr      ? ? 
# 
_refine_ls_shell.pdbx_refine_id                   'X-RAY DIFFRACTION' 
_refine_ls_shell.d_res_high                       2.70 
_refine_ls_shell.d_res_low                        2.797 
_refine_ls_shell.number_reflns_all                . 
_refine_ls_shell.number_reflns_obs                . 
_refine_ls_shell.number_reflns_R_free             121 
_refine_ls_shell.number_reflns_R_work             1098 
_refine_ls_shell.percent_reflns_obs               100.00 
_refine_ls_shell.percent_reflns_R_free            . 
_refine_ls_shell.R_factor_all                     . 
_refine_ls_shell.R_factor_obs                     . 
_refine_ls_shell.R_factor_R_free_error            . 
_refine_ls_shell.R_factor_R_work                  0.2808 
_refine_ls_shell.redundancy_reflns_all            . 
_refine_ls_shell.redundancy_reflns_obs            . 
_refine_ls_shell.wR_factor_all                    . 
_refine_ls_shell.wR_factor_obs                    . 
_refine_ls_shell.wR_factor_R_free                 . 
_refine_ls_shell.wR_factor_R_work                 . 
_refine_ls_shell.pdbx_R_complete                  . 
_refine_ls_shell.pdbx_total_number_of_bins_used   . 
_refine_ls_shell.pdbx_phase_error                 . 
_refine_ls_shell.pdbx_fsc_work                    . 
_refine_ls_shell.pdbx_fsc_free                    . 
_refine_ls_shell.R_factor_R_free                  0.3389 
# 
_struct.entry_id                     8IVL 
_struct.title                        'FABP7 complexed with Cholesterol' 
_struct.pdbx_model_details           ? 
_struct.pdbx_formula_weight          ? 
_struct.pdbx_formula_weight_method   ? 
_struct.pdbx_model_type_details      ? 
_struct.pdbx_CASP_flag               N 
# 
_struct_keywords.entry_id        8IVL 
_struct_keywords.text            'Complex, LIPID BINDING PROTEIN' 
_struct_keywords.pdbx_keywords   'LIPID BINDING PROTEIN' 
# 
loop_
_struct_asym.id 
_struct_asym.pdbx_blank_PDB_chainid_flag 
_struct_asym.pdbx_modified 
_struct_asym.entity_id 
_struct_asym.details 
A N N 1 ? 
B N N 2 ? 
C N N 3 ? 
# 
_struct_ref.id                         1 
_struct_ref.db_name                    UNP 
_struct_ref.db_code                    FABP7_HUMAN 
_struct_ref.pdbx_db_accession          O15540 
_struct_ref.pdbx_db_isoform            ? 
_struct_ref.entity_id                  1 
_struct_ref.pdbx_seq_one_letter_code   
;MVEAFCATWKLTNSQNFDEYMKALGVGFATRQVGNVTKPTVIISQEGDKVVIRTLSTFKNTEISFQLGEEFDETTADDRN
CKSVVSLDGDKLVHIQKWDGKETNFVREIKDGKMVMTLTFGDVVAVRHYEKA
;
_struct_ref.pdbx_align_begin           1 
# 
_struct_ref_seq.align_id                      1 
_struct_ref_seq.ref_id                        1 
_struct_ref_seq.pdbx_PDB_id_code              8IVL 
_struct_ref_seq.pdbx_strand_id                A 
_struct_ref_seq.seq_align_beg                 1 
_struct_ref_seq.pdbx_seq_align_beg_ins_code   ? 
_struct_ref_seq.seq_align_end                 132 
_struct_ref_seq.pdbx_seq_align_end_ins_code   ? 
_struct_ref_seq.pdbx_db_accession             O15540 
_struct_ref_seq.db_align_beg                  1 
_struct_ref_seq.pdbx_db_align_beg_ins_code    ? 
_struct_ref_seq.db_align_end                  132 
_struct_ref_seq.pdbx_db_align_end_ins_code    ? 
_struct_ref_seq.pdbx_auth_seq_align_beg       1 
_struct_ref_seq.pdbx_auth_seq_align_end       132 
# 
loop_
_struct_ref_seq_dif.align_id 
_struct_ref_seq_dif.pdbx_pdb_id_code 
_struct_ref_seq_dif.mon_id 
_struct_ref_seq_dif.pdbx_pdb_strand_id 
_struct_ref_seq_dif.seq_num 
_struct_ref_seq_dif.pdbx_pdb_ins_code 
_struct_ref_seq_dif.pdbx_seq_db_name 
_struct_ref_seq_dif.pdbx_seq_db_accession_code 
_struct_ref_seq_dif.db_mon_id 
_struct_ref_seq_dif.pdbx_seq_db_seq_num 
_struct_ref_seq_dif.details 
_struct_ref_seq_dif.pdbx_auth_seq_num 
_struct_ref_seq_dif.pdbx_ordinal 
1 8IVL ALA A 133 ? UNP O15540 ? ? 'expression tag' 133 1 
1 8IVL ALA A 134 ? UNP O15540 ? ? 'expression tag' 134 2 
# 
_pdbx_struct_assembly.id                   1 
_pdbx_struct_assembly.details              author_defined_assembly 
_pdbx_struct_assembly.method_details       ? 
_pdbx_struct_assembly.oligomeric_details   monomeric 
_pdbx_struct_assembly.oligomeric_count     1 
# 
loop_
_pdbx_struct_assembly_prop.biol_id 
_pdbx_struct_assembly_prop.type 
_pdbx_struct_assembly_prop.value 
_pdbx_struct_assembly_prop.details 
1 'ABSA (A^2)' 780  ? 
1 MORE         2    ? 
1 'SSA (A^2)'  7100 ? 
# 
_pdbx_struct_assembly_gen.assembly_id       1 
_pdbx_struct_assembly_gen.oper_expression   1 
_pdbx_struct_assembly_gen.asym_id_list      A,B,C 
# 
_pdbx_struct_assembly_auth_evidence.id                     1 
_pdbx_struct_assembly_auth_evidence.assembly_id            1 
_pdbx_struct_assembly_auth_evidence.experimental_support   'isothermal titration calorimetry' 
_pdbx_struct_assembly_auth_evidence.details                ? 
# 
_pdbx_struct_oper_list.id                   1 
_pdbx_struct_oper_list.type                 'identity operation' 
_pdbx_struct_oper_list.name                 1_555 
_pdbx_struct_oper_list.symmetry_operation   x,y,z 
_pdbx_struct_oper_list.matrix[1][1]         1.0000000000 
_pdbx_struct_oper_list.matrix[1][2]         0.0000000000 
_pdbx_struct_oper_list.matrix[1][3]         0.0000000000 
_pdbx_struct_oper_list.vector[1]            0.0000000000 
_pdbx_struct_oper_list.matrix[2][1]         0.0000000000 
_pdbx_struct_oper_list.matrix[2][2]         1.0000000000 
_pdbx_struct_oper_list.matrix[2][3]         0.0000000000 
_pdbx_struct_oper_list.vector[2]            0.0000000000 
_pdbx_struct_oper_list.matrix[3][1]         0.0000000000 
_pdbx_struct_oper_list.matrix[3][2]         0.0000000000 
_pdbx_struct_oper_list.matrix[3][3]         1.0000000000 
_pdbx_struct_oper_list.vector[3]            0.0000000000 
# 
loop_
_struct_conf.conf_type_id 
_struct_conf.id 
_struct_conf.pdbx_PDB_helix_id 
_struct_conf.beg_label_comp_id 
_struct_conf.beg_label_asym_id 
_struct_conf.beg_label_seq_id 
_struct_conf.pdbx_beg_PDB_ins_code 
_struct_conf.end_label_comp_id 
_struct_conf.end_label_asym_id 
_struct_conf.end_label_seq_id 
_struct_conf.pdbx_end_PDB_ins_code 
_struct_conf.beg_auth_comp_id 
_struct_conf.beg_auth_asym_id 
_struct_conf.beg_auth_seq_id 
_struct_conf.end_auth_comp_id 
_struct_conf.end_auth_asym_id 
_struct_conf.end_auth_seq_id 
_struct_conf.pdbx_PDB_helix_class 
_struct_conf.details 
_struct_conf.pdbx_PDB_helix_length 
HELX_P HELX_P1 AA1 VAL A 2  ? CYS A 6  ? VAL A 2  CYS A 6  5 ? 5 
HELX_P HELX_P2 AA2 ASN A 16 ? LEU A 24 ? ASN A 16 LEU A 24 1 ? 9 
HELX_P HELX_P3 AA3 GLY A 27 ? ASN A 35 ? GLY A 27 ASN A 35 1 ? 9 
# 
_struct_conf_type.id          HELX_P 
_struct_conf_type.criteria    ? 
_struct_conf_type.reference   ? 
# 
_struct_sheet.id               AA1 
_struct_sheet.type             ? 
_struct_sheet.number_strands   10 
_struct_sheet.details          ? 
# 
loop_
_struct_sheet_order.sheet_id 
_struct_sheet_order.range_id_1 
_struct_sheet_order.range_id_2 
_struct_sheet_order.offset 
_struct_sheet_order.sense 
AA1 1 2  ? anti-parallel 
AA1 2 3  ? anti-parallel 
AA1 3 4  ? anti-parallel 
AA1 4 5  ? anti-parallel 
AA1 5 6  ? anti-parallel 
AA1 6 7  ? anti-parallel 
AA1 7 8  ? anti-parallel 
AA1 8 9  ? anti-parallel 
AA1 9 10 ? anti-parallel 
# 
loop_
_struct_sheet_range.sheet_id 
_struct_sheet_range.id 
_struct_sheet_range.beg_label_comp_id 
_struct_sheet_range.beg_label_asym_id 
_struct_sheet_range.beg_label_seq_id 
_struct_sheet_range.pdbx_beg_PDB_ins_code 
_struct_sheet_range.end_label_comp_id 
_struct_sheet_range.end_label_asym_id 
_struct_sheet_range.end_label_seq_id 
_struct_sheet_range.pdbx_end_PDB_ins_code 
_struct_sheet_range.beg_auth_comp_id 
_struct_sheet_range.beg_auth_asym_id 
_struct_sheet_range.beg_auth_seq_id 
_struct_sheet_range.end_auth_comp_id 
_struct_sheet_range.end_auth_asym_id 
_struct_sheet_range.end_auth_seq_id 
AA1 1  THR A 61  ? PHE A 65  ? THR A 61  PHE A 65  
AA1 2  LYS A 49  ? LEU A 55  ? LYS A 49  LEU A 55  
AA1 3  THR A 40  ? GLU A 46  ? THR A 40  GLU A 46  
AA1 4  THR A 8   ? GLN A 15  ? THR A 8   GLN A 15  
AA1 5  VAL A 123 ? ALA A 132 ? VAL A 123 ALA A 132 
AA1 6  LYS A 113 ? PHE A 120 ? LYS A 113 PHE A 120 
AA1 7  LYS A 101 ? LYS A 110 ? LYS A 101 LYS A 110 
AA1 8  LYS A 91  ? TRP A 98  ? LYS A 91  TRP A 98  
AA1 9  ASN A 80  ? ASP A 88  ? ASN A 80  ASP A 88  
AA1 10 PHE A 71  ? THR A 74  ? PHE A 71  THR A 74  
# 
loop_
_pdbx_struct_sheet_hbond.sheet_id 
_pdbx_struct_sheet_hbond.range_id_1 
_pdbx_struct_sheet_hbond.range_id_2 
_pdbx_struct_sheet_hbond.range_1_label_atom_id 
_pdbx_struct_sheet_hbond.range_1_label_comp_id 
_pdbx_struct_sheet_hbond.range_1_label_asym_id 
_pdbx_struct_sheet_hbond.range_1_label_seq_id 
_pdbx_struct_sheet_hbond.range_1_PDB_ins_code 
_pdbx_struct_sheet_hbond.range_1_auth_atom_id 
_pdbx_struct_sheet_hbond.range_1_auth_comp_id 
_pdbx_struct_sheet_hbond.range_1_auth_asym_id 
_pdbx_struct_sheet_hbond.range_1_auth_seq_id 
_pdbx_struct_sheet_hbond.range_2_label_atom_id 
_pdbx_struct_sheet_hbond.range_2_label_comp_id 
_pdbx_struct_sheet_hbond.range_2_label_asym_id 
_pdbx_struct_sheet_hbond.range_2_label_seq_id 
_pdbx_struct_sheet_hbond.range_2_PDB_ins_code 
_pdbx_struct_sheet_hbond.range_2_auth_atom_id 
_pdbx_struct_sheet_hbond.range_2_auth_comp_id 
_pdbx_struct_sheet_hbond.range_2_auth_asym_id 
_pdbx_struct_sheet_hbond.range_2_auth_seq_id 
AA1 1 2  O PHE A 65  ? O PHE A 65  N VAL A 50  ? N VAL A 50  
AA1 2 3  O LEU A 55  ? O LEU A 55  N THR A 40  ? N THR A 40  
AA1 3 4  O VAL A 41  ? O VAL A 41  N TRP A 9   ? N TRP A 9   
AA1 4 5  N ASN A 13  ? N ASN A 13  O HIS A 128 ? O HIS A 128 
AA1 5 6  O ALA A 125 ? O ALA A 125 N LEU A 118 ? N LEU A 118 
AA1 6 7  O THR A 119 ? O THR A 119 N ASN A 104 ? N ASN A 104 
AA1 7 8  O ARG A 107 ? O ARG A 107 N LEU A 92  ? N LEU A 92  
AA1 8 9  O ILE A 95  ? O ILE A 95  N VAL A 84  ? N VAL A 84  
AA1 9 10 O CYS A 81  ? O CYS A 81  N GLU A 73  ? N GLU A 73  
# 
loop_
_pdbx_validate_close_contact.id 
_pdbx_validate_close_contact.PDB_model_num 
_pdbx_validate_close_contact.auth_atom_id_1 
_pdbx_validate_close_contact.auth_asym_id_1 
_pdbx_validate_close_contact.auth_comp_id_1 
_pdbx_validate_close_contact.auth_seq_id_1 
_pdbx_validate_close_contact.PDB_ins_code_1 
_pdbx_validate_close_contact.label_alt_id_1 
_pdbx_validate_close_contact.auth_atom_id_2 
_pdbx_validate_close_contact.auth_asym_id_2 
_pdbx_validate_close_contact.auth_comp_id_2 
_pdbx_validate_close_contact.auth_seq_id_2 
_pdbx_validate_close_contact.PDB_ins_code_2 
_pdbx_validate_close_contact.label_alt_id_2 
_pdbx_validate_close_contact.dist 
1 1 O   A LYS 131 ? ? O A HOH 301 ? ? 1.81 
2 1 OG1 A THR 74  ? ? O A HOH 302 ? ? 1.82 
3 1 NZ  A LYS 91  ? ? O A HOH 303 ? ? 1.91 
4 1 OG1 A THR 54  ? ? O A HOH 304 ? ? 1.98 
5 1 OD2 A ASP 18  ? ? O A HOH 305 ? ? 2.15 
6 1 OD2 A ASP 122 ? ? O A HOH 306 ? ? 2.15 
7 1 O   A HOH 312 ? ? O A HOH 354 ? ? 2.15 
8 1 O   A ALA 134 ? ? O A HOH 307 ? ? 2.17 
# 
_pdbx_validate_symm_contact.id                1 
_pdbx_validate_symm_contact.PDB_model_num     1 
_pdbx_validate_symm_contact.auth_atom_id_1    O 
_pdbx_validate_symm_contact.auth_asym_id_1    A 
_pdbx_validate_symm_contact.auth_comp_id_1    HOH 
_pdbx_validate_symm_contact.auth_seq_id_1     353 
_pdbx_validate_symm_contact.PDB_ins_code_1    ? 
_pdbx_validate_symm_contact.label_alt_id_1    ? 
_pdbx_validate_symm_contact.site_symmetry_1   1_555 
_pdbx_validate_symm_contact.auth_atom_id_2    O 
_pdbx_validate_symm_contact.auth_asym_id_2    A 
_pdbx_validate_symm_contact.auth_comp_id_2    HOH 
_pdbx_validate_symm_contact.auth_seq_id_2     354 
_pdbx_validate_symm_contact.PDB_ins_code_2    ? 
_pdbx_validate_symm_contact.label_alt_id_2    ? 
_pdbx_validate_symm_contact.site_symmetry_2   2_555 
_pdbx_validate_symm_contact.dist              1.80 
# 
_pdbx_entry_details.entry_id                 8IVL 
_pdbx_entry_details.has_ligand_of_interest   Y 
_pdbx_entry_details.compound_details         ? 
_pdbx_entry_details.source_details           ? 
_pdbx_entry_details.nonpolymer_details       ? 
_pdbx_entry_details.sequence_details         ? 
# 
loop_
_chem_comp_atom.comp_id 
_chem_comp_atom.atom_id 
_chem_comp_atom.type_symbol 
_chem_comp_atom.pdbx_aromatic_flag 
_chem_comp_atom.pdbx_stereo_config 
_chem_comp_atom.pdbx_ordinal 
ALA N    N N N 1   
ALA CA   C N S 2   
ALA C    C N N 3   
ALA O    O N N 4   
ALA CB   C N N 5   
ALA OXT  O N N 6   
ALA H    H N N 7   
ALA H2   H N N 8   
ALA HA   H N N 9   
ALA HB1  H N N 10  
ALA HB2  H N N 11  
ALA HB3  H N N 12  
ALA HXT  H N N 13  
ARG N    N N N 14  
ARG CA   C N S 15  
ARG C    C N N 16  
ARG O    O N N 17  
ARG CB   C N N 18  
ARG CG   C N N 19  
ARG CD   C N N 20  
ARG NE   N N N 21  
ARG CZ   C N N 22  
ARG NH1  N N N 23  
ARG NH2  N N N 24  
ARG OXT  O N N 25  
ARG H    H N N 26  
ARG H2   H N N 27  
ARG HA   H N N 28  
ARG HB2  H N N 29  
ARG HB3  H N N 30  
ARG HG2  H N N 31  
ARG HG3  H N N 32  
ARG HD2  H N N 33  
ARG HD3  H N N 34  
ARG HE   H N N 35  
ARG HH11 H N N 36  
ARG HH12 H N N 37  
ARG HH21 H N N 38  
ARG HH22 H N N 39  
ARG HXT  H N N 40  
ASN N    N N N 41  
ASN CA   C N S 42  
ASN C    C N N 43  
ASN O    O N N 44  
ASN CB   C N N 45  
ASN CG   C N N 46  
ASN OD1  O N N 47  
ASN ND2  N N N 48  
ASN OXT  O N N 49  
ASN H    H N N 50  
ASN H2   H N N 51  
ASN HA   H N N 52  
ASN HB2  H N N 53  
ASN HB3  H N N 54  
ASN HD21 H N N 55  
ASN HD22 H N N 56  
ASN HXT  H N N 57  
ASP N    N N N 58  
ASP CA   C N S 59  
ASP C    C N N 60  
ASP O    O N N 61  
ASP CB   C N N 62  
ASP CG   C N N 63  
ASP OD1  O N N 64  
ASP OD2  O N N 65  
ASP OXT  O N N 66  
ASP H    H N N 67  
ASP H2   H N N 68  
ASP HA   H N N 69  
ASP HB2  H N N 70  
ASP HB3  H N N 71  
ASP HD2  H N N 72  
ASP HXT  H N N 73  
CLR C1   C N N 74  
CLR C2   C N N 75  
CLR C3   C N S 76  
CLR C4   C N N 77  
CLR C5   C N N 78  
CLR C6   C N N 79  
CLR C7   C N N 80  
CLR C8   C N S 81  
CLR C9   C N S 82  
CLR C10  C N R 83  
CLR C11  C N N 84  
CLR C12  C N N 85  
CLR C13  C N R 86  
CLR C14  C N S 87  
CLR C15  C N N 88  
CLR C16  C N N 89  
CLR C17  C N R 90  
CLR C18  C N N 91  
CLR C19  C N N 92  
CLR C20  C N R 93  
CLR C21  C N N 94  
CLR C22  C N N 95  
CLR C23  C N N 96  
CLR C24  C N N 97  
CLR C25  C N N 98  
CLR C26  C N N 99  
CLR C27  C N N 100 
CLR O1   O N N 101 
CLR H11  H N N 102 
CLR H12  H N N 103 
CLR H21  H N N 104 
CLR H22  H N N 105 
CLR H3   H N N 106 
CLR H41  H N N 107 
CLR H42  H N N 108 
CLR H6   H N N 109 
CLR H71  H N N 110 
CLR H72  H N N 111 
CLR H8   H N N 112 
CLR H9   H N N 113 
CLR H111 H N N 114 
CLR H112 H N N 115 
CLR H121 H N N 116 
CLR H122 H N N 117 
CLR H14  H N N 118 
CLR H151 H N N 119 
CLR H152 H N N 120 
CLR H161 H N N 121 
CLR H162 H N N 122 
CLR H17  H N N 123 
CLR H181 H N N 124 
CLR H182 H N N 125 
CLR H183 H N N 126 
CLR H191 H N N 127 
CLR H192 H N N 128 
CLR H193 H N N 129 
CLR H20  H N N 130 
CLR H211 H N N 131 
CLR H212 H N N 132 
CLR H213 H N N 133 
CLR H221 H N N 134 
CLR H222 H N N 135 
CLR H231 H N N 136 
CLR H232 H N N 137 
CLR H241 H N N 138 
CLR H242 H N N 139 
CLR H25  H N N 140 
CLR H261 H N N 141 
CLR H262 H N N 142 
CLR H263 H N N 143 
CLR H271 H N N 144 
CLR H272 H N N 145 
CLR H273 H N N 146 
CLR H1   H N N 147 
CYS N    N N N 148 
CYS CA   C N R 149 
CYS C    C N N 150 
CYS O    O N N 151 
CYS CB   C N N 152 
CYS SG   S N N 153 
CYS OXT  O N N 154 
CYS H    H N N 155 
CYS H2   H N N 156 
CYS HA   H N N 157 
CYS HB2  H N N 158 
CYS HB3  H N N 159 
CYS HG   H N N 160 
CYS HXT  H N N 161 
GLN N    N N N 162 
GLN CA   C N S 163 
GLN C    C N N 164 
GLN O    O N N 165 
GLN CB   C N N 166 
GLN CG   C N N 167 
GLN CD   C N N 168 
GLN OE1  O N N 169 
GLN NE2  N N N 170 
GLN OXT  O N N 171 
GLN H    H N N 172 
GLN H2   H N N 173 
GLN HA   H N N 174 
GLN HB2  H N N 175 
GLN HB3  H N N 176 
GLN HG2  H N N 177 
GLN HG3  H N N 178 
GLN HE21 H N N 179 
GLN HE22 H N N 180 
GLN HXT  H N N 181 
GLU N    N N N 182 
GLU CA   C N S 183 
GLU C    C N N 184 
GLU O    O N N 185 
GLU CB   C N N 186 
GLU CG   C N N 187 
GLU CD   C N N 188 
GLU OE1  O N N 189 
GLU OE2  O N N 190 
GLU OXT  O N N 191 
GLU H    H N N 192 
GLU H2   H N N 193 
GLU HA   H N N 194 
GLU HB2  H N N 195 
GLU HB3  H N N 196 
GLU HG2  H N N 197 
GLU HG3  H N N 198 
GLU HE2  H N N 199 
GLU HXT  H N N 200 
GLY N    N N N 201 
GLY CA   C N N 202 
GLY C    C N N 203 
GLY O    O N N 204 
GLY OXT  O N N 205 
GLY H    H N N 206 
GLY H2   H N N 207 
GLY HA2  H N N 208 
GLY HA3  H N N 209 
GLY HXT  H N N 210 
HIS N    N N N 211 
HIS CA   C N S 212 
HIS C    C N N 213 
HIS O    O N N 214 
HIS CB   C N N 215 
HIS CG   C Y N 216 
HIS ND1  N Y N 217 
HIS CD2  C Y N 218 
HIS CE1  C Y N 219 
HIS NE2  N Y N 220 
HIS OXT  O N N 221 
HIS H    H N N 222 
HIS H2   H N N 223 
HIS HA   H N N 224 
HIS HB2  H N N 225 
HIS HB3  H N N 226 
HIS HD1  H N N 227 
HIS HD2  H N N 228 
HIS HE1  H N N 229 
HIS HE2  H N N 230 
HIS HXT  H N N 231 
HOH O    O N N 232 
HOH H1   H N N 233 
HOH H2   H N N 234 
ILE N    N N N 235 
ILE CA   C N S 236 
ILE C    C N N 237 
ILE O    O N N 238 
ILE CB   C N S 239 
ILE CG1  C N N 240 
ILE CG2  C N N 241 
ILE CD1  C N N 242 
ILE OXT  O N N 243 
ILE H    H N N 244 
ILE H2   H N N 245 
ILE HA   H N N 246 
ILE HB   H N N 247 
ILE HG12 H N N 248 
ILE HG13 H N N 249 
ILE HG21 H N N 250 
ILE HG22 H N N 251 
ILE HG23 H N N 252 
ILE HD11 H N N 253 
ILE HD12 H N N 254 
ILE HD13 H N N 255 
ILE HXT  H N N 256 
LEU N    N N N 257 
LEU CA   C N S 258 
LEU C    C N N 259 
LEU O    O N N 260 
LEU CB   C N N 261 
LEU CG   C N N 262 
LEU CD1  C N N 263 
LEU CD2  C N N 264 
LEU OXT  O N N 265 
LEU H    H N N 266 
LEU H2   H N N 267 
LEU HA   H N N 268 
LEU HB2  H N N 269 
LEU HB3  H N N 270 
LEU HG   H N N 271 
LEU HD11 H N N 272 
LEU HD12 H N N 273 
LEU HD13 H N N 274 
LEU HD21 H N N 275 
LEU HD22 H N N 276 
LEU HD23 H N N 277 
LEU HXT  H N N 278 
LYS N    N N N 279 
LYS CA   C N S 280 
LYS C    C N N 281 
LYS O    O N N 282 
LYS CB   C N N 283 
LYS CG   C N N 284 
LYS CD   C N N 285 
LYS CE   C N N 286 
LYS NZ   N N N 287 
LYS OXT  O N N 288 
LYS H    H N N 289 
LYS H2   H N N 290 
LYS HA   H N N 291 
LYS HB2  H N N 292 
LYS HB3  H N N 293 
LYS HG2  H N N 294 
LYS HG3  H N N 295 
LYS HD2  H N N 296 
LYS HD3  H N N 297 
LYS HE2  H N N 298 
LYS HE3  H N N 299 
LYS HZ1  H N N 300 
LYS HZ2  H N N 301 
LYS HZ3  H N N 302 
LYS HXT  H N N 303 
MET N    N N N 304 
MET CA   C N S 305 
MET C    C N N 306 
MET O    O N N 307 
MET CB   C N N 308 
MET CG   C N N 309 
MET SD   S N N 310 
MET CE   C N N 311 
MET OXT  O N N 312 
MET H    H N N 313 
MET H2   H N N 314 
MET HA   H N N 315 
MET HB2  H N N 316 
MET HB3  H N N 317 
MET HG2  H N N 318 
MET HG3  H N N 319 
MET HE1  H N N 320 
MET HE2  H N N 321 
MET HE3  H N N 322 
MET HXT  H N N 323 
PHE N    N N N 324 
PHE CA   C N S 325 
PHE C    C N N 326 
PHE O    O N N 327 
PHE CB   C N N 328 
PHE CG   C Y N 329 
PHE CD1  C Y N 330 
PHE CD2  C Y N 331 
PHE CE1  C Y N 332 
PHE CE2  C Y N 333 
PHE CZ   C Y N 334 
PHE OXT  O N N 335 
PHE H    H N N 336 
PHE H2   H N N 337 
PHE HA   H N N 338 
PHE HB2  H N N 339 
PHE HB3  H N N 340 
PHE HD1  H N N 341 
PHE HD2  H N N 342 
PHE HE1  H N N 343 
PHE HE2  H N N 344 
PHE HZ   H N N 345 
PHE HXT  H N N 346 
PRO N    N N N 347 
PRO CA   C N S 348 
PRO C    C N N 349 
PRO O    O N N 350 
PRO CB   C N N 351 
PRO CG   C N N 352 
PRO CD   C N N 353 
PRO OXT  O N N 354 
PRO H    H N N 355 
PRO HA   H N N 356 
PRO HB2  H N N 357 
PRO HB3  H N N 358 
PRO HG2  H N N 359 
PRO HG3  H N N 360 
PRO HD2  H N N 361 
PRO HD3  H N N 362 
PRO HXT  H N N 363 
SER N    N N N 364 
SER CA   C N S 365 
SER C    C N N 366 
SER O    O N N 367 
SER CB   C N N 368 
SER OG   O N N 369 
SER OXT  O N N 370 
SER H    H N N 371 
SER H2   H N N 372 
SER HA   H N N 373 
SER HB2  H N N 374 
SER HB3  H N N 375 
SER HG   H N N 376 
SER HXT  H N N 377 
THR N    N N N 378 
THR CA   C N S 379 
THR C    C N N 380 
THR O    O N N 381 
THR CB   C N R 382 
THR OG1  O N N 383 
THR CG2  C N N 384 
THR OXT  O N N 385 
THR H    H N N 386 
THR H2   H N N 387 
THR HA   H N N 388 
THR HB   H N N 389 
THR HG1  H N N 390 
THR HG21 H N N 391 
THR HG22 H N N 392 
THR HG23 H N N 393 
THR HXT  H N N 394 
TRP N    N N N 395 
TRP CA   C N S 396 
TRP C    C N N 397 
TRP O    O N N 398 
TRP CB   C N N 399 
TRP CG   C Y N 400 
TRP CD1  C Y N 401 
TRP CD2  C Y N 402 
TRP NE1  N Y N 403 
TRP CE2  C Y N 404 
TRP CE3  C Y N 405 
TRP CZ2  C Y N 406 
TRP CZ3  C Y N 407 
TRP CH2  C Y N 408 
TRP OXT  O N N 409 
TRP H    H N N 410 
TRP H2   H N N 411 
TRP HA   H N N 412 
TRP HB2  H N N 413 
TRP HB3  H N N 414 
TRP HD1  H N N 415 
TRP HE1  H N N 416 
TRP HE3  H N N 417 
TRP HZ2  H N N 418 
TRP HZ3  H N N 419 
TRP HH2  H N N 420 
TRP HXT  H N N 421 
TYR N    N N N 422 
TYR CA   C N S 423 
TYR C    C N N 424 
TYR O    O N N 425 
TYR CB   C N N 426 
TYR CG   C Y N 427 
TYR CD1  C Y N 428 
TYR CD2  C Y N 429 
TYR CE1  C Y N 430 
TYR CE2  C Y N 431 
TYR CZ   C Y N 432 
TYR OH   O N N 433 
TYR OXT  O N N 434 
TYR H    H N N 435 
TYR H2   H N N 436 
TYR HA   H N N 437 
TYR HB2  H N N 438 
TYR HB3  H N N 439 
TYR HD1  H N N 440 
TYR HD2  H N N 441 
TYR HE1  H N N 442 
TYR HE2  H N N 443 
TYR HH   H N N 444 
TYR HXT  H N N 445 
VAL N    N N N 446 
VAL CA   C N S 447 
VAL C    C N N 448 
VAL O    O N N 449 
VAL CB   C N N 450 
VAL CG1  C N N 451 
VAL CG2  C N N 452 
VAL OXT  O N N 453 
VAL H    H N N 454 
VAL H2   H N N 455 
VAL HA   H N N 456 
VAL HB   H N N 457 
VAL HG11 H N N 458 
VAL HG12 H N N 459 
VAL HG13 H N N 460 
VAL HG21 H N N 461 
VAL HG22 H N N 462 
VAL HG23 H N N 463 
VAL HXT  H N N 464 
# 
loop_
_chem_comp_bond.comp_id 
_chem_comp_bond.atom_id_1 
_chem_comp_bond.atom_id_2 
_chem_comp_bond.value_order 
_chem_comp_bond.pdbx_aromatic_flag 
_chem_comp_bond.pdbx_stereo_config 
_chem_comp_bond.pdbx_ordinal 
ALA N   CA   sing N N 1   
ALA N   H    sing N N 2   
ALA N   H2   sing N N 3   
ALA CA  C    sing N N 4   
ALA CA  CB   sing N N 5   
ALA CA  HA   sing N N 6   
ALA C   O    doub N N 7   
ALA C   OXT  sing N N 8   
ALA CB  HB1  sing N N 9   
ALA CB  HB2  sing N N 10  
ALA CB  HB3  sing N N 11  
ALA OXT HXT  sing N N 12  
ARG N   CA   sing N N 13  
ARG N   H    sing N N 14  
ARG N   H2   sing N N 15  
ARG CA  C    sing N N 16  
ARG CA  CB   sing N N 17  
ARG CA  HA   sing N N 18  
ARG C   O    doub N N 19  
ARG C   OXT  sing N N 20  
ARG CB  CG   sing N N 21  
ARG CB  HB2  sing N N 22  
ARG CB  HB3  sing N N 23  
ARG CG  CD   sing N N 24  
ARG CG  HG2  sing N N 25  
ARG CG  HG3  sing N N 26  
ARG CD  NE   sing N N 27  
ARG CD  HD2  sing N N 28  
ARG CD  HD3  sing N N 29  
ARG NE  CZ   sing N N 30  
ARG NE  HE   sing N N 31  
ARG CZ  NH1  sing N N 32  
ARG CZ  NH2  doub N N 33  
ARG NH1 HH11 sing N N 34  
ARG NH1 HH12 sing N N 35  
ARG NH2 HH21 sing N N 36  
ARG NH2 HH22 sing N N 37  
ARG OXT HXT  sing N N 38  
ASN N   CA   sing N N 39  
ASN N   H    sing N N 40  
ASN N   H2   sing N N 41  
ASN CA  C    sing N N 42  
ASN CA  CB   sing N N 43  
ASN CA  HA   sing N N 44  
ASN C   O    doub N N 45  
ASN C   OXT  sing N N 46  
ASN CB  CG   sing N N 47  
ASN CB  HB2  sing N N 48  
ASN CB  HB3  sing N N 49  
ASN CG  OD1  doub N N 50  
ASN CG  ND2  sing N N 51  
ASN ND2 HD21 sing N N 52  
ASN ND2 HD22 sing N N 53  
ASN OXT HXT  sing N N 54  
ASP N   CA   sing N N 55  
ASP N   H    sing N N 56  
ASP N   H2   sing N N 57  
ASP CA  C    sing N N 58  
ASP CA  CB   sing N N 59  
ASP CA  HA   sing N N 60  
ASP C   O    doub N N 61  
ASP C   OXT  sing N N 62  
ASP CB  CG   sing N N 63  
ASP CB  HB2  sing N N 64  
ASP CB  HB3  sing N N 65  
ASP CG  OD1  doub N N 66  
ASP CG  OD2  sing N N 67  
ASP OD2 HD2  sing N N 68  
ASP OXT HXT  sing N N 69  
CLR C1  C2   sing N N 70  
CLR C1  C10  sing N N 71  
CLR C1  H11  sing N N 72  
CLR C1  H12  sing N N 73  
CLR C2  C3   sing N N 74  
CLR C2  H21  sing N N 75  
CLR C2  H22  sing N N 76  
CLR C3  C4   sing N N 77  
CLR C3  O1   sing N N 78  
CLR C3  H3   sing N N 79  
CLR C4  C5   sing N N 80  
CLR C4  H41  sing N N 81  
CLR C4  H42  sing N N 82  
CLR C5  C6   doub N N 83  
CLR C5  C10  sing N N 84  
CLR C6  C7   sing N N 85  
CLR C6  H6   sing N N 86  
CLR C7  C8   sing N N 87  
CLR C7  H71  sing N N 88  
CLR C7  H72  sing N N 89  
CLR C8  C9   sing N N 90  
CLR C8  C14  sing N N 91  
CLR C8  H8   sing N N 92  
CLR C9  C10  sing N N 93  
CLR C9  C11  sing N N 94  
CLR C9  H9   sing N N 95  
CLR C10 C19  sing N N 96  
CLR C11 C12  sing N N 97  
CLR C11 H111 sing N N 98  
CLR C11 H112 sing N N 99  
CLR C12 C13  sing N N 100 
CLR C12 H121 sing N N 101 
CLR C12 H122 sing N N 102 
CLR C13 C14  sing N N 103 
CLR C13 C17  sing N N 104 
CLR C13 C18  sing N N 105 
CLR C14 C15  sing N N 106 
CLR C14 H14  sing N N 107 
CLR C15 C16  sing N N 108 
CLR C15 H151 sing N N 109 
CLR C15 H152 sing N N 110 
CLR C16 C17  sing N N 111 
CLR C16 H161 sing N N 112 
CLR C16 H162 sing N N 113 
CLR C17 C20  sing N N 114 
CLR C17 H17  sing N N 115 
CLR C18 H181 sing N N 116 
CLR C18 H182 sing N N 117 
CLR C18 H183 sing N N 118 
CLR C19 H191 sing N N 119 
CLR C19 H192 sing N N 120 
CLR C19 H193 sing N N 121 
CLR C20 C21  sing N N 122 
CLR C20 C22  sing N N 123 
CLR C20 H20  sing N N 124 
CLR C21 H211 sing N N 125 
CLR C21 H212 sing N N 126 
CLR C21 H213 sing N N 127 
CLR C22 C23  sing N N 128 
CLR C22 H221 sing N N 129 
CLR C22 H222 sing N N 130 
CLR C23 C24  sing N N 131 
CLR C23 H231 sing N N 132 
CLR C23 H232 sing N N 133 
CLR C24 C25  sing N N 134 
CLR C24 H241 sing N N 135 
CLR C24 H242 sing N N 136 
CLR C25 C26  sing N N 137 
CLR C25 C27  sing N N 138 
CLR C25 H25  sing N N 139 
CLR C26 H261 sing N N 140 
CLR C26 H262 sing N N 141 
CLR C26 H263 sing N N 142 
CLR C27 H271 sing N N 143 
CLR C27 H272 sing N N 144 
CLR C27 H273 sing N N 145 
CLR O1  H1   sing N N 146 
CYS N   CA   sing N N 147 
CYS N   H    sing N N 148 
CYS N   H2   sing N N 149 
CYS CA  C    sing N N 150 
CYS CA  CB   sing N N 151 
CYS CA  HA   sing N N 152 
CYS C   O    doub N N 153 
CYS C   OXT  sing N N 154 
CYS CB  SG   sing N N 155 
CYS CB  HB2  sing N N 156 
CYS CB  HB3  sing N N 157 
CYS SG  HG   sing N N 158 
CYS OXT HXT  sing N N 159 
GLN N   CA   sing N N 160 
GLN N   H    sing N N 161 
GLN N   H2   sing N N 162 
GLN CA  C    sing N N 163 
GLN CA  CB   sing N N 164 
GLN CA  HA   sing N N 165 
GLN C   O    doub N N 166 
GLN C   OXT  sing N N 167 
GLN CB  CG   sing N N 168 
GLN CB  HB2  sing N N 169 
GLN CB  HB3  sing N N 170 
GLN CG  CD   sing N N 171 
GLN CG  HG2  sing N N 172 
GLN CG  HG3  sing N N 173 
GLN CD  OE1  doub N N 174 
GLN CD  NE2  sing N N 175 
GLN NE2 HE21 sing N N 176 
GLN NE2 HE22 sing N N 177 
GLN OXT HXT  sing N N 178 
GLU N   CA   sing N N 179 
GLU N   H    sing N N 180 
GLU N   H2   sing N N 181 
GLU CA  C    sing N N 182 
GLU CA  CB   sing N N 183 
GLU CA  HA   sing N N 184 
GLU C   O    doub N N 185 
GLU C   OXT  sing N N 186 
GLU CB  CG   sing N N 187 
GLU CB  HB2  sing N N 188 
GLU CB  HB3  sing N N 189 
GLU CG  CD   sing N N 190 
GLU CG  HG2  sing N N 191 
GLU CG  HG3  sing N N 192 
GLU CD  OE1  doub N N 193 
GLU CD  OE2  sing N N 194 
GLU OE2 HE2  sing N N 195 
GLU OXT HXT  sing N N 196 
GLY N   CA   sing N N 197 
GLY N   H    sing N N 198 
GLY N   H2   sing N N 199 
GLY CA  C    sing N N 200 
GLY CA  HA2  sing N N 201 
GLY CA  HA3  sing N N 202 
GLY C   O    doub N N 203 
GLY C   OXT  sing N N 204 
GLY OXT HXT  sing N N 205 
HIS N   CA   sing N N 206 
HIS N   H    sing N N 207 
HIS N   H2   sing N N 208 
HIS CA  C    sing N N 209 
HIS CA  CB   sing N N 210 
HIS CA  HA   sing N N 211 
HIS C   O    doub N N 212 
HIS C   OXT  sing N N 213 
HIS CB  CG   sing N N 214 
HIS CB  HB2  sing N N 215 
HIS CB  HB3  sing N N 216 
HIS CG  ND1  sing Y N 217 
HIS CG  CD2  doub Y N 218 
HIS ND1 CE1  doub Y N 219 
HIS ND1 HD1  sing N N 220 
HIS CD2 NE2  sing Y N 221 
HIS CD2 HD2  sing N N 222 
HIS CE1 NE2  sing Y N 223 
HIS CE1 HE1  sing N N 224 
HIS NE2 HE2  sing N N 225 
HIS OXT HXT  sing N N 226 
HOH O   H1   sing N N 227 
HOH O   H2   sing N N 228 
ILE N   CA   sing N N 229 
ILE N   H    sing N N 230 
ILE N   H2   sing N N 231 
ILE CA  C    sing N N 232 
ILE CA  CB   sing N N 233 
ILE CA  HA   sing N N 234 
ILE C   O    doub N N 235 
ILE C   OXT  sing N N 236 
ILE CB  CG1  sing N N 237 
ILE CB  CG2  sing N N 238 
ILE CB  HB   sing N N 239 
ILE CG1 CD1  sing N N 240 
ILE CG1 HG12 sing N N 241 
ILE CG1 HG13 sing N N 242 
ILE CG2 HG21 sing N N 243 
ILE CG2 HG22 sing N N 244 
ILE CG2 HG23 sing N N 245 
ILE CD1 HD11 sing N N 246 
ILE CD1 HD12 sing N N 247 
ILE CD1 HD13 sing N N 248 
ILE OXT HXT  sing N N 249 
LEU N   CA   sing N N 250 
LEU N   H    sing N N 251 
LEU N   H2   sing N N 252 
LEU CA  C    sing N N 253 
LEU CA  CB   sing N N 254 
LEU CA  HA   sing N N 255 
LEU C   O    doub N N 256 
LEU C   OXT  sing N N 257 
LEU CB  CG   sing N N 258 
LEU CB  HB2  sing N N 259 
LEU CB  HB3  sing N N 260 
LEU CG  CD1  sing N N 261 
LEU CG  CD2  sing N N 262 
LEU CG  HG   sing N N 263 
LEU CD1 HD11 sing N N 264 
LEU CD1 HD12 sing N N 265 
LEU CD1 HD13 sing N N 266 
LEU CD2 HD21 sing N N 267 
LEU CD2 HD22 sing N N 268 
LEU CD2 HD23 sing N N 269 
LEU OXT HXT  sing N N 270 
LYS N   CA   sing N N 271 
LYS N   H    sing N N 272 
LYS N   H2   sing N N 273 
LYS CA  C    sing N N 274 
LYS CA  CB   sing N N 275 
LYS CA  HA   sing N N 276 
LYS C   O    doub N N 277 
LYS C   OXT  sing N N 278 
LYS CB  CG   sing N N 279 
LYS CB  HB2  sing N N 280 
LYS CB  HB3  sing N N 281 
LYS CG  CD   sing N N 282 
LYS CG  HG2  sing N N 283 
LYS CG  HG3  sing N N 284 
LYS CD  CE   sing N N 285 
LYS CD  HD2  sing N N 286 
LYS CD  HD3  sing N N 287 
LYS CE  NZ   sing N N 288 
LYS CE  HE2  sing N N 289 
LYS CE  HE3  sing N N 290 
LYS NZ  HZ1  sing N N 291 
LYS NZ  HZ2  sing N N 292 
LYS NZ  HZ3  sing N N 293 
LYS OXT HXT  sing N N 294 
MET N   CA   sing N N 295 
MET N   H    sing N N 296 
MET N   H2   sing N N 297 
MET CA  C    sing N N 298 
MET CA  CB   sing N N 299 
MET CA  HA   sing N N 300 
MET C   O    doub N N 301 
MET C   OXT  sing N N 302 
MET CB  CG   sing N N 303 
MET CB  HB2  sing N N 304 
MET CB  HB3  sing N N 305 
MET CG  SD   sing N N 306 
MET CG  HG2  sing N N 307 
MET CG  HG3  sing N N 308 
MET SD  CE   sing N N 309 
MET CE  HE1  sing N N 310 
MET CE  HE2  sing N N 311 
MET CE  HE3  sing N N 312 
MET OXT HXT  sing N N 313 
PHE N   CA   sing N N 314 
PHE N   H    sing N N 315 
PHE N   H2   sing N N 316 
PHE CA  C    sing N N 317 
PHE CA  CB   sing N N 318 
PHE CA  HA   sing N N 319 
PHE C   O    doub N N 320 
PHE C   OXT  sing N N 321 
PHE CB  CG   sing N N 322 
PHE CB  HB2  sing N N 323 
PHE CB  HB3  sing N N 324 
PHE CG  CD1  doub Y N 325 
PHE CG  CD2  sing Y N 326 
PHE CD1 CE1  sing Y N 327 
PHE CD1 HD1  sing N N 328 
PHE CD2 CE2  doub Y N 329 
PHE CD2 HD2  sing N N 330 
PHE CE1 CZ   doub Y N 331 
PHE CE1 HE1  sing N N 332 
PHE CE2 CZ   sing Y N 333 
PHE CE2 HE2  sing N N 334 
PHE CZ  HZ   sing N N 335 
PHE OXT HXT  sing N N 336 
PRO N   CA   sing N N 337 
PRO N   CD   sing N N 338 
PRO N   H    sing N N 339 
PRO CA  C    sing N N 340 
PRO CA  CB   sing N N 341 
PRO CA  HA   sing N N 342 
PRO C   O    doub N N 343 
PRO C   OXT  sing N N 344 
PRO CB  CG   sing N N 345 
PRO CB  HB2  sing N N 346 
PRO CB  HB3  sing N N 347 
PRO CG  CD   sing N N 348 
PRO CG  HG2  sing N N 349 
PRO CG  HG3  sing N N 350 
PRO CD  HD2  sing N N 351 
PRO CD  HD3  sing N N 352 
PRO OXT HXT  sing N N 353 
SER N   CA   sing N N 354 
SER N   H    sing N N 355 
SER N   H2   sing N N 356 
SER CA  C    sing N N 357 
SER CA  CB   sing N N 358 
SER CA  HA   sing N N 359 
SER C   O    doub N N 360 
SER C   OXT  sing N N 361 
SER CB  OG   sing N N 362 
SER CB  HB2  sing N N 363 
SER CB  HB3  sing N N 364 
SER OG  HG   sing N N 365 
SER OXT HXT  sing N N 366 
THR N   CA   sing N N 367 
THR N   H    sing N N 368 
THR N   H2   sing N N 369 
THR CA  C    sing N N 370 
THR CA  CB   sing N N 371 
THR CA  HA   sing N N 372 
THR C   O    doub N N 373 
THR C   OXT  sing N N 374 
THR CB  OG1  sing N N 375 
THR CB  CG2  sing N N 376 
THR CB  HB   sing N N 377 
THR OG1 HG1  sing N N 378 
THR CG2 HG21 sing N N 379 
THR CG2 HG22 sing N N 380 
THR CG2 HG23 sing N N 381 
THR OXT HXT  sing N N 382 
TRP N   CA   sing N N 383 
TRP N   H    sing N N 384 
TRP N   H2   sing N N 385 
TRP CA  C    sing N N 386 
TRP CA  CB   sing N N 387 
TRP CA  HA   sing N N 388 
TRP C   O    doub N N 389 
TRP C   OXT  sing N N 390 
TRP CB  CG   sing N N 391 
TRP CB  HB2  sing N N 392 
TRP CB  HB3  sing N N 393 
TRP CG  CD1  doub Y N 394 
TRP CG  CD2  sing Y N 395 
TRP CD1 NE1  sing Y N 396 
TRP CD1 HD1  sing N N 397 
TRP CD2 CE2  doub Y N 398 
TRP CD2 CE3  sing Y N 399 
TRP NE1 CE2  sing Y N 400 
TRP NE1 HE1  sing N N 401 
TRP CE2 CZ2  sing Y N 402 
TRP CE3 CZ3  doub Y N 403 
TRP CE3 HE3  sing N N 404 
TRP CZ2 CH2  doub Y N 405 
TRP CZ2 HZ2  sing N N 406 
TRP CZ3 CH2  sing Y N 407 
TRP CZ3 HZ3  sing N N 408 
TRP CH2 HH2  sing N N 409 
TRP OXT HXT  sing N N 410 
TYR N   CA   sing N N 411 
TYR N   H    sing N N 412 
TYR N   H2   sing N N 413 
TYR CA  C    sing N N 414 
TYR CA  CB   sing N N 415 
TYR CA  HA   sing N N 416 
TYR C   O    doub N N 417 
TYR C   OXT  sing N N 418 
TYR CB  CG   sing N N 419 
TYR CB  HB2  sing N N 420 
TYR CB  HB3  sing N N 421 
TYR CG  CD1  doub Y N 422 
TYR CG  CD2  sing Y N 423 
TYR CD1 CE1  sing Y N 424 
TYR CD1 HD1  sing N N 425 
TYR CD2 CE2  doub Y N 426 
TYR CD2 HD2  sing N N 427 
TYR CE1 CZ   doub Y N 428 
TYR CE1 HE1  sing N N 429 
TYR CE2 CZ   sing Y N 430 
TYR CE2 HE2  sing N N 431 
TYR CZ  OH   sing N N 432 
TYR OH  HH   sing N N 433 
TYR OXT HXT  sing N N 434 
VAL N   CA   sing N N 435 
VAL N   H    sing N N 436 
VAL N   H2   sing N N 437 
VAL CA  C    sing N N 438 
VAL CA  CB   sing N N 439 
VAL CA  HA   sing N N 440 
VAL C   O    doub N N 441 
VAL C   OXT  sing N N 442 
VAL CB  CG1  sing N N 443 
VAL CB  CG2  sing N N 444 
VAL CB  HB   sing N N 445 
VAL CG1 HG11 sing N N 446 
VAL CG1 HG12 sing N N 447 
VAL CG1 HG13 sing N N 448 
VAL CG2 HG21 sing N N 449 
VAL CG2 HG22 sing N N 450 
VAL CG2 HG23 sing N N 451 
VAL OXT HXT  sing N N 452 
# 
loop_
_pdbx_audit_support.funding_organization 
_pdbx_audit_support.country 
_pdbx_audit_support.grant_number 
_pdbx_audit_support.ordinal 
'National Science Foundation (NSF, China)' China ? 1 
'Ministry of Education (MoE, China)'       China ? 2 
# 
_pdbx_entity_instance_feature.ordinal        1 
_pdbx_entity_instance_feature.comp_id        CLR 
_pdbx_entity_instance_feature.asym_id        ? 
_pdbx_entity_instance_feature.seq_num        ? 
_pdbx_entity_instance_feature.auth_comp_id   CLR 
_pdbx_entity_instance_feature.auth_asym_id   ? 
_pdbx_entity_instance_feature.auth_seq_num   ? 
_pdbx_entity_instance_feature.feature_type   'SUBJECT OF INVESTIGATION' 
_pdbx_entity_instance_feature.details        ? 
# 
_pdbx_initial_refinement_model.id               1 
_pdbx_initial_refinement_model.entity_id_list   ? 
_pdbx_initial_refinement_model.type             'experimental model' 
_pdbx_initial_refinement_model.source_name      PDB 
_pdbx_initial_refinement_model.accession_code   6L9O 
_pdbx_initial_refinement_model.details          ? 
# 
_atom_sites.entry_id                    8IVL 
_atom_sites.Cartn_transf_matrix[1][1]   ? 
_atom_sites.Cartn_transf_matrix[1][2]   ? 
_atom_sites.Cartn_transf_matrix[1][3]   ? 
_atom_sites.Cartn_transf_matrix[2][1]   ? 
_atom_sites.Cartn_transf_matrix[2][2]   ? 
_atom_sites.Cartn_transf_matrix[2][3]   ? 
_atom_sites.Cartn_transf_matrix[3][1]   ? 
_atom_sites.Cartn_transf_matrix[3][2]   ? 
_atom_sites.Cartn_transf_matrix[3][3]   ? 
_atom_sites.Cartn_transf_vector[1]      ? 
_atom_sites.Cartn_transf_vector[2]      ? 
_atom_sites.Cartn_transf_vector[3]      ? 
_atom_sites.fract_transf_matrix[1][1]   -0.02046397 
_atom_sites.fract_transf_matrix[1][2]   -0.01441114 
_atom_sites.fract_transf_matrix[1][3]   -0.01431789 
_atom_sites.fract_transf_matrix[2][1]   0.01194534 
_atom_sites.fract_transf_matrix[2][2]   -0.01322148 
_atom_sites.fract_transf_matrix[2][3]   -0.00376540 
_atom_sites.fract_transf_matrix[3][1]   -0.00386238 
_atom_sites.fract_transf_matrix[3][2]   -0.00709572 
_atom_sites.fract_transf_matrix[3][3]   0.01266227 
_atom_sites.fract_transf_vector[1]      0.030796 
_atom_sites.fract_transf_vector[2]      -0.068390 
_atom_sites.fract_transf_vector[3]      -0.103892 
_atom_sites.solution_primary            ? 
_atom_sites.solution_secondary          ? 
_atom_sites.solution_hydrogens          ? 
_atom_sites.special_details             ? 
# 
loop_
_atom_type.symbol 
C 
N 
O 
S 
# 
loop_
_atom_site.group_PDB 
_atom_site.id 
_atom_site.type_symbol 
_atom_site.label_atom_id 
_atom_site.label_alt_id 
_atom_site.label_comp_id 
_atom_site.label_asym_id 
_atom_site.label_entity_id 
_atom_site.label_seq_id 
_atom_site.pdbx_PDB_ins_code 
_atom_site.Cartn_x 
_atom_site.Cartn_y 
_atom_site.Cartn_z 
_atom_site.occupancy 
_atom_site.B_iso_or_equiv 
_atom_site.pdbx_formal_charge 
_atom_site.auth_seq_id 
_atom_site.auth_comp_id 
_atom_site.auth_asym_id 
_atom_site.auth_atom_id 
_atom_site.pdbx_PDB_model_num 
ATOM   1    N N   . MET A 1 1   ? 6.125   -15.467 4.430   1.00 11.82 ? 1   MET A N   1 
ATOM   2    C CA  . MET A 1 1   ? 4.768   -15.602 3.909   1.00 11.21 ? 1   MET A CA  1 
ATOM   3    C C   . MET A 1 1   ? 3.852   -14.511 4.465   1.00 10.94 ? 1   MET A C   1 
ATOM   4    O O   . MET A 1 1   ? 4.324   -13.463 4.902   1.00 11.22 ? 1   MET A O   1 
ATOM   5    C CB  . MET A 1 1   ? 4.212   -16.980 4.230   1.00 11.23 ? 1   MET A CB  1 
ATOM   6    N N   . VAL A 1 2   ? 2.542   -14.778 4.462   1.00 9.94  ? 2   VAL A N   1 
ATOM   7    C CA  . VAL A 1 2   ? 1.568   -13.750 4.822   1.00 10.17 ? 2   VAL A CA  1 
ATOM   8    C C   . VAL A 1 2   ? 1.606   -13.475 6.324   1.00 10.42 ? 2   VAL A C   1 
ATOM   9    O O   . VAL A 1 2   ? 1.435   -12.332 6.766   1.00 10.57 ? 2   VAL A O   1 
ATOM   10   C CB  . VAL A 1 2   ? 0.161   -14.164 4.351   1.00 10.56 ? 2   VAL A CB  1 
ATOM   11   C CG1 . VAL A 1 2   ? -0.884  -13.186 4.860   1.00 11.18 ? 2   VAL A CG1 1 
ATOM   12   C CG2 . VAL A 1 2   ? 0.118   -14.260 2.830   1.00 11.16 ? 2   VAL A CG2 1 
ATOM   13   N N   . GLU A 1 3   ? 1.835   -14.518 7.127   1.00 12.42 ? 3   GLU A N   1 
ATOM   14   C CA  . GLU A 1 3   ? 1.992   -14.383 8.574   1.00 12.26 ? 3   GLU A CA  1 
ATOM   15   C C   . GLU A 1 3   ? 2.962   -13.277 8.959   1.00 12.12 ? 3   GLU A C   1 
ATOM   16   O O   . GLU A 1 3   ? 2.690   -12.500 9.882   1.00 12.68 ? 3   GLU A O   1 
ATOM   17   C CB  . GLU A 1 3   ? 2.474   -15.691 9.197   1.00 11.62 ? 3   GLU A CB  1 
ATOM   18   C CG  . GLU A 1 3   ? 2.999   -15.517 10.615  1.00 11.05 ? 3   GLU A CG  1 
ATOM   19   C CD  . GLU A 1 3   ? 3.482   -16.812 11.225  1.00 10.84 ? 3   GLU A CD  1 
ATOM   20   O OE1 . GLU A 1 3   ? 3.483   -16.909 12.468  1.00 10.64 ? 3   GLU A OE1 1 
ATOM   21   O OE2 . GLU A 1 3   ? 3.833   -17.743 10.469  1.00 10.45 ? 3   GLU A OE2 1 
ATOM   22   N N   . ALA A 1 4   ? 4.092   -13.207 8.252   1.00 7.41  ? 4   ALA A N   1 
ATOM   23   C CA  . ALA A 1 4   ? 5.123   -12.218 8.542   1.00 7.30  ? 4   ALA A CA  1 
ATOM   24   C C   . ALA A 1 4   ? 4.596   -10.790 8.509   1.00 8.01  ? 4   ALA A C   1 
ATOM   25   O O   . ALA A 1 4   ? 5.200   -9.903  9.121   1.00 8.44  ? 4   ALA A O   1 
ATOM   26   C CB  . ALA A 1 4   ? 6.275   -12.367 7.549   1.00 7.85  ? 4   ALA A CB  1 
ATOM   27   N N   . PHE A 1 5   ? 3.486   -10.544 7.813   1.00 6.77  ? 5   PHE A N   1 
ATOM   28   C CA  . PHE A 1 5   ? 2.936   -9.203  7.690   1.00 7.12  ? 5   PHE A CA  1 
ATOM   29   C C   . PHE A 1 5   ? 1.750   -8.952  8.612   1.00 7.34  ? 5   PHE A C   1 
ATOM   30   O O   . PHE A 1 5   ? 1.298   -7.806  8.711   1.00 7.63  ? 5   PHE A O   1 
ATOM   31   C CB  . PHE A 1 5   ? 2.516   -8.941  6.239   1.00 7.42  ? 5   PHE A CB  1 
ATOM   32   C CG  . PHE A 1 5   ? 3.639   -9.077  5.251   1.00 7.87  ? 5   PHE A CG  1 
ATOM   33   C CD1 . PHE A 1 5   ? 3.841   -10.270 4.575   1.00 7.57  ? 5   PHE A CD1 1 
ATOM   34   C CD2 . PHE A 1 5   ? 4.492   -8.016  4.998   1.00 8.62  ? 5   PHE A CD2 1 
ATOM   35   C CE1 . PHE A 1 5   ? 4.873   -10.401 3.666   1.00 8.16  ? 5   PHE A CE1 1 
ATOM   36   C CE2 . PHE A 1 5   ? 5.525   -8.142  4.088   1.00 8.99  ? 5   PHE A CE2 1 
ATOM   37   C CZ  . PHE A 1 5   ? 5.716   -9.335  3.422   1.00 8.76  ? 5   PHE A CZ  1 
ATOM   38   N N   . CYS A 1 6   ? 1.244   -9.980  9.290   1.00 7.33  ? 6   CYS A N   1 
ATOM   39   C CA  . CYS A 1 6   ? 0.037   -9.855  10.107  1.00 7.51  ? 6   CYS A CA  1 
ATOM   40   C C   . CYS A 1 6   ? 0.388   -9.155  11.413  1.00 7.74  ? 6   CYS A C   1 
ATOM   41   O O   . CYS A 1 6   ? 0.751   -9.786  12.409  1.00 7.30  ? 6   CYS A O   1 
ATOM   42   C CB  . CYS A 1 6   ? -0.588  -11.222 10.353  1.00 7.44  ? 6   CYS A CB  1 
ATOM   43   S SG  . CYS A 1 6   ? -1.349  -11.957 8.886   1.00 7.92  ? 6   CYS A SG  1 
ATOM   44   N N   . ALA A 1 7   ? 0.264   -7.831  11.408  1.00 7.90  ? 7   ALA A N   1 
ATOM   45   C CA  . ALA A 1 7   ? 0.526   -7.009  12.581  1.00 8.28  ? 7   ALA A CA  1 
ATOM   46   C C   . ALA A 1 7   ? 0.010   -5.605  12.302  1.00 8.60  ? 7   ALA A C   1 
ATOM   47   O O   . ALA A 1 7   ? -0.448  -5.298  11.198  1.00 8.50  ? 7   ALA A O   1 
ATOM   48   C CB  . ALA A 1 7   ? 2.016   -6.976  12.934  1.00 8.19  ? 7   ALA A CB  1 
ATOM   49   N N   . THR A 1 8   ? 0.090   -4.756  13.320  1.00 9.21  ? 8   THR A N   1 
ATOM   50   C CA  . THR A 1 8   ? -0.214  -3.341  13.171  1.00 9.00  ? 8   THR A CA  1 
ATOM   51   C C   . THR A 1 8   ? 1.081   -2.591  12.887  1.00 9.10  ? 8   THR A C   1 
ATOM   52   O O   . THR A 1 8   ? 2.068   -2.749  13.610  1.00 9.14  ? 8   THR A O   1 
ATOM   53   C CB  . THR A 1 8   ? -0.896  -2.794  14.426  1.00 8.98  ? 8   THR A CB  1 
ATOM   54   O OG1 . THR A 1 8   ? -2.021  -3.619  14.754  1.00 8.78  ? 8   THR A OG1 1 
ATOM   55   C CG2 . THR A 1 8   ? -1.379  -1.375  14.194  1.00 9.19  ? 8   THR A CG2 1 
ATOM   56   N N   . TRP A 1 9   ? 1.075   -1.790  11.826  1.00 7.98  ? 9   TRP A N   1 
ATOM   57   C CA  . TRP A 1 9   ? 2.247   -1.075  11.352  1.00 7.57  ? 9   TRP A CA  1 
ATOM   58   C C   . TRP A 1 9   ? 1.966   0.417   11.377  1.00 7.45  ? 9   TRP A C   1 
ATOM   59   O O   . TRP A 1 9   ? 0.841   0.849   11.111  1.00 7.52  ? 9   TRP A O   1 
ATOM   60   C CB  . TRP A 1 9   ? 2.611   -1.511  9.931   1.00 7.53  ? 9   TRP A CB  1 
ATOM   61   C CG  . TRP A 1 9   ? 2.841   -2.979  9.804   1.00 7.53  ? 9   TRP A CG  1 
ATOM   62   C CD1 . TRP A 1 9   ? 1.926   -3.933  9.465   1.00 7.55  ? 9   TRP A CD1 1 
ATOM   63   C CD2 . TRP A 1 9   ? 4.074   -3.666  10.028  1.00 7.52  ? 9   TRP A CD2 1 
ATOM   64   N NE1 . TRP A 1 9   ? 2.518   -5.174  9.458   1.00 7.57  ? 9   TRP A NE1 1 
ATOM   65   C CE2 . TRP A 1 9   ? 3.837   -5.035  9.800   1.00 7.62  ? 9   TRP A CE2 1 
ATOM   66   C CE3 . TRP A 1 9   ? 5.358   -3.254  10.396  1.00 7.46  ? 9   TRP A CE3 1 
ATOM   67   C CZ2 . TRP A 1 9   ? 4.838   -5.995  9.930   1.00 7.73  ? 9   TRP A CZ2 1 
ATOM   68   C CZ3 . TRP A 1 9   ? 6.348   -4.206  10.523  1.00 7.54  ? 9   TRP A CZ3 1 
ATOM   69   C CH2 . TRP A 1 9   ? 6.084   -5.562  10.291  1.00 7.76  ? 9   TRP A CH2 1 
ATOM   70   N N   . LYS A 1 10  ? 2.990   1.202   11.689  1.00 7.35  ? 10  LYS A N   1 
ATOM   71   C CA  . LYS A 1 10  ? 2.871   2.651   11.745  1.00 7.07  ? 10  LYS A CA  1 
ATOM   72   C C   . LYS A 1 10  ? 3.936   3.252   10.844  1.00 7.26  ? 10  LYS A C   1 
ATOM   73   O O   . LYS A 1 10  ? 5.117   2.909   10.961  1.00 7.24  ? 10  LYS A O   1 
ATOM   74   C CB  . LYS A 1 10  ? 3.016   3.158   13.184  1.00 7.17  ? 10  LYS A CB  1 
ATOM   75   C CG  . LYS A 1 10  ? 3.155   4.662   13.309  1.00 7.43  ? 10  LYS A CG  1 
ATOM   76   C CD  . LYS A 1 10  ? 1.804   5.345   13.176  1.00 7.73  ? 10  LYS A CD  1 
ATOM   77   C CE  . LYS A 1 10  ? 1.919   6.837   13.435  1.00 7.82  ? 10  LYS A CE  1 
ATOM   78   N NZ  . LYS A 1 10  ? 0.595   7.516   13.400  1.00 8.08  ? 10  LYS A NZ  1 
ATOM   79   N N   . LEU A 1 11  ? 3.512   4.128   9.932   1.00 7.49  ? 11  LEU A N   1 
ATOM   80   C CA  . LEU A 1 11  ? 4.439   4.740   8.991   1.00 7.83  ? 11  LEU A CA  1 
ATOM   81   C C   . LEU A 1 11  ? 5.386   5.679   9.725   1.00 7.61  ? 11  LEU A C   1 
ATOM   82   O O   . LEU A 1 11  ? 4.957   6.490   10.551  1.00 7.96  ? 11  LEU A O   1 
ATOM   83   C CB  . LEU A 1 11  ? 3.678   5.504   7.908   1.00 8.58  ? 11  LEU A CB  1 
ATOM   84   C CG  . LEU A 1 11  ? 4.555   6.167   6.840   1.00 8.46  ? 11  LEU A CG  1 
ATOM   85   C CD1 . LEU A 1 11  ? 5.165   5.122   5.918   1.00 7.78  ? 11  LEU A CD1 1 
ATOM   86   C CD2 . LEU A 1 11  ? 3.782   7.204   6.042   1.00 9.63  ? 11  LEU A CD2 1 
ATOM   87   N N   . THR A 1 12  ? 6.676   5.566   9.424   1.00 8.60  ? 12  THR A N   1 
ATOM   88   C CA  . THR A 1 12  ? 7.689   6.406   10.048  1.00 8.48  ? 12  THR A CA  1 
ATOM   89   C C   . THR A 1 12  ? 8.446   7.270   9.054   1.00 8.36  ? 12  THR A C   1 
ATOM   90   O O   . THR A 1 12  ? 8.776   8.416   9.369   1.00 8.57  ? 12  THR A O   1 
ATOM   91   C CB  . THR A 1 12  ? 8.689   5.540   10.828  1.00 8.24  ? 12  THR A CB  1 
ATOM   92   O OG1 . THR A 1 12  ? 9.444   4.737   9.913   1.00 8.03  ? 12  THR A OG1 1 
ATOM   93   C CG2 . THR A 1 12  ? 7.960   4.635   11.812  1.00 7.70  ? 12  THR A CG2 1 
ATOM   94   N N   . ASN A 1 13  ? 8.726   6.758   7.858   1.00 8.19  ? 13  ASN A N   1 
ATOM   95   C CA  . ASN A 1 13  ? 9.516   7.496   6.885   1.00 8.03  ? 13  ASN A CA  1 
ATOM   96   C C   . ASN A 1 13  ? 9.027   7.177   5.481   1.00 8.23  ? 13  ASN A C   1 
ATOM   97   O O   . ASN A 1 13  ? 8.681   6.031   5.180   1.00 8.76  ? 13  ASN A O   1 
ATOM   98   C CB  . ASN A 1 13  ? 11.006  7.164   7.017   1.00 7.84  ? 13  ASN A CB  1 
ATOM   99   C CG  . ASN A 1 13  ? 11.867  7.952   6.052   1.00 7.73  ? 13  ASN A CG  1 
ATOM   100  O OD1 . ASN A 1 13  ? 11.715  9.165   5.916   1.00 7.69  ? 13  ASN A OD1 1 
ATOM   101  N ND2 . ASN A 1 13  ? 12.780  7.264   5.376   1.00 7.76  ? 13  ASN A ND2 1 
ATOM   102  N N   A SER A 1 14  ? 8.976   8.205   4.638   0.72 9.52  ? 14  SER A N   1 
ATOM   103  N N   B SER A 1 14  ? 9.027   8.193   4.618   0.28 9.53  ? 14  SER A N   1 
ATOM   104  C CA  A SER A 1 14  ? 8.597   8.067   3.242   0.72 9.53  ? 14  SER A CA  1 
ATOM   105  C CA  B SER A 1 14  ? 8.580   8.051   3.239   0.28 9.55  ? 14  SER A CA  1 
ATOM   106  C C   A SER A 1 14  ? 9.686   8.682   2.380   0.72 9.38  ? 14  SER A C   1 
ATOM   107  C C   B SER A 1 14  ? 9.583   8.725   2.314   0.28 9.54  ? 14  SER A C   1 
ATOM   108  O O   A SER A 1 14  ? 10.195  9.765   2.687   0.72 9.97  ? 14  SER A O   1 
ATOM   109  O O   B SER A 1 14  ? 9.920   9.896   2.510   0.28 9.08  ? 14  SER A O   1 
ATOM   110  C CB  A SER A 1 14  ? 7.251   8.742   2.951   0.72 10.27 ? 14  SER A CB  1 
ATOM   111  C CB  B SER A 1 14  ? 7.186   8.657   3.047   0.28 10.26 ? 14  SER A CB  1 
ATOM   112  O OG  A SER A 1 14  ? 6.179   8.014   3.524   0.72 10.50 ? 14  SER A OG  1 
ATOM   113  O OG  B SER A 1 14  ? 6.627   8.264   1.809   0.28 10.89 ? 14  SER A OG  1 
ATOM   114  N N   . GLN A 1 15  ? 10.049  7.986   1.308   1.00 9.61  ? 15  GLN A N   1 
ATOM   115  C CA  . GLN A 1 15  ? 11.094  8.440   0.401   1.00 9.89  ? 15  GLN A CA  1 
ATOM   116  C C   . GLN A 1 15  ? 10.528  8.532   -1.006  1.00 10.73 ? 15  GLN A C   1 
ATOM   117  O O   . GLN A 1 15  ? 9.964   7.558   -1.514  1.00 10.56 ? 15  GLN A O   1 
ATOM   118  C CB  . GLN A 1 15  ? 12.298  7.498   0.444   1.00 9.61  ? 15  GLN A CB  1 
ATOM   119  C CG  . GLN A 1 15  ? 12.705  7.106   1.857   1.00 9.10  ? 15  GLN A CG  1 
ATOM   120  C CD  . GLN A 1 15  ? 13.799  6.060   1.890   1.00 8.63  ? 15  GLN A CD  1 
ATOM   121  O OE1 . GLN A 1 15  ? 13.779  5.099   1.122   1.00 8.66  ? 15  GLN A OE1 1 
ATOM   122  N NE2 . GLN A 1 15  ? 14.759  6.238   2.790   1.00 7.95  ? 15  GLN A NE2 1 
ATOM   123  N N   . ASN A 1 16  ? 10.667  9.705   -1.621  1.00 10.16 ? 16  ASN A N   1 
ATOM   124  C CA  . ASN A 1 16  ? 10.262  9.961   -2.998  1.00 10.20 ? 16  ASN A CA  1 
ATOM   125  C C   . ASN A 1 16  ? 8.751   9.858   -3.197  1.00 10.13 ? 16  ASN A C   1 
ATOM   126  O O   . ASN A 1 16  ? 8.291   9.614   -4.317  1.00 9.94  ? 16  ASN A O   1 
ATOM   127  C CB  . ASN A 1 16  ? 10.981  9.016   -3.972  1.00 10.73 ? 16  ASN A CB  1 
ATOM   128  C CG  . ASN A 1 16  ? 11.144  9.610   -5.357  1.00 10.76 ? 16  ASN A CG  1 
ATOM   129  O OD1 . ASN A 1 16  ? 11.442  10.793  -5.503  1.00 9.64  ? 16  ASN A OD1 1 
ATOM   130  N ND2 . ASN A 1 16  ? 10.942  8.792   -6.383  1.00 11.53 ? 16  ASN A ND2 1 
ATOM   131  N N   . PHE A 1 17  ? 7.953   10.062  -2.141  1.00 10.35 ? 17  PHE A N   1 
ATOM   132  C CA  . PHE A 1 17  ? 6.516   9.817   -2.257  1.00 10.90 ? 17  PHE A CA  1 
ATOM   133  C C   . PHE A 1 17  ? 5.804   10.923  -3.023  1.00 10.32 ? 17  PHE A C   1 
ATOM   134  O O   . PHE A 1 17  ? 4.888   10.648  -3.798  1.00 10.14 ? 17  PHE A O   1 
ATOM   135  C CB  . PHE A 1 17  ? 5.872   9.649   -0.885  1.00 11.54 ? 17  PHE A CB  1 
ATOM   136  C CG  . PHE A 1 17  ? 4.482   9.079   -0.951  1.00 11.80 ? 17  PHE A CG  1 
ATOM   137  C CD1 . PHE A 1 17  ? 3.426   9.713   -0.315  1.00 12.81 ? 17  PHE A CD1 1 
ATOM   138  C CD2 . PHE A 1 17  ? 4.229   7.917   -1.661  1.00 11.87 ? 17  PHE A CD2 1 
ATOM   139  C CE1 . PHE A 1 17  ? 2.148   9.196   -0.386  1.00 12.67 ? 17  PHE A CE1 1 
ATOM   140  C CE2 . PHE A 1 17  ? 2.954   7.395   -1.731  1.00 11.96 ? 17  PHE A CE2 1 
ATOM   141  C CZ  . PHE A 1 17  ? 1.917   8.037   -1.092  1.00 11.44 ? 17  PHE A CZ  1 
ATOM   142  N N   . ASP A 1 18  ? 6.163   12.184  -2.778  1.00 15.51 ? 18  ASP A N   1 
ATOM   143  C CA  . ASP A 1 18  ? 5.518   13.281  -3.502  1.00 15.15 ? 18  ASP A CA  1 
ATOM   144  C C   . ASP A 1 18  ? 5.724   13.132  -5.008  1.00 14.18 ? 18  ASP A C   1 
ATOM   145  O O   . ASP A 1 18  ? 4.770   13.255  -5.797  1.00 14.37 ? 18  ASP A O   1 
ATOM   146  C CB  . ASP A 1 18  ? 6.062   14.620  -2.997  1.00 15.05 ? 18  ASP A CB  1 
ATOM   147  C CG  . ASP A 1 18  ? 5.345   15.811  -3.598  1.00 16.11 ? 18  ASP A CG  1 
ATOM   148  O OD1 . ASP A 1 18  ? 4.106   15.899  -3.464  1.00 16.90 ? 18  ASP A OD1 1 
ATOM   149  O OD2 . ASP A 1 18  ? 6.024   16.666  -4.202  1.00 16.50 ? 18  ASP A OD2 1 
ATOM   150  N N   . GLU A 1 19  ? 6.971   12.847  -5.412  1.00 16.41 ? 19  GLU A N   1 
ATOM   151  C CA  . GLU A 1 19  ? 7.295   12.531  -6.799  1.00 15.88 ? 19  GLU A CA  1 
ATOM   152  C C   . GLU A 1 19  ? 6.379   11.443  -7.360  1.00 16.81 ? 19  GLU A C   1 
ATOM   153  O O   . GLU A 1 19  ? 5.791   11.604  -8.440  1.00 17.21 ? 19  GLU A O   1 
ATOM   154  C CB  . GLU A 1 19  ? 8.746   12.072  -6.870  1.00 15.37 ? 19  GLU A CB  1 
ATOM   155  C CG  . GLU A 1 19  ? 9.760   13.124  -6.428  1.00 15.43 ? 19  GLU A CG  1 
ATOM   156  C CD  . GLU A 1 19  ? 9.982   13.124  -4.932  1.00 15.69 ? 19  GLU A CD  1 
ATOM   157  O OE1 . GLU A 1 19  ? 11.064  13.549  -4.477  1.00 15.24 ? 19  GLU A OE1 1 
ATOM   158  O OE2 . GLU A 1 19  ? 9.101   12.659  -4.188  1.00 16.03 ? 19  GLU A OE2 1 
ATOM   159  N N   . TYR A 1 20  ? 6.242   10.330  -6.631  1.00 10.27 ? 20  TYR A N   1 
ATOM   160  C CA  . TYR A 1 20  ? 5.439   9.197   -7.088  1.00 10.93 ? 20  TYR A CA  1 
ATOM   161  C C   . TYR A 1 20  ? 3.967   9.567   -7.201  1.00 11.40 ? 20  TYR A C   1 
ATOM   162  O O   . TYR A 1 20  ? 3.324   9.303   -8.226  1.00 11.46 ? 20  TYR A O   1 
ATOM   163  C CB  . TYR A 1 20  ? 5.627   8.032   -6.122  1.00 11.58 ? 20  TYR A CB  1 
ATOM   164  C CG  . TYR A 1 20  ? 4.652   6.903   -6.329  1.00 11.68 ? 20  TYR A CG  1 
ATOM   165  C CD1 . TYR A 1 20  ? 4.871   5.939   -7.299  1.00 11.81 ? 20  TYR A CD1 1 
ATOM   166  C CD2 . TYR A 1 20  ? 3.505   6.804   -5.552  1.00 11.23 ? 20  TYR A CD2 1 
ATOM   167  C CE1 . TYR A 1 20  ? 3.982   4.905   -7.488  1.00 11.49 ? 20  TYR A CE1 1 
ATOM   168  C CE2 . TYR A 1 20  ? 2.607   5.780   -5.736  1.00 10.84 ? 20  TYR A CE2 1 
ATOM   169  C CZ  . TYR A 1 20  ? 2.852   4.829   -6.705  1.00 11.07 ? 20  TYR A CZ  1 
ATOM   170  O OH  . TYR A 1 20  ? 1.964   3.798   -6.895  1.00 10.83 ? 20  TYR A OH  1 
ATOM   171  N N   . MET A 1 21  ? 3.410   10.119  -6.121  1.00 13.27 ? 21  MET A N   1 
ATOM   172  C CA  . MET A 1 21  ? 2.077   10.706  -6.121  1.00 13.53 ? 21  MET A CA  1 
ATOM   173  C C   . MET A 1 21  ? 1.826   11.513  -7.383  1.00 13.55 ? 21  MET A C   1 
ATOM   174  O O   . MET A 1 21  ? 0.771   11.395  -8.016  1.00 13.62 ? 21  MET A O   1 
ATOM   175  C CB  . MET A 1 21  ? 1.922   11.607  -4.895  1.00 13.75 ? 21  MET A CB  1 
ATOM   176  C CG  . MET A 1 21  ? 1.600   10.894  -3.599  1.00 14.50 ? 21  MET A CG  1 
ATOM   177  S SD  . MET A 1 21  ? 0.431   11.842  -2.611  1.00 16.03 ? 21  MET A SD  1 
ATOM   178  C CE  . MET A 1 21  ? 1.549   12.747  -1.554  1.00 16.51 ? 21  MET A CE  1 
ATOM   179  N N   . LYS A 1 22  ? 2.789   12.352  -7.761  1.00 15.59 ? 22  LYS A N   1 
ATOM   180  C CA  . LYS A 1 22  ? 2.526   13.250  -8.878  1.00 15.96 ? 22  LYS A CA  1 
ATOM   181  C C   . LYS A 1 22  ? 2.695   12.524  -10.210 1.00 16.64 ? 22  LYS A C   1 
ATOM   182  O O   . LYS A 1 22  ? 2.095   12.920  -11.217 1.00 16.61 ? 22  LYS A O   1 
ATOM   183  C CB  . LYS A 1 22  ? 3.430   14.485  -8.803  1.00 15.37 ? 22  LYS A CB  1 
ATOM   184  C CG  . LYS A 1 22  ? 3.023   15.560  -9.796  1.00 16.68 ? 22  LYS A CG  1 
ATOM   185  C CD  . LYS A 1 22  ? 1.549   15.881  -9.570  1.00 17.23 ? 22  LYS A CD  1 
ATOM   186  C CE  . LYS A 1 22  ? 1.126   17.191  -10.197 1.00 16.30 ? 22  LYS A CE  1 
ATOM   187  N NZ  . LYS A 1 22  ? 1.693   17.355  -11.552 1.00 15.76 ? 22  LYS A NZ  1 
ATOM   188  N N   . ALA A 1 23  ? 3.491   11.455  -10.234 1.00 9.74  ? 23  ALA A N   1 
ATOM   189  C CA  . ALA A 1 23  ? 3.530   10.605  -11.418 1.00 10.90 ? 23  ALA A CA  1 
ATOM   190  C C   . ALA A 1 23  ? 2.192   9.911   -11.646 1.00 10.71 ? 23  ALA A C   1 
ATOM   191  O O   . ALA A 1 23  ? 1.775   9.728   -12.798 1.00 11.72 ? 23  ALA A O   1 
ATOM   192  C CB  . ALA A 1 23  ? 4.652   9.570   -11.297 1.00 11.70 ? 23  ALA A CB  1 
ATOM   193  N N   . LEU A 1 24  ? 1.501   9.530   -10.569 1.00 14.29 ? 24  LEU A N   1 
ATOM   194  C CA  . LEU A 1 24  ? 0.197   8.889   -10.693 1.00 13.74 ? 24  LEU A CA  1 
ATOM   195  C C   . LEU A 1 24  ? -0.898  9.839   -11.157 1.00 13.63 ? 24  LEU A C   1 
ATOM   196  O O   . LEU A 1 24  ? -2.004  9.375   -11.457 1.00 13.47 ? 24  LEU A O   1 
ATOM   197  C CB  . LEU A 1 24  ? -0.232  8.273   -9.358  1.00 12.50 ? 24  LEU A CB  1 
ATOM   198  C CG  . LEU A 1 24  ? 0.233   6.866   -8.991  1.00 12.09 ? 24  LEU A CG  1 
ATOM   199  C CD1 . LEU A 1 24  ? -0.280  6.501   -7.613  1.00 11.01 ? 24  LEU A CD1 1 
ATOM   200  C CD2 . LEU A 1 24  ? -0.242  5.863   -10.017 1.00 12.81 ? 24  LEU A CD2 1 
ATOM   201  N N   . GLY A 1 25  ? -0.630  11.139  -11.222 1.00 15.03 ? 25  GLY A N   1 
ATOM   202  C CA  . GLY A 1 25  ? -1.687  12.093  -11.482 1.00 15.43 ? 25  GLY A CA  1 
ATOM   203  C C   . GLY A 1 25  ? -2.553  12.387  -10.283 1.00 15.53 ? 25  GLY A C   1 
ATOM   204  O O   . GLY A 1 25  ? -3.689  12.843  -10.447 1.00 17.11 ? 25  GLY A O   1 
ATOM   205  N N   . VAL A 1 26  ? -2.054  12.126  -9.072  1.00 20.56 ? 26  VAL A N   1 
ATOM   206  C CA  . VAL A 1 26  ? -2.816  12.434  -7.870  1.00 20.36 ? 26  VAL A CA  1 
ATOM   207  C C   . VAL A 1 26  ? -2.992  13.937  -7.765  1.00 21.07 ? 26  VAL A C   1 
ATOM   208  O O   . VAL A 1 26  ? -2.017  14.701  -7.820  1.00 21.40 ? 26  VAL A O   1 
ATOM   209  C CB  . VAL A 1 26  ? -2.115  11.863  -6.628  1.00 20.01 ? 26  VAL A CB  1 
ATOM   210  C CG1 . VAL A 1 26  ? -2.878  12.244  -5.367  1.00 20.61 ? 26  VAL A CG1 1 
ATOM   211  C CG2 . VAL A 1 26  ? -1.972  10.353  -6.742  1.00 18.84 ? 26  VAL A CG2 1 
ATOM   212  N N   . GLY A 1 27  ? -4.241  14.375  -7.628  1.00 26.92 ? 27  GLY A N   1 
ATOM   213  C CA  . GLY A 1 27  ? -4.516  15.789  -7.488  1.00 27.26 ? 27  GLY A CA  1 
ATOM   214  C C   . GLY A 1 27  ? -3.786  16.404  -6.308  1.00 26.78 ? 27  GLY A C   1 
ATOM   215  O O   . GLY A 1 27  ? -3.424  15.737  -5.339  1.00 26.65 ? 27  GLY A O   1 
ATOM   216  N N   . PHE A 1 28  ? -3.569  17.715  -6.420  1.00 25.98 ? 28  PHE A N   1 
ATOM   217  C CA  . PHE A 1 28  ? -2.849  18.477  -5.402  1.00 25.81 ? 28  PHE A CA  1 
ATOM   218  C C   . PHE A 1 28  ? -3.453  18.282  -4.012  1.00 25.90 ? 28  PHE A C   1 
ATOM   219  O O   . PHE A 1 28  ? -2.731  18.080  -3.015  1.00 25.55 ? 28  PHE A O   1 
ATOM   220  C CB  . PHE A 1 28  ? -2.876  19.953  -5.810  1.00 25.89 ? 28  PHE A CB  1 
ATOM   221  C CG  . PHE A 1 28  ? -2.010  20.839  -4.975  1.00 25.72 ? 28  PHE A CG  1 
ATOM   222  C CD1 . PHE A 1 28  ? -0.880  21.416  -5.519  1.00 25.88 ? 28  PHE A CD1 1 
ATOM   223  C CD2 . PHE A 1 28  ? -2.353  21.144  -3.669  1.00 26.05 ? 28  PHE A CD2 1 
ATOM   224  C CE1 . PHE A 1 28  ? -0.084  22.246  -4.764  1.00 26.08 ? 28  PHE A CE1 1 
ATOM   225  C CE2 . PHE A 1 28  ? -1.560  21.972  -2.909  1.00 26.05 ? 28  PHE A CE2 1 
ATOM   226  C CZ  . PHE A 1 28  ? -0.423  22.524  -3.456  1.00 26.00 ? 28  PHE A CZ  1 
ATOM   227  N N   . ALA A 1 29  ? -4.789  18.368  -3.936  1.00 25.08 ? 29  ALA A N   1 
ATOM   228  C CA  . ALA A 1 29  ? -5.489  18.376  -2.657  1.00 24.99 ? 29  ALA A CA  1 
ATOM   229  C C   . ALA A 1 29  ? -5.281  17.075  -1.900  1.00 25.12 ? 29  ALA A C   1 
ATOM   230  O O   . ALA A 1 29  ? -5.171  17.073  -0.669  1.00 24.90 ? 29  ALA A O   1 
ATOM   231  C CB  . ALA A 1 29  ? -6.980  18.626  -2.879  1.00 24.97 ? 29  ALA A CB  1 
ATOM   232  N N   . THR A 1 30  ? -5.244  15.955  -2.615  1.00 22.68 ? 30  THR A N   1 
ATOM   233  C CA  . THR A 1 30  ? -4.881  14.696  -1.986  1.00 22.64 ? 30  THR A CA  1 
ATOM   234  C C   . THR A 1 30  ? -3.382  14.615  -1.729  1.00 22.33 ? 30  THR A C   1 
ATOM   235  O O   . THR A 1 30  ? -2.962  14.003  -0.739  1.00 22.26 ? 30  THR A O   1 
ATOM   236  C CB  . THR A 1 30  ? -5.343  13.531  -2.868  1.00 22.23 ? 30  THR A CB  1 
ATOM   237  O OG1 . THR A 1 30  ? -6.775  13.501  -2.903  1.00 21.82 ? 30  THR A OG1 1 
ATOM   238  C CG2 . THR A 1 30  ? -4.853  12.203  -2.318  1.00 20.93 ? 30  THR A CG2 1 
ATOM   239  N N   . ARG A 1 31  ? -2.574  15.271  -2.564  1.00 23.45 ? 31  ARG A N   1 
ATOM   240  C CA  . ARG A 1 31  ? -1.126  15.121  -2.479  1.00 23.31 ? 31  ARG A CA  1 
ATOM   241  C C   . ARG A 1 31  ? -0.562  15.740  -1.210  1.00 23.93 ? 31  ARG A C   1 
ATOM   242  O O   . ARG A 1 31  ? 0.125   15.064  -0.432  1.00 24.00 ? 31  ARG A O   1 
ATOM   243  C CB  . ARG A 1 31  ? -0.452  15.723  -3.712  1.00 23.39 ? 31  ARG A CB  1 
ATOM   244  C CG  . ARG A 1 31  ? -0.470  14.804  -4.914  1.00 23.35 ? 31  ARG A CG  1 
ATOM   245  C CD  . ARG A 1 31  ? 0.604   15.172  -5.910  1.00 23.28 ? 31  ARG A CD  1 
ATOM   246  N NE  . ARG A 1 31  ? 0.406   16.508  -6.455  1.00 23.15 ? 31  ARG A NE  1 
ATOM   247  C CZ  . ARG A 1 31  ? 1.359   17.431  -6.521  1.00 23.07 ? 31  ARG A CZ  1 
ATOM   248  N NH1 . ARG A 1 31  ? 1.094   18.624  -7.033  1.00 23.22 ? 31  ARG A NH1 1 
ATOM   249  N NH2 . ARG A 1 31  ? 2.584   17.153  -6.091  1.00 23.14 ? 31  ARG A NH2 1 
ATOM   250  N N   A GLN A 1 32  ? -0.822  17.030  -0.968  0.39 21.79 ? 32  GLN A N   1 
ATOM   251  N N   B GLN A 1 32  ? -0.841  17.027  -0.980  0.61 21.79 ? 32  GLN A N   1 
ATOM   252  C CA  A GLN A 1 32  ? -0.141  17.670  0.161   0.39 22.08 ? 32  GLN A CA  1 
ATOM   253  C CA  B GLN A 1 32  ? -0.218  17.721  0.145   0.61 22.09 ? 32  GLN A CA  1 
ATOM   254  C C   A GLN A 1 32  ? -0.583  17.110  1.513   0.39 21.65 ? 32  GLN A C   1 
ATOM   255  C C   B GLN A 1 32  ? -0.572  17.082  1.484   0.61 21.66 ? 32  GLN A C   1 
ATOM   256  O O   A GLN A 1 32  ? 0.157   17.249  2.493   0.39 21.77 ? 32  GLN A O   1 
ATOM   257  O O   B GLN A 1 32  ? 0.225   17.141  2.426   0.61 21.77 ? 32  GLN A O   1 
ATOM   258  C CB  A GLN A 1 32  ? -0.331  19.189  0.150   0.39 22.51 ? 32  GLN A CB  1 
ATOM   259  C CB  B GLN A 1 32  ? -0.603  19.199  0.155   0.61 22.45 ? 32  GLN A CB  1 
ATOM   260  C CG  A GLN A 1 32  ? -1.629  19.661  0.744   0.39 22.61 ? 32  GLN A CG  1 
ATOM   261  C CG  B GLN A 1 32  ? 0.566   20.139  -0.121  0.61 22.91 ? 32  GLN A CG  1 
ATOM   262  C CD  A GLN A 1 32  ? -2.799  19.293  -0.119  0.39 22.42 ? 32  GLN A CD  1 
ATOM   263  C CD  B GLN A 1 32  ? 0.212   21.608  0.061   0.61 22.76 ? 32  GLN A CD  1 
ATOM   264  O OE1 A GLN A 1 32  ? -3.171  20.031  -1.024  0.39 22.38 ? 32  GLN A OE1 1 
ATOM   265  O OE1 B GLN A 1 32  ? -0.942  21.957  0.307   0.61 21.83 ? 32  GLN A OE1 1 
ATOM   266  N NE2 A GLN A 1 32  ? -3.385  18.142  0.148   0.39 21.97 ? 32  GLN A NE2 1 
ATOM   267  N NE2 B GLN A 1 32  ? 1.213   22.475  -0.054  0.61 23.02 ? 32  GLN A NE2 1 
ATOM   268  N N   . VAL A 1 33  ? -1.756  16.478  1.592   1.00 22.18 ? 33  VAL A N   1 
ATOM   269  C CA  . VAL A 1 33  ? -2.124  15.802  2.830   1.00 21.16 ? 33  VAL A CA  1 
ATOM   270  C C   . VAL A 1 33  ? -1.556  14.391  2.844   1.00 21.59 ? 33  VAL A C   1 
ATOM   271  O O   . VAL A 1 33  ? -1.321  13.823  3.917   1.00 20.73 ? 33  VAL A O   1 
ATOM   272  C CB  . VAL A 1 33  ? -3.650  15.799  3.035   1.00 21.12 ? 33  VAL A CB  1 
ATOM   273  C CG1 . VAL A 1 33  ? -4.074  14.591  3.854   1.00 20.72 ? 33  VAL A CG1 1 
ATOM   274  C CG2 . VAL A 1 33  ? -4.104  17.086  3.703   1.00 21.15 ? 33  VAL A CG2 1 
ATOM   275  N N   . GLY A 1 34  ? -1.312  13.807  1.668   1.00 13.84 ? 34  GLY A N   1 
ATOM   276  C CA  . GLY A 1 34  ? -0.630  12.529  1.612   1.00 14.99 ? 34  GLY A CA  1 
ATOM   277  C C   . GLY A 1 34  ? 0.823   12.591  2.030   1.00 15.55 ? 34  GLY A C   1 
ATOM   278  O O   . GLY A 1 34  ? 1.410   11.554  2.352   1.00 15.86 ? 34  GLY A O   1 
ATOM   279  N N   . ASN A 1 35  ? 1.415   13.783  2.038   1.00 14.56 ? 35  ASN A N   1 
ATOM   280  C CA  . ASN A 1 35  ? 2.813   13.948  2.406   1.00 14.92 ? 35  ASN A CA  1 
ATOM   281  C C   . ASN A 1 35  ? 3.025   14.118  3.905   1.00 14.38 ? 35  ASN A C   1 
ATOM   282  O O   . ASN A 1 35  ? 4.167   14.011  4.367   1.00 13.96 ? 35  ASN A O   1 
ATOM   283  C CB  . ASN A 1 35  ? 3.415   15.150  1.663   1.00 15.58 ? 35  ASN A CB  1 
ATOM   284  C CG  . ASN A 1 35  ? 3.899   14.794  0.267   1.00 15.35 ? 35  ASN A CG  1 
ATOM   285  O OD1 . ASN A 1 35  ? 4.373   13.682  0.030   1.00 14.90 ? 35  ASN A OD1 1 
ATOM   286  N ND2 . ASN A 1 35  ? 3.781   15.735  -0.666  1.00 15.71 ? 35  ASN A ND2 1 
ATOM   287  N N   . VAL A 1 36  ? 1.969   14.365  4.680   1.00 14.54 ? 36  VAL A N   1 
ATOM   288  C CA  . VAL A 1 36  ? 2.139   14.683  6.094   1.00 14.36 ? 36  VAL A CA  1 
ATOM   289  C C   . VAL A 1 36  ? 1.459   13.662  7.000   1.00 14.11 ? 36  VAL A C   1 
ATOM   290  O O   . VAL A 1 36  ? 1.856   13.494  8.159   1.00 13.88 ? 36  VAL A O   1 
ATOM   291  C CB  . VAL A 1 36  ? 1.639   16.109  6.396   1.00 14.21 ? 36  VAL A CB  1 
ATOM   292  C CG1 . VAL A 1 36  ? 2.698   17.134  5.992   1.00 14.19 ? 36  VAL A CG1 1 
ATOM   293  C CG2 . VAL A 1 36  ? 0.324   16.381  5.659   1.00 14.59 ? 36  VAL A CG2 1 
ATOM   294  N N   . THR A 1 37  ? 0.439   12.971  6.495   1.00 10.52 ? 37  THR A N   1 
ATOM   295  C CA  . THR A 1 37  ? -0.191  11.937  7.302   1.00 10.22 ? 37  THR A CA  1 
ATOM   296  C C   . THR A 1 37  ? 0.715   10.715  7.394   1.00 10.05 ? 37  THR A C   1 
ATOM   297  O O   . THR A 1 37  ? 1.473   10.400  6.471   1.00 10.87 ? 37  THR A O   1 
ATOM   298  C CB  . THR A 1 37  ? -1.545  11.529  6.727   1.00 9.97  ? 37  THR A CB  1 
ATOM   299  O OG1 . THR A 1 37  ? -2.135  10.527  7.569   1.00 9.43  ? 37  THR A OG1 1 
ATOM   300  C CG2 . THR A 1 37  ? -1.370  10.944  5.358   1.00 10.16 ? 37  THR A CG2 1 
ATOM   301  N N   . LYS A 1 38  ? 0.638   10.029  8.531   1.00 9.69  ? 38  LYS A N   1 
ATOM   302  C CA  . LYS A 1 38  ? 1.427   8.824   8.789   1.00 9.03  ? 38  LYS A CA  1 
ATOM   303  C C   . LYS A 1 38  ? 0.453   7.711   9.135   1.00 8.80  ? 38  LYS A C   1 
ATOM   304  O O   . LYS A 1 38  ? 0.134   7.490   10.317  1.00 8.35  ? 38  LYS A O   1 
ATOM   305  C CB  . LYS A 1 38  ? 2.446   9.069   9.900   1.00 8.57  ? 38  LYS A CB  1 
ATOM   306  C CG  . LYS A 1 38  ? 3.483   10.119  9.519   1.00 8.26  ? 38  LYS A CG  1 
ATOM   307  C CD  . LYS A 1 38  ? 4.815   9.917   10.218  1.00 7.22  ? 38  LYS A CD  1 
ATOM   308  C CE  . LYS A 1 38  ? 5.941   10.544  9.405   1.00 7.16  ? 38  LYS A CE  1 
ATOM   309  N NZ  . LYS A 1 38  ? 7.216   10.627  10.167  1.00 6.97  ? 38  LYS A NZ  1 
ATOM   310  N N   . PRO A 1 39  ? -0.050  6.980   8.143   1.00 7.17  ? 39  PRO A N   1 
ATOM   311  C CA  . PRO A 1 39  ? -1.164  6.059   8.378   1.00 6.34  ? 39  PRO A CA  1 
ATOM   312  C C   . PRO A 1 39  ? -0.766  4.854   9.217   1.00 5.98  ? 39  PRO A C   1 
ATOM   313  O O   . PRO A 1 39  ? 0.403   4.469   9.305   1.00 5.75  ? 39  PRO A O   1 
ATOM   314  C CB  . PRO A 1 39  ? -1.576  5.626   6.965   1.00 6.16  ? 39  PRO A CB  1 
ATOM   315  C CG  . PRO A 1 39  ? -0.988  6.657   6.052   1.00 6.66  ? 39  PRO A CG  1 
ATOM   316  C CD  . PRO A 1 39  ? 0.280   7.090   6.711   1.00 7.05  ? 39  PRO A CD  1 
ATOM   317  N N   . THR A 1 40  ? -1.780  4.256   9.836   1.00 6.15  ? 40  THR A N   1 
ATOM   318  C CA  . THR A 1 40  ? -1.643  3.000   10.563  1.00 5.68  ? 40  THR A CA  1 
ATOM   319  C C   . THR A 1 40  ? -2.250  1.885   9.719   1.00 5.56  ? 40  THR A C   1 
ATOM   320  O O   . THR A 1 40  ? -3.452  1.904   9.434   1.00 5.38  ? 40  THR A O   1 
ATOM   321  C CB  . THR A 1 40  ? -2.330  3.079   11.926  1.00 5.37  ? 40  THR A CB  1 
ATOM   322  O OG1 . THR A 1 40  ? -1.695  4.081   12.732  1.00 5.63  ? 40  THR A OG1 1 
ATOM   323  C CG2 . THR A 1 40  ? -2.261  1.741   12.637  1.00 5.15  ? 40  THR A CG2 1 
ATOM   324  N N   . VAL A 1 41  ? -1.425  0.922   9.321   1.00 7.08  ? 41  VAL A N   1 
ATOM   325  C CA  . VAL A 1 41  ? -1.837  -0.156  8.427   1.00 7.29  ? 41  VAL A CA  1 
ATOM   326  C C   . VAL A 1 41  ? -1.922  -1.450  9.225   1.00 7.59  ? 41  VAL A C   1 
ATOM   327  O O   . VAL A 1 41  ? -0.928  -1.899  9.805   1.00 7.57  ? 41  VAL A O   1 
ATOM   328  C CB  . VAL A 1 41  ? -0.872  -0.301  7.237   1.00 7.32  ? 41  VAL A CB  1 
ATOM   329  C CG1 . VAL A 1 41  ? -1.296  -1.460  6.349   1.00 7.32  ? 41  VAL A CG1 1 
ATOM   330  C CG2 . VAL A 1 41  ? -0.814  0.996   6.442   1.00 7.34  ? 41  VAL A CG2 1 
ATOM   331  N N   . ILE A 1 42  ? -3.100  -2.058  9.233   1.00 8.50  ? 42  ILE A N   1 
ATOM   332  C CA  . ILE A 1 42  ? -3.404  -3.215  10.062  1.00 8.48  ? 42  ILE A CA  1 
ATOM   333  C C   . ILE A 1 42  ? -3.702  -4.375  9.120   1.00 8.42  ? 42  ILE A C   1 
ATOM   334  O O   . ILE A 1 42  ? -4.718  -4.363  8.412   1.00 8.31  ? 42  ILE A O   1 
ATOM   335  C CB  . ILE A 1 42  ? -4.584  -2.935  11.000  1.00 8.48  ? 42  ILE A CB  1 
ATOM   336  C CG1 . ILE A 1 42  ? -4.552  -1.466  11.429  1.00 8.34  ? 42  ILE A CG1 1 
ATOM   337  C CG2 . ILE A 1 42  ? -4.511  -3.828  12.225  1.00 8.18  ? 42  ILE A CG2 1 
ATOM   338  C CD1 . ILE A 1 42  ? -5.559  -1.100  12.490  1.00 7.92  ? 42  ILE A CD1 1 
ATOM   339  N N   . ILE A 1 43  ? -2.813  -5.366  9.093   1.00 7.42  ? 43  ILE A N   1 
ATOM   340  C CA  . ILE A 1 43  ? -2.916  -6.501  8.181   1.00 7.05  ? 43  ILE A CA  1 
ATOM   341  C C   . ILE A 1 43  ? -3.277  -7.739  8.987   1.00 6.86  ? 43  ILE A C   1 
ATOM   342  O O   . ILE A 1 43  ? -2.643  -8.030  10.009  1.00 6.85  ? 43  ILE A O   1 
ATOM   343  C CB  . ILE A 1 43  ? -1.610  -6.716  7.399   1.00 7.24  ? 43  ILE A CB  1 
ATOM   344  C CG1 . ILE A 1 43  ? -1.222  -5.441  6.647   1.00 6.95  ? 43  ILE A CG1 1 
ATOM   345  C CG2 . ILE A 1 43  ? -1.747  -7.887  6.440   1.00 6.89  ? 43  ILE A CG2 1 
ATOM   346  C CD1 . ILE A 1 43  ? 0.174   -5.477  6.066   1.00 6.52  ? 43  ILE A CD1 1 
ATOM   347  N N   . SER A 1 44  ? -4.293  -8.466  8.529   1.00 5.29  ? 44  SER A N   1 
ATOM   348  C CA  . SER A 1 44  ? -4.728  -9.687  9.197   1.00 4.81  ? 44  SER A CA  1 
ATOM   349  C C   . SER A 1 44  ? -5.192  -10.678 8.137   1.00 5.34  ? 44  SER A C   1 
ATOM   350  O O   . SER A 1 44  ? -5.173  -10.396 6.936   1.00 5.23  ? 44  SER A O   1 
ATOM   351  C CB  . SER A 1 44  ? -5.835  -9.392  10.216  1.00 4.80  ? 44  SER A CB  1 
ATOM   352  O OG  . SER A 1 44  ? -7.017  -8.963  9.565   1.00 4.97  ? 44  SER A OG  1 
ATOM   353  N N   . GLN A 1 45  ? -5.629  -11.849 8.593   1.00 6.67  ? 45  GLN A N   1 
ATOM   354  C CA  . GLN A 1 45  ? -6.188  -12.872 7.721   1.00 6.61  ? 45  GLN A CA  1 
ATOM   355  C C   . GLN A 1 45  ? -7.534  -13.306 8.273   1.00 6.71  ? 45  GLN A C   1 
ATOM   356  O O   . GLN A 1 45  ? -7.614  -13.807 9.399   1.00 5.76  ? 45  GLN A O   1 
ATOM   357  C CB  . GLN A 1 45  ? -5.254  -14.078 7.599   1.00 6.71  ? 45  GLN A CB  1 
ATOM   358  C CG  . GLN A 1 45  ? -3.942  -13.788 6.905   1.00 6.77  ? 45  GLN A CG  1 
ATOM   359  C CD  . GLN A 1 45  ? -3.119  -15.039 6.695   1.00 6.25  ? 45  GLN A CD  1 
ATOM   360  O OE1 . GLN A 1 45  ? -3.280  -15.742 5.697   1.00 6.75  ? 45  GLN A OE1 1 
ATOM   361  N NE2 . GLN A 1 45  ? -2.230  -15.329 7.638   1.00 6.00  ? 45  GLN A NE2 1 
ATOM   362  N N   . GLU A 1 46  ? -8.580  -13.114 7.485   1.00 13.58 ? 46  GLU A N   1 
ATOM   363  C CA  . GLU A 1 46  ? -9.905  -13.636 7.787   1.00 13.42 ? 46  GLU A CA  1 
ATOM   364  C C   . GLU A 1 46  ? -10.105 -14.851 6.887   1.00 13.04 ? 46  GLU A C   1 
ATOM   365  O O   . GLU A 1 46  ? -10.216 -14.719 5.663   1.00 12.72 ? 46  GLU A O   1 
ATOM   366  C CB  . GLU A 1 46  ? -10.972 -12.565 7.583   1.00 12.81 ? 46  GLU A CB  1 
ATOM   367  C CG  . GLU A 1 46  ? -11.028 -11.567 8.735   1.00 13.06 ? 46  GLU A CG  1 
ATOM   368  C CD  . GLU A 1 46  ? -11.735 -10.275 8.381   1.00 13.75 ? 46  GLU A CD  1 
ATOM   369  O OE1 . GLU A 1 46  ? -11.455 -9.250  9.039   1.00 14.03 ? 46  GLU A OE1 1 
ATOM   370  O OE2 . GLU A 1 46  ? -12.576 -10.281 7.458   1.00 13.92 ? 46  GLU A OE2 1 
ATOM   371  N N   . GLY A 1 47  ? -10.119 -16.033 7.496   1.00 11.40 ? 47  GLY A N   1 
ATOM   372  C CA  . GLY A 1 47  ? -10.182 -17.260 6.716   1.00 11.81 ? 47  GLY A CA  1 
ATOM   373  C C   . GLY A 1 47  ? -8.986  -17.375 5.793   1.00 11.85 ? 47  GLY A C   1 
ATOM   374  O O   . GLY A 1 47  ? -7.829  -17.324 6.227   1.00 11.70 ? 47  GLY A O   1 
ATOM   375  N N   . ASP A 1 48  ? -9.262  -17.524 4.500   1.00 17.74 ? 48  ASP A N   1 
ATOM   376  C CA  . ASP A 1 48  ? -8.227  -17.592 3.478   1.00 18.09 ? 48  ASP A CA  1 
ATOM   377  C C   . ASP A 1 48  ? -7.967  -16.246 2.816   1.00 17.93 ? 48  ASP A C   1 
ATOM   378  O O   . ASP A 1 48  ? -7.210  -16.183 1.842   1.00 18.35 ? 48  ASP A O   1 
ATOM   379  C CB  . ASP A 1 48  ? -8.601  -18.631 2.417   1.00 17.99 ? 48  ASP A CB  1 
ATOM   380  C CG  . ASP A 1 48  ? -9.832  -18.236 1.624   1.00 17.68 ? 48  ASP A CG  1 
ATOM   381  O OD1 . ASP A 1 48  ? -10.723 -17.570 2.193   1.00 17.81 ? 48  ASP A OD1 1 
ATOM   382  O OD2 . ASP A 1 48  ? -9.909  -18.592 0.428   1.00 18.06 ? 48  ASP A OD2 1 
ATOM   383  N N   . LYS A 1 49  ? -8.572  -15.173 3.315   1.00 12.85 ? 49  LYS A N   1 
ATOM   384  C CA  . LYS A 1 49  ? -8.424  -13.851 2.726   1.00 13.34 ? 49  LYS A CA  1 
ATOM   385  C C   . LYS A 1 49  ? -7.521  -12.978 3.586   1.00 13.87 ? 49  LYS A C   1 
ATOM   386  O O   . LYS A 1 49  ? -7.561  -13.043 4.817   1.00 14.40 ? 49  LYS A O   1 
ATOM   387  C CB  . LYS A 1 49  ? -9.783  -13.169 2.536   1.00 12.83 ? 49  LYS A CB  1 
ATOM   388  C CG  . LYS A 1 49  ? -10.737 -13.932 1.629   1.00 12.37 ? 49  LYS A CG  1 
ATOM   389  C CD  . LYS A 1 49  ? -11.616 -12.982 0.825   1.00 12.69 ? 49  LYS A CD  1 
ATOM   390  C CE  . LYS A 1 49  ? -12.580 -13.741 -0.078  1.00 13.11 ? 49  LYS A CE  1 
ATOM   391  N NZ  . LYS A 1 49  ? -12.678 -13.137 -1.439  1.00 13.35 ? 49  LYS A NZ  1 
ATOM   392  N N   . VAL A 1 50  ? -6.696  -12.180 2.925   1.00 7.08  ? 50  VAL A N   1 
ATOM   393  C CA  . VAL A 1 50  ? -5.901  -11.153 3.576   1.00 6.83  ? 50  VAL A CA  1 
ATOM   394  C C   . VAL A 1 50  ? -6.733  -9.881  3.639   1.00 6.58  ? 50  VAL A C   1 
ATOM   395  O O   . VAL A 1 50  ? -7.368  -9.488  2.645   1.00 6.54  ? 50  VAL A O   1 
ATOM   396  C CB  . VAL A 1 50  ? -4.581  -10.918 2.822   1.00 7.49  ? 50  VAL A CB  1 
ATOM   397  C CG1 . VAL A 1 50  ? -3.699  -9.935  3.578   1.00 7.88  ? 50  VAL A CG1 1 
ATOM   398  C CG2 . VAL A 1 50  ? -3.858  -12.239 2.594   1.00 7.53  ? 50  VAL A CG2 1 
ATOM   399  N N   . VAL A 1 51  ? -6.750  -9.255  4.816   1.00 5.87  ? 51  VAL A N   1 
ATOM   400  C CA  . VAL A 1 51  ? -7.466  -8.014  5.072   1.00 5.28  ? 51  VAL A CA  1 
ATOM   401  C C   . VAL A 1 51  ? -6.441  -6.939  5.398   1.00 5.32  ? 51  VAL A C   1 
ATOM   402  O O   . VAL A 1 51  ? -5.583  -7.133  6.270   1.00 5.47  ? 51  VAL A O   1 
ATOM   403  C CB  . VAL A 1 51  ? -8.473  -8.171  6.225   1.00 5.02  ? 51  VAL A CB  1 
ATOM   404  C CG1 . VAL A 1 51  ? -9.072  -6.823  6.598   1.00 5.21  ? 51  VAL A CG1 1 
ATOM   405  C CG2 . VAL A 1 51  ? -9.562  -9.159  5.846   1.00 5.04  ? 51  VAL A CG2 1 
ATOM   406  N N   . ILE A 1 52  ? -6.527  -5.813  4.699   1.00 5.91  ? 52  ILE A N   1 
ATOM   407  C CA  . ILE A 1 52  ? -5.632  -4.683  4.902   1.00 5.99  ? 52  ILE A CA  1 
ATOM   408  C C   . ILE A 1 52  ? -6.494  -3.475  5.237   1.00 6.25  ? 52  ILE A C   1 
ATOM   409  O O   . ILE A 1 52  ? -7.266  -3.000  4.392   1.00 6.25  ? 52  ILE A O   1 
ATOM   410  C CB  . ILE A 1 52  ? -4.752  -4.421  3.672   1.00 6.14  ? 52  ILE A CB  1 
ATOM   411  C CG1 . ILE A 1 52  ? -3.926  -5.666  3.342   1.00 6.40  ? 52  ILE A CG1 1 
ATOM   412  C CG2 . ILE A 1 52  ? -3.840  -3.227  3.911   1.00 6.08  ? 52  ILE A CG2 1 
ATOM   413  C CD1 . ILE A 1 52  ? -2.943  -5.480  2.208   1.00 6.45  ? 52  ILE A CD1 1 
ATOM   414  N N   . ARG A 1 53  ? -6.388  -2.996  6.474   1.00 8.04  ? 53  ARG A N   1 
ATOM   415  C CA  . ARG A 1 53  ? -7.062  -1.784  6.915   1.00 8.11  ? 53  ARG A CA  1 
ATOM   416  C C   . ARG A 1 53  ? -6.042  -0.658  7.014   1.00 8.28  ? 53  ARG A C   1 
ATOM   417  O O   . ARG A 1 53  ? -4.884  -0.889  7.359   1.00 8.36  ? 53  ARG A O   1 
ATOM   418  C CB  . ARG A 1 53  ? -7.742  -1.994  8.271   1.00 8.42  ? 53  ARG A CB  1 
ATOM   419  C CG  . ARG A 1 53  ? -8.744  -3.141  8.316   1.00 8.46  ? 53  ARG A CG  1 
ATOM   420  C CD  . ARG A 1 53  ? -8.910  -3.673  9.736   1.00 8.47  ? 53  ARG A CD  1 
ATOM   421  N NE  . ARG A 1 53  ? -9.193  -2.603  10.690  1.00 8.55  ? 53  ARG A NE  1 
ATOM   422  C CZ  . ARG A 1 53  ? -8.905  -2.659  11.987  1.00 8.54  ? 53  ARG A CZ  1 
ATOM   423  N NH1 . ARG A 1 53  ? -8.326  -3.739  12.495  1.00 8.53  ? 53  ARG A NH1 1 
ATOM   424  N NH2 . ARG A 1 53  ? -9.197  -1.636  12.778  1.00 8.64  ? 53  ARG A NH2 1 
ATOM   425  N N   . THR A 1 54  ? -6.473  0.561   6.708   1.00 7.44  ? 54  THR A N   1 
ATOM   426  C CA  . THR A 1 54  ? -5.615  1.735   6.784   1.00 7.26  ? 54  THR A CA  1 
ATOM   427  C C   . THR A 1 54  ? -6.377  2.845   7.485   1.00 7.44  ? 54  THR A C   1 
ATOM   428  O O   . THR A 1 54  ? -7.426  3.289   7.000   1.00 7.37  ? 54  THR A O   1 
ATOM   429  C CB  . THR A 1 54  ? -5.156  2.189   5.395   1.00 7.09  ? 54  THR A CB  1 
ATOM   430  O OG1 . THR A 1 54  ? -4.595  1.077   4.688   1.00 7.28  ? 54  THR A OG1 1 
ATOM   431  C CG2 . THR A 1 54  ? -4.110  3.286   5.517   1.00 7.49  ? 54  THR A CG2 1 
ATOM   432  N N   . LEU A 1 55  ? -5.852  3.274   8.629   1.00 6.68  ? 55  LEU A N   1 
ATOM   433  C CA  . LEU A 1 55  ? -6.403  4.369   9.411   1.00 6.79  ? 55  LEU A CA  1 
ATOM   434  C C   . LEU A 1 55  ? -5.555  5.609   9.166   1.00 7.15  ? 55  LEU A C   1 
ATOM   435  O O   . LEU A 1 55  ? -4.329  5.567   9.322   1.00 7.04  ? 55  LEU A O   1 
ATOM   436  C CB  . LEU A 1 55  ? -6.416  4.016   10.898  1.00 6.95  ? 55  LEU A CB  1 
ATOM   437  C CG  . LEU A 1 55  ? -7.248  2.793   11.285  1.00 6.90  ? 55  LEU A CG  1 
ATOM   438  C CD1 . LEU A 1 55  ? -6.714  2.168   12.566  1.00 6.71  ? 55  LEU A CD1 1 
ATOM   439  C CD2 . LEU A 1 55  ? -8.714  3.158   11.428  1.00 6.61  ? 55  LEU A CD2 1 
ATOM   440  N N   . SER A 1 56  ? -6.206  6.701   8.777   1.00 8.84  ? 56  SER A N   1 
ATOM   441  C CA  . SER A 1 56  ? -5.493  7.921   8.430   1.00 9.02  ? 56  SER A CA  1 
ATOM   442  C C   . SER A 1 56  ? -6.423  9.109   8.621   1.00 8.56  ? 56  SER A C   1 
ATOM   443  O O   . SER A 1 56  ? -7.646  8.978   8.530   1.00 8.28  ? 56  SER A O   1 
ATOM   444  C CB  . SER A 1 56  ? -4.972  7.873   6.989   1.00 8.92  ? 56  SER A CB  1 
ATOM   445  O OG  . SER A 1 56  ? -4.454  9.127   6.584   1.00 9.13  ? 56  SER A OG  1 
ATOM   446  N N   . THR A 1 57  ? -5.824  10.272  8.889   1.00 10.06 ? 57  THR A N   1 
ATOM   447  C CA  . THR A 1 57  ? -6.604  11.493  9.043   1.00 9.69  ? 57  THR A CA  1 
ATOM   448  C C   . THR A 1 57  ? -7.201  11.965  7.724   1.00 9.70  ? 57  THR A C   1 
ATOM   449  O O   . THR A 1 57  ? -8.129  12.780  7.734   1.00 8.89  ? 57  THR A O   1 
ATOM   450  C CB  . THR A 1 57  ? -5.737  12.596  9.651   1.00 9.98  ? 57  THR A CB  1 
ATOM   451  O OG1 . THR A 1 57  ? -4.561  12.776  8.853   1.00 10.56 ? 57  THR A OG1 1 
ATOM   452  C CG2 . THR A 1 57  ? -5.330  12.226  11.070  1.00 9.95  ? 57  THR A CG2 1 
ATOM   453  N N   . PHE A 1 58  ? -6.689  11.477  6.595   1.00 14.52 ? 58  PHE A N   1 
ATOM   454  C CA  . PHE A 1 58  ? -7.266  11.770  5.289   1.00 14.30 ? 58  PHE A CA  1 
ATOM   455  C C   . PHE A 1 58  ? -8.411  10.818  4.962   1.00 13.71 ? 58  PHE A C   1 
ATOM   456  O O   . PHE A 1 58  ? -9.520  11.260  4.646   1.00 13.08 ? 58  PHE A O   1 
ATOM   457  C CB  . PHE A 1 58  ? -6.182  11.688  4.207   1.00 14.05 ? 58  PHE A CB  1 
ATOM   458  C CG  . PHE A 1 58  ? -6.714  11.763  2.801   1.00 14.47 ? 58  PHE A CG  1 
ATOM   459  C CD1 . PHE A 1 58  ? -6.220  10.923  1.818   1.00 14.75 ? 58  PHE A CD1 1 
ATOM   460  C CD2 . PHE A 1 58  ? -7.687  12.688  2.455   1.00 14.91 ? 58  PHE A CD2 1 
ATOM   461  C CE1 . PHE A 1 58  ? -6.696  10.987  0.524   1.00 15.78 ? 58  PHE A CE1 1 
ATOM   462  C CE2 . PHE A 1 58  ? -8.169  12.757  1.161   1.00 16.31 ? 58  PHE A CE2 1 
ATOM   463  C CZ  . PHE A 1 58  ? -7.671  11.907  0.195   1.00 16.61 ? 58  PHE A CZ  1 
ATOM   464  N N   . LYS A 1 59  ? -8.157  9.513   5.037   1.00 11.80 ? 59  LYS A N   1 
ATOM   465  C CA  . LYS A 1 59  ? -9.141  8.502   4.682   1.00 11.58 ? 59  LYS A CA  1 
ATOM   466  C C   . LYS A 1 59  ? -8.854  7.222   5.452   1.00 11.47 ? 59  LYS A C   1 
ATOM   467  O O   . LYS A 1 59  ? -7.699  6.896   5.735   1.00 12.27 ? 59  LYS A O   1 
ATOM   468  C CB  . LYS A 1 59  ? -9.126  8.198   3.179   1.00 11.30 ? 59  LYS A CB  1 
ATOM   469  C CG  . LYS A 1 59  ? -9.964  9.120   2.314   1.00 11.42 ? 59  LYS A CG  1 
ATOM   470  C CD  . LYS A 1 59  ? -10.134 8.517   0.929   1.00 11.98 ? 59  LYS A CD  1 
ATOM   471  C CE  . LYS A 1 59  ? -10.986 9.391   0.029   1.00 12.51 ? 59  LYS A CE  1 
ATOM   472  N NZ  . LYS A 1 59  ? -11.234 8.730   -1.282  1.00 12.34 ? 59  LYS A NZ  1 
ATOM   473  N N   . ASN A 1 60  ? -9.919  6.499   5.781   1.00 8.30  ? 60  ASN A N   1 
ATOM   474  C CA  . ASN A 1 60  ? -9.820  5.133   6.275   1.00 8.00  ? 60  ASN A CA  1 
ATOM   475  C C   . ASN A 1 60  ? -10.229 4.194   5.148   1.00 8.09  ? 60  ASN A C   1 
ATOM   476  O O   . ASN A 1 60  ? -11.358 4.275   4.651   1.00 8.06  ? 60  ASN A O   1 
ATOM   477  C CB  . ASN A 1 60  ? -10.703 4.914   7.503   1.00 8.10  ? 60  ASN A CB  1 
ATOM   478  C CG  . ASN A 1 60  ? -10.346 5.830   8.653   1.00 8.59  ? 60  ASN A CG  1 
ATOM   479  O OD1 . ASN A 1 60  ? -9.186  6.203   8.830   1.00 8.82  ? 60  ASN A OD1 1 
ATOM   480  N ND2 . ASN A 1 60  ? -11.344 6.192   9.451   1.00 8.61  ? 60  ASN A ND2 1 
ATOM   481  N N   . THR A 1 61  ? -9.318  3.321   4.737   1.00 8.51  ? 61  THR A N   1 
ATOM   482  C CA  . THR A 1 61  ? -9.606  2.371   3.674   1.00 8.59  ? 61  THR A CA  1 
ATOM   483  C C   . THR A 1 61  ? -9.510  0.952   4.211   1.00 8.93  ? 61  THR A C   1 
ATOM   484  O O   . THR A 1 61  ? -8.877  0.696   5.235   1.00 8.92  ? 61  THR A O   1 
ATOM   485  C CB  . THR A 1 61  ? -8.658  2.553   2.478   1.00 8.34  ? 61  THR A CB  1 
ATOM   486  O OG1 . THR A 1 61  ? -7.310  2.275   2.878   1.00 8.67  ? 61  THR A OG1 1 
ATOM   487  C CG2 . THR A 1 61  ? -8.746  3.972   1.935   1.00 8.30  ? 61  THR A CG2 1 
ATOM   488  N N   . GLU A 1 62  ? -10.168 0.026   3.523   1.00 8.60  ? 62  GLU A N   1 
ATOM   489  C CA  . GLU A 1 62  ? -10.095 -1.379  3.892   1.00 8.68  ? 62  GLU A CA  1 
ATOM   490  C C   . GLU A 1 62  ? -10.299 -2.214  2.642   1.00 8.83  ? 62  GLU A C   1 
ATOM   491  O O   . GLU A 1 62  ? -11.191 -1.932  1.838   1.00 8.78  ? 62  GLU A O   1 
ATOM   492  C CB  . GLU A 1 62  ? -11.137 -1.748  4.955   1.00 9.18  ? 62  GLU A CB  1 
ATOM   493  C CG  . GLU A 1 62  ? -12.516 -1.161  4.712   1.00 9.47  ? 62  GLU A CG  1 
ATOM   494  C CD  . GLU A 1 62  ? -13.441 -1.331  5.902   1.00 10.31 ? 62  GLU A CD  1 
ATOM   495  O OE1 . GLU A 1 62  ? -14.423 -2.095  5.792   1.00 10.69 ? 62  GLU A OE1 1 
ATOM   496  O OE2 . GLU A 1 62  ? -13.181 -0.702  6.949   1.00 10.38 ? 62  GLU A OE2 1 
ATOM   497  N N   . ILE A 1 63  ? -9.456  -3.231  2.473   1.00 6.43  ? 63  ILE A N   1 
ATOM   498  C CA  . ILE A 1 63  ? -9.579  -4.147  1.346   1.00 6.43  ? 63  ILE A CA  1 
ATOM   499  C C   . ILE A 1 63  ? -9.424  -5.579  1.836   1.00 6.75  ? 63  ILE A C   1 
ATOM   500  O O   . ILE A 1 63  ? -8.740  -5.851  2.828   1.00 6.69  ? 63  ILE A O   1 
ATOM   501  C CB  . ILE A 1 63  ? -8.560  -3.850  0.219   1.00 6.13  ? 63  ILE A CB  1 
ATOM   502  C CG1 . ILE A 1 63  ? -7.126  -4.056  0.707   1.00 6.12  ? 63  ILE A CG1 1 
ATOM   503  C CG2 . ILE A 1 63  ? -8.758  -2.443  -0.337  1.00 5.62  ? 63  ILE A CG2 1 
ATOM   504  C CD1 . ILE A 1 63  ? -6.096  -3.953  -0.397  1.00 6.30  ? 63  ILE A CD1 1 
ATOM   505  N N   . SER A 1 64  ? -10.080 -6.494  1.128   1.00 7.72  ? 64  SER A N   1 
ATOM   506  C CA  . SER A 1 64  ? -10.028 -7.923  1.391   1.00 7.58  ? 64  SER A CA  1 
ATOM   507  C C   . SER A 1 64  ? -9.797  -8.654  0.079   1.00 7.60  ? 64  SER A C   1 
ATOM   508  O O   . SER A 1 64  ? -10.385 -8.297  -0.947  1.00 7.71  ? 64  SER A O   1 
ATOM   509  C CB  . SER A 1 64  ? -11.322 -8.422  2.043   1.00 7.91  ? 64  SER A CB  1 
ATOM   510  O OG  . SER A 1 64  ? -11.296 -9.828  2.207   1.00 7.64  ? 64  SER A OG  1 
ATOM   511  N N   . PHE A 1 65  ? -8.948  -9.679  0.108   1.00 6.96  ? 65  PHE A N   1 
ATOM   512  C CA  . PHE A 1 65  ? -8.634  -10.384 -1.129  1.00 6.66  ? 65  PHE A CA  1 
ATOM   513  C C   . PHE A 1 65  ? -8.027  -11.743 -0.821  1.00 7.06  ? 65  PHE A C   1 
ATOM   514  O O   . PHE A 1 65  ? -7.359  -11.913 0.198   1.00 7.07  ? 65  PHE A O   1 
ATOM   515  C CB  . PHE A 1 65  ? -7.659  -9.574  -1.991  1.00 6.24  ? 65  PHE A CB  1 
ATOM   516  C CG  . PHE A 1 65  ? -6.417  -9.149  -1.256  1.00 6.74  ? 65  PHE A CG  1 
ATOM   517  C CD1 . PHE A 1 65  ? -5.336  -10.008 -1.137  1.00 6.85  ? 65  PHE A CD1 1 
ATOM   518  C CD2 . PHE A 1 65  ? -6.328  -7.889  -0.690  1.00 6.83  ? 65  PHE A CD2 1 
ATOM   519  C CE1 . PHE A 1 65  ? -4.201  -9.624  -0.452  1.00 7.13  ? 65  PHE A CE1 1 
ATOM   520  C CE2 . PHE A 1 65  ? -5.189  -7.497  -0.013  1.00 7.33  ? 65  PHE A CE2 1 
ATOM   521  C CZ  . PHE A 1 65  ? -4.124  -8.365  0.104   1.00 7.44  ? 65  PHE A CZ  1 
ATOM   522  N N   . GLN A 1 66  ? -8.228  -12.704 -1.721  1.00 11.98 ? 66  GLN A N   1 
ATOM   523  C CA  . GLN A 1 66  ? -7.386  -13.891 -1.705  1.00 12.76 ? 66  GLN A CA  1 
ATOM   524  C C   . GLN A 1 66  ? -6.221  -13.684 -2.658  1.00 12.40 ? 66  GLN A C   1 
ATOM   525  O O   . GLN A 1 66  ? -6.389  -13.115 -3.742  1.00 13.47 ? 66  GLN A O   1 
ATOM   526  C CB  . GLN A 1 66  ? -8.117  -15.177 -2.088  1.00 12.60 ? 66  GLN A CB  1 
ATOM   527  C CG  . GLN A 1 66  ? -7.301  -16.389 -1.617  1.00 12.59 ? 66  GLN A CG  1 
ATOM   528  C CD  . GLN A 1 66  ? -7.349  -17.584 -2.543  1.00 12.28 ? 66  GLN A CD  1 
ATOM   529  O OE1 . GLN A 1 66  ? -8.418  -18.076 -2.899  1.00 12.03 ? 66  GLN A OE1 1 
ATOM   530  N NE2 . GLN A 1 66  ? -6.173  -18.058 -2.946  1.00 12.71 ? 66  GLN A NE2 1 
ATOM   531  N N   . LEU A 1 67  ? -5.046  -14.142 -2.237  1.00 7.45  ? 67  LEU A N   1 
ATOM   532  C CA  . LEU A 1 67  ? -3.842  -14.099 -3.049  1.00 6.90  ? 67  LEU A CA  1 
ATOM   533  C C   . LEU A 1 67  ? -4.101  -14.668 -4.439  1.00 6.33  ? 67  LEU A C   1 
ATOM   534  O O   . LEU A 1 67  ? -4.664  -15.756 -4.585  1.00 6.47  ? 67  LEU A O   1 
ATOM   535  C CB  . LEU A 1 67  ? -2.740  -14.894 -2.348  1.00 7.42  ? 67  LEU A CB  1 
ATOM   536  C CG  . LEU A 1 67  ? -2.281  -14.344 -0.996  1.00 7.83  ? 67  LEU A CG  1 
ATOM   537  C CD1 . LEU A 1 67  ? -1.193  -15.226 -0.418  1.00 7.93  ? 67  LEU A CD1 1 
ATOM   538  C CD2 . LEU A 1 67  ? -1.780  -12.918 -1.148  1.00 6.96  ? 67  LEU A CD2 1 
ATOM   539  N N   . GLY A 1 68  ? -3.708  -13.907 -5.460  1.00 6.21  ? 68  GLY A N   1 
ATOM   540  C CA  . GLY A 1 68  ? -3.819  -14.341 -6.834  1.00 5.22  ? 68  GLY A CA  1 
ATOM   541  C C   . GLY A 1 68  ? -5.158  -14.087 -7.494  1.00 5.91  ? 68  GLY A C   1 
ATOM   542  O O   . GLY A 1 68  ? -5.255  -14.211 -8.721  1.00 4.59  ? 68  GLY A O   1 
ATOM   543  N N   . GLU A 1 69  ? -6.189  -13.734 -6.730  1.00 7.77  ? 69  GLU A N   1 
ATOM   544  C CA  . GLU A 1 69  ? -7.531  -13.530 -7.265  1.00 8.36  ? 69  GLU A CA  1 
ATOM   545  C C   . GLU A 1 69  ? -7.780  -12.040 -7.469  1.00 8.44  ? 69  GLU A C   1 
ATOM   546  O O   . GLU A 1 69  ? -7.761  -11.267 -6.506  1.00 8.28  ? 69  GLU A O   1 
ATOM   547  C CB  . GLU A 1 69  ? -8.582  -14.131 -6.332  1.00 8.60  ? 69  GLU A CB  1 
ATOM   548  C CG  . GLU A 1 69  ? -9.966  -14.251 -6.950  1.00 8.32  ? 69  GLU A CG  1 
ATOM   549  C CD  . GLU A 1 69  ? -10.047 -15.320 -8.025  1.00 8.24  ? 69  GLU A CD  1 
ATOM   550  O OE1 . GLU A 1 69  ? -11.133 -15.475 -8.617  1.00 8.18  ? 69  GLU A OE1 1 
ATOM   551  O OE2 . GLU A 1 69  ? -9.034  -16.011 -8.273  1.00 8.43  ? 69  GLU A OE2 1 
ATOM   552  N N   . GLU A 1 70  ? -8.021  -11.647 -8.719  1.00 9.48  ? 70  GLU A N   1 
ATOM   553  C CA  . GLU A 1 70  ? -8.262  -10.246 -9.039  1.00 9.02  ? 70  GLU A CA  1 
ATOM   554  C C   . GLU A 1 70  ? -9.531  -9.747  -8.356  1.00 9.37  ? 70  GLU A C   1 
ATOM   555  O O   . GLU A 1 70  ? -10.483 -10.501 -8.132  1.00 9.13  ? 70  GLU A O   1 
ATOM   556  C CB  . GLU A 1 70  ? -8.369  -10.057 -10.554 1.00 9.29  ? 70  GLU A CB  1 
ATOM   557  C CG  . GLU A 1 70  ? -8.406  -8.605  -11.011 1.00 8.72  ? 70  GLU A CG  1 
ATOM   558  C CD  . GLU A 1 70  ? -8.500  -8.469  -12.519 1.00 8.49  ? 70  GLU A CD  1 
ATOM   559  O OE1 . GLU A 1 70  ? -9.632  -8.468  -13.046 1.00 8.41  ? 70  GLU A OE1 1 
ATOM   560  O OE2 . GLU A 1 70  ? -7.443  -8.360  -13.174 1.00 8.29  ? 70  GLU A OE2 1 
ATOM   561  N N   . PHE A 1 71  ? -9.539  -8.457  -8.024  1.00 5.98  ? 71  PHE A N   1 
ATOM   562  C CA  . PHE A 1 71  ? -10.675 -7.848  -7.349  1.00 5.58  ? 71  PHE A CA  1 
ATOM   563  C C   . PHE A 1 71  ? -10.713 -6.361  -7.669  1.00 5.33  ? 71  PHE A C   1 
ATOM   564  O O   . PHE A 1 71  ? -9.698  -5.751  -8.019  1.00 5.15  ? 71  PHE A O   1 
ATOM   565  C CB  . PHE A 1 71  ? -10.612 -8.071  -5.831  1.00 4.84  ? 71  PHE A CB  1 
ATOM   566  C CG  . PHE A 1 71  ? -9.444  -7.394  -5.164  1.00 4.93  ? 71  PHE A CG  1 
ATOM   567  C CD1 . PHE A 1 71  ? -8.169  -7.931  -5.256  1.00 5.07  ? 71  PHE A CD1 1 
ATOM   568  C CD2 . PHE A 1 71  ? -9.622  -6.223  -4.446  1.00 4.76  ? 71  PHE A CD2 1 
ATOM   569  C CE1 . PHE A 1 71  ? -7.095  -7.311  -4.646  1.00 5.05  ? 71  PHE A CE1 1 
ATOM   570  C CE2 . PHE A 1 71  ? -8.551  -5.598  -3.833  1.00 4.61  ? 71  PHE A CE2 1 
ATOM   571  C CZ  . PHE A 1 71  ? -7.287  -6.144  -3.933  1.00 5.04  ? 71  PHE A CZ  1 
ATOM   572  N N   . ASP A 1 72  ? -11.903 -5.780  -7.546  1.00 4.97  ? 72  ASP A N   1 
ATOM   573  C CA  . ASP A 1 72  ? -12.067 -4.346  -7.742  1.00 4.94  ? 72  ASP A CA  1 
ATOM   574  C C   . ASP A 1 72  ? -11.593 -3.603  -6.498  1.00 4.81  ? 72  ASP A C   1 
ATOM   575  O O   . ASP A 1 72  ? -11.921 -3.990  -5.373  1.00 4.80  ? 72  ASP A O   1 
ATOM   576  C CB  . ASP A 1 72  ? -13.527 -4.008  -8.038  1.00 4.75  ? 72  ASP A CB  1 
ATOM   577  C CG  . ASP A 1 72  ? -14.051 -4.716  -9.272  1.00 4.96  ? 72  ASP A CG  1 
ATOM   578  O OD1 . ASP A 1 72  ? -15.028 -5.485  -9.146  1.00 5.13  ? 72  ASP A OD1 1 
ATOM   579  O OD2 . ASP A 1 72  ? -13.494 -4.501  -10.368 1.00 4.68  ? 72  ASP A OD2 1 
ATOM   580  N N   . GLU A 1 73  ? -10.820 -2.537  -6.702  1.00 4.03  ? 73  GLU A N   1 
ATOM   581  C CA  . GLU A 1 73  ? -10.308 -1.723  -5.607  1.00 4.42  ? 73  GLU A CA  1 
ATOM   582  C C   . GLU A 1 73  ? -10.515 -0.252  -5.926  1.00 4.55  ? 73  GLU A C   1 
ATOM   583  O O   . GLU A 1 73  ? -10.129 0.213   -7.001  1.00 4.79  ? 73  GLU A O   1 
ATOM   584  C CB  . GLU A 1 73  ? -8.819  -1.988  -5.357  1.00 4.41  ? 73  GLU A CB  1 
ATOM   585  C CG  . GLU A 1 73  ? -8.225  -1.116  -4.256  1.00 4.00  ? 73  GLU A CG  1 
ATOM   586  C CD  . GLU A 1 73  ? -6.744  -1.364  -4.034  1.00 4.97  ? 73  GLU A CD  1 
ATOM   587  O OE1 . GLU A 1 73  ? -6.118  -2.042  -4.875  1.00 4.87  ? 73  GLU A OE1 1 
ATOM   588  O OE2 . GLU A 1 73  ? -6.204  -0.870  -3.021  1.00 4.47  ? 73  GLU A OE2 1 
ATOM   589  N N   . THR A 1 74  ? -11.107 0.486   -4.995  1.00 5.56  ? 74  THR A N   1 
ATOM   590  C CA  . THR A 1 74  ? -11.198 1.937   -5.103  1.00 5.25  ? 74  THR A CA  1 
ATOM   591  C C   . THR A 1 74  ? -10.148 2.531   -4.171  1.00 5.32  ? 74  THR A C   1 
ATOM   592  O O   . THR A 1 74  ? -10.319 2.526   -2.947  1.00 5.28  ? 74  THR A O   1 
ATOM   593  C CB  . THR A 1 74  ? -12.601 2.434   -4.764  1.00 5.23  ? 74  THR A CB  1 
ATOM   594  O OG1 . THR A 1 74  ? -13.535 1.885   -5.702  1.00 5.63  ? 74  THR A OG1 1 
ATOM   595  C CG2 . THR A 1 74  ? -12.656 3.949   -4.848  1.00 5.24  ? 74  THR A CG2 1 
ATOM   596  N N   . THR A 1 75  ? -9.060  3.028   -4.752  1.00 5.62  ? 75  THR A N   1 
ATOM   597  C CA  . THR A 1 75  ? -7.920  3.472   -3.968  1.00 5.96  ? 75  THR A CA  1 
ATOM   598  C C   . THR A 1 75  ? -8.251  4.757   -3.212  1.00 6.78  ? 75  THR A C   1 
ATOM   599  O O   . THR A 1 75  ? -9.273  5.410   -3.445  1.00 6.37  ? 75  THR A O   1 
ATOM   600  C CB  . THR A 1 75  ? -6.699  3.688   -4.864  1.00 6.46  ? 75  THR A CB  1 
ATOM   601  O OG1 . THR A 1 75  ? -6.936  4.793   -5.744  1.00 7.09  ? 75  THR A OG1 1 
ATOM   602  C CG2 . THR A 1 75  ? -6.417  2.441   -5.691  1.00 5.85  ? 75  THR A CG2 1 
ATOM   603  N N   . ALA A 1 76  ? -7.358  5.116   -2.287  1.00 10.80 ? 76  ALA A N   1 
ATOM   604  C CA  . ALA A 1 76  ? -7.553  6.314   -1.480  1.00 11.21 ? 76  ALA A CA  1 
ATOM   605  C C   . ALA A 1 76  ? -7.491  7.589   -2.309  1.00 11.02 ? 76  ALA A C   1 
ATOM   606  O O   . ALA A 1 76  ? -8.065  8.605   -1.900  1.00 11.25 ? 76  ALA A O   1 
ATOM   607  C CB  . ALA A 1 76  ? -6.518  6.366   -0.357  1.00 10.13 ? 76  ALA A CB  1 
ATOM   608  N N   . ASP A 1 77  ? -6.807  7.568   -3.454  1.00 11.37 ? 77  ASP A N   1 
ATOM   609  C CA  . ASP A 1 77  ? -6.835  8.678   -4.394  1.00 11.51 ? 77  ASP A CA  1 
ATOM   610  C C   . ASP A 1 77  ? -7.910  8.508   -5.460  1.00 11.47 ? 77  ASP A C   1 
ATOM   611  O O   . ASP A 1 77  ? -7.801  9.101   -6.540  1.00 11.81 ? 77  ASP A O   1 
ATOM   612  C CB  . ASP A 1 77  ? -5.462  8.868   -5.043  1.00 11.85 ? 77  ASP A CB  1 
ATOM   613  C CG  . ASP A 1 77  ? -4.981  7.630   -5.769  1.00 12.19 ? 77  ASP A CG  1 
ATOM   614  O OD1 . ASP A 1 77  ? -5.142  6.519   -5.224  1.00 11.72 ? 77  ASP A OD1 1 
ATOM   615  O OD2 . ASP A 1 77  ? -4.430  7.771   -6.880  1.00 12.65 ? 77  ASP A OD2 1 
ATOM   616  N N   . ASP A 1 78  ? -8.928  7.691   -5.182  1.00 10.61 ? 78  ASP A N   1 
ATOM   617  C CA  . ASP A 1 78  ? -10.145 7.605   -5.992  1.00 10.57 ? 78  ASP A CA  1 
ATOM   618  C C   . ASP A 1 78  ? -9.874  7.038   -7.385  1.00 10.54 ? 78  ASP A C   1 
ATOM   619  O O   . ASP A 1 78  ? -10.464 7.478   -8.372  1.00 10.98 ? 78  ASP A O   1 
ATOM   620  C CB  . ASP A 1 78  ? -10.838 8.968   -6.082  1.00 10.47 ? 78  ASP A CB  1 
ATOM   621  C CG  . ASP A 1 78  ? -11.234 9.508   -4.722  1.00 10.25 ? 78  ASP A CG  1 
ATOM   622  O OD1 . ASP A 1 78  ? -11.962 8.805   -3.991  1.00 10.03 ? 78  ASP A OD1 1 
ATOM   623  O OD2 . ASP A 1 78  ? -10.809 10.632  -4.380  1.00 10.30 ? 78  ASP A OD2 1 
ATOM   624  N N   . ARG A 1 79  ? -8.986  6.051   -7.469  1.00 7.55  ? 79  ARG A N   1 
ATOM   625  C CA  . ARG A 1 79  ? -8.752  5.313   -8.704  1.00 7.00  ? 79  ARG A CA  1 
ATOM   626  C C   . ARG A 1 79  ? -9.504  3.989   -8.639  1.00 6.02  ? 79  ARG A C   1 
ATOM   627  O O   . ARG A 1 79  ? -9.304  3.203   -7.706  1.00 5.78  ? 79  ARG A O   1 
ATOM   628  C CB  . ARG A 1 79  ? -7.261  5.066   -8.941  1.00 7.30  ? 79  ARG A CB  1 
ATOM   629  C CG  . ARG A 1 79  ? -6.478  6.285   -9.397  1.00 8.03  ? 79  ARG A CG  1 
ATOM   630  C CD  . ARG A 1 79  ? -4.993  5.972   -9.534  1.00 8.30  ? 79  ARG A CD  1 
ATOM   631  N NE  . ARG A 1 79  ? -4.363  5.673   -8.251  1.00 8.44  ? 79  ARG A NE  1 
ATOM   632  C CZ  . ARG A 1 79  ? -3.909  4.474   -7.900  1.00 8.30  ? 79  ARG A CZ  1 
ATOM   633  N NH1 . ARG A 1 79  ? -4.011  3.451   -8.738  1.00 7.24  ? 79  ARG A NH1 1 
ATOM   634  N NH2 . ARG A 1 79  ? -3.350  4.297   -6.711  1.00 8.40  ? 79  ARG A NH2 1 
ATOM   635  N N   . ASN A 1 80  ? -10.369 3.750   -9.621  1.00 7.36  ? 80  ASN A N   1 
ATOM   636  C CA  . ASN A 1 80  ? -11.065 2.474   -9.743  1.00 6.97  ? 80  ASN A CA  1 
ATOM   637  C C   . ASN A 1 80  ? -10.161 1.509   -10.501 1.00 6.88  ? 80  ASN A C   1 
ATOM   638  O O   . ASN A 1 80  ? -9.955  1.660   -11.710 1.00 6.99  ? 80  ASN A O   1 
ATOM   639  C CB  . ASN A 1 80  ? -12.403 2.655   -10.453 1.00 6.46  ? 80  ASN A CB  1 
ATOM   640  C CG  . ASN A 1 80  ? -13.499 3.131   -9.519  1.00 6.11  ? 80  ASN A CG  1 
ATOM   641  O OD1 . ASN A 1 80  ? -13.562 2.723   -8.359  1.00 6.58  ? 80  ASN A OD1 1 
ATOM   642  N ND2 . ASN A 1 80  ? -14.372 3.996   -10.022 1.00 5.83  ? 80  ASN A ND2 1 
ATOM   643  N N   . CYS A 1 81  ? -9.622  0.518   -9.796  1.00 5.88  ? 81  CYS A N   1 
ATOM   644  C CA  . CYS A 1 81  ? -8.582  -0.350  -10.317 1.00 6.01  ? 81  CYS A CA  1 
ATOM   645  C C   . CYS A 1 81  ? -9.029  -1.805  -10.275 1.00 5.96  ? 81  CYS A C   1 
ATOM   646  O O   . CYS A 1 81  ? -9.835  -2.206  -9.430  1.00 5.76  ? 81  CYS A O   1 
ATOM   647  C CB  . CYS A 1 81  ? -7.286  -0.210  -9.502  1.00 6.06  ? 81  CYS A CB  1 
ATOM   648  S SG  . CYS A 1 81  ? -6.610  1.461   -9.391  1.00 6.87  ? 81  CYS A SG  1 
ATOM   649  N N   . LYS A 1 82  ? -8.494  -2.582  -11.209 1.00 5.88  ? 82  LYS A N   1 
ATOM   650  C CA  . LYS A 1 82  ? -8.458  -4.034  -11.102 1.00 5.51  ? 82  LYS A CA  1 
ATOM   651  C C   . LYS A 1 82  ? -7.133  -4.407  -10.448 1.00 5.54  ? 82  LYS A C   1 
ATOM   652  O O   . LYS A 1 82  ? -6.065  -4.077  -10.976 1.00 5.72  ? 82  LYS A O   1 
ATOM   653  C CB  . LYS A 1 82  ? -8.590  -4.680  -12.480 1.00 5.43  ? 82  LYS A CB  1 
ATOM   654  C CG  . LYS A 1 82  ? -9.938  -4.468  -13.147 1.00 4.84  ? 82  LYS A CG  1 
ATOM   655  C CD  . LYS A 1 82  ? -11.034 -5.219  -12.416 1.00 4.78  ? 82  LYS A CD  1 
ATOM   656  C CE  . LYS A 1 82  ? -12.287 -5.341  -13.266 1.00 4.68  ? 82  LYS A CE  1 
ATOM   657  N NZ  . LYS A 1 82  ? -13.365 -6.062  -12.538 1.00 5.11  ? 82  LYS A NZ  1 
ATOM   658  N N   . SER A 1 83  ? -7.193  -5.066  -9.294  1.00 5.78  ? 83  SER A N   1 
ATOM   659  C CA  . SER A 1 83  ? -6.009  -5.278  -8.478  1.00 5.99  ? 83  SER A CA  1 
ATOM   660  C C   . SER A 1 83  ? -5.821  -6.761  -8.199  1.00 6.19  ? 83  SER A C   1 
ATOM   661  O O   . SER A 1 83  ? -6.787  -7.523  -8.112  1.00 6.27  ? 83  SER A O   1 
ATOM   662  C CB  . SER A 1 83  ? -6.104  -4.509  -7.154  1.00 5.62  ? 83  SER A CB  1 
ATOM   663  O OG  . SER A 1 83  ? -5.958  -3.117  -7.365  1.00 6.00  ? 83  SER A OG  1 
ATOM   664  N N   . VAL A 1 84  ? -4.557  -7.158  -8.073  1.00 6.62  ? 84  VAL A N   1 
ATOM   665  C CA  . VAL A 1 84  ? -4.190  -8.526  -7.707  1.00 6.63  ? 84  VAL A CA  1 
ATOM   666  C C   . VAL A 1 84  ? -3.033  -8.473  -6.722  1.00 7.04  ? 84  VAL A C   1 
ATOM   667  O O   . VAL A 1 84  ? -2.043  -7.781  -6.962  1.00 7.26  ? 84  VAL A O   1 
ATOM   668  C CB  . VAL A 1 84  ? -3.787  -9.385  -8.926  1.00 6.78  ? 84  VAL A CB  1 
ATOM   669  C CG1 . VAL A 1 84  ? -3.587  -10.834 -8.502  1.00 6.62  ? 84  VAL A CG1 1 
ATOM   670  C CG2 . VAL A 1 84  ? -4.821  -9.296  -10.036 1.00 6.25  ? 84  VAL A CG2 1 
ATOM   671  N N   . VAL A 1 85  ? -3.136  -9.221  -5.630  1.00 5.95  ? 85  VAL A N   1 
ATOM   672  C CA  . VAL A 1 85  ? -2.045  -9.351  -4.672  1.00 5.97  ? 85  VAL A CA  1 
ATOM   673  C C   . VAL A 1 85  ? -1.605  -10.809 -4.654  1.00 6.00  ? 85  VAL A C   1 
ATOM   674  O O   . VAL A 1 85  ? -2.442  -11.716 -4.608  1.00 6.18  ? 85  VAL A O   1 
ATOM   675  C CB  . VAL A 1 85  ? -2.449  -8.871  -3.265  1.00 5.76  ? 85  VAL A CB  1 
ATOM   676  C CG1 . VAL A 1 85  ? -1.256  -8.922  -2.320  1.00 5.87  ? 85  VAL A CG1 1 
ATOM   677  C CG2 . VAL A 1 85  ? -3.028  -7.464  -3.330  1.00 5.93  ? 85  VAL A CG2 1 
ATOM   678  N N   . SER A 1 86  ? -0.293  -11.027 -4.695  1.00 8.34  ? 86  SER A N   1 
ATOM   679  C CA  . SER A 1 86  ? 0.256   -12.373 -4.773  1.00 8.13  ? 86  SER A CA  1 
ATOM   680  C C   . SER A 1 86  ? 1.520   -12.472 -3.931  1.00 8.36  ? 86  SER A C   1 
ATOM   681  O O   . SER A 1 86  ? 2.132   -11.467 -3.566  1.00 9.41  ? 86  SER A O   1 
ATOM   682  C CB  . SER A 1 86  ? 0.564   -12.776 -6.223  1.00 8.40  ? 86  SER A CB  1 
ATOM   683  O OG  . SER A 1 86  ? 1.471   -11.868 -6.826  1.00 8.90  ? 86  SER A OG  1 
ATOM   684  N N   . LEU A 1 87  ? 1.904   -13.709 -3.625  1.00 11.79 ? 87  LEU A N   1 
ATOM   685  C CA  . LEU A 1 87  ? 3.159   -13.963 -2.935  1.00 12.02 ? 87  LEU A CA  1 
ATOM   686  C C   . LEU A 1 87  ? 4.276   -14.108 -3.959  1.00 12.03 ? 87  LEU A C   1 
ATOM   687  O O   . LEU A 1 87  ? 4.113   -14.774 -4.985  1.00 11.46 ? 87  LEU A O   1 
ATOM   688  C CB  . LEU A 1 87  ? 3.068   -15.216 -2.063  1.00 11.81 ? 87  LEU A CB  1 
ATOM   689  C CG  . LEU A 1 87  ? 2.508   -15.068 -0.643  1.00 11.83 ? 87  LEU A CG  1 
ATOM   690  C CD1 . LEU A 1 87  ? 2.244   -16.436 -0.033  1.00 10.90 ? 87  LEU A CD1 1 
ATOM   691  C CD2 . LEU A 1 87  ? 3.450   -14.263 0.245   1.00 11.23 ? 87  LEU A CD2 1 
ATOM   692  N N   . ASP A 1 88  ? 5.407   -13.471 -3.673  1.00 15.08 ? 88  ASP A N   1 
ATOM   693  C CA  . ASP A 1 88  ? 6.586   -13.437 -4.530  1.00 15.03 ? 88  ASP A CA  1 
ATOM   694  C C   . ASP A 1 88  ? 7.738   -13.706 -3.568  1.00 15.25 ? 88  ASP A C   1 
ATOM   695  O O   . ASP A 1 88  ? 8.272   -12.778 -2.953  1.00 15.28 ? 88  ASP A O   1 
ATOM   696  C CB  . ASP A 1 88  ? 6.709   -12.090 -5.230  1.00 15.06 ? 88  ASP A CB  1 
ATOM   697  C CG  . ASP A 1 88  ? 7.743   -12.091 -6.325  1.00 16.28 ? 88  ASP A CG  1 
ATOM   698  O OD1 . ASP A 1 88  ? 7.827   -13.102 -7.054  1.00 16.56 ? 88  ASP A OD1 1 
ATOM   699  O OD2 . ASP A 1 88  ? 8.472   -11.085 -6.456  1.00 17.82 ? 88  ASP A OD2 1 
ATOM   700  N N   . GLY A 1 89  ? 8.087   -14.976 -3.411  1.00 9.77  ? 89  GLY A N   1 
ATOM   701  C CA  . GLY A 1 89  ? 9.009   -15.346 -2.352  1.00 10.61 ? 89  GLY A CA  1 
ATOM   702  C C   . GLY A 1 89  ? 8.415   -14.969 -1.007  1.00 10.03 ? 89  GLY A C   1 
ATOM   703  O O   . GLY A 1 89  ? 7.308   -15.391 -0.649  1.00 9.83  ? 89  GLY A O   1 
ATOM   704  N N   . ASP A 1 90  ? 9.142   -14.148 -0.254  1.00 14.30 ? 90  ASP A N   1 
ATOM   705  C CA  . ASP A 1 90  ? 8.688   -13.671 1.045   1.00 13.94 ? 90  ASP A CA  1 
ATOM   706  C C   . ASP A 1 90  ? 7.987   -12.321 0.967   1.00 13.77 ? 90  ASP A C   1 
ATOM   707  O O   . ASP A 1 90  ? 7.670   -11.740 2.010   1.00 14.06 ? 90  ASP A O   1 
ATOM   708  C CB  . ASP A 1 90  ? 9.868   -13.580 2.017   1.00 13.51 ? 90  ASP A CB  1 
ATOM   709  C CG  . ASP A 1 90  ? 10.504  -14.929 2.293   1.00 13.64 ? 90  ASP A CG  1 
ATOM   710  O OD1 . ASP A 1 90  ? 11.724  -14.969 2.559   1.00 13.79 ? 90  ASP A OD1 1 
ATOM   711  O OD2 . ASP A 1 90  ? 9.783   -15.949 2.249   1.00 13.72 ? 90  ASP A OD2 1 
ATOM   712  N N   . LYS A 1 91  ? 7.734   -11.809 -0.234  1.00 9.85  ? 91  LYS A N   1 
ATOM   713  C CA  . LYS A 1 91  ? 7.175   -10.477 -0.402  1.00 9.90  ? 91  LYS A CA  1 
ATOM   714  C C   . LYS A 1 91  ? 5.760   -10.562 -0.964  1.00 10.01 ? 91  LYS A C   1 
ATOM   715  O O   . LYS A 1 91  ? 5.379   -11.554 -1.585  1.00 10.03 ? 91  LYS A O   1 
ATOM   716  C CB  . LYS A 1 91  ? 8.066   -9.629  -1.317  1.00 10.21 ? 91  LYS A CB  1 
ATOM   717  C CG  . LYS A 1 91  ? 9.502   -9.515  -0.816  1.00 10.36 ? 91  LYS A CG  1 
ATOM   718  C CD  . LYS A 1 91  ? 10.334  -8.560  -1.658  1.00 11.07 ? 91  LYS A CD  1 
ATOM   719  C CE  . LYS A 1 91  ? 11.794  -8.574  -1.225  1.00 10.97 ? 91  LYS A CE  1 
ATOM   720  N NZ  . LYS A 1 91  ? 12.714  -8.247  -2.351  1.00 10.78 ? 91  LYS A NZ  1 
ATOM   721  N N   . LEU A 1 92  ? 4.973   -9.523  -0.715  1.00 8.14  ? 92  LEU A N   1 
ATOM   722  C CA  . LEU A 1 92  ? 3.641   -9.395  -1.291  1.00 8.14  ? 92  LEU A CA  1 
ATOM   723  C C   . LEU A 1 92  ? 3.689   -8.383  -2.427  1.00 8.50  ? 92  LEU A C   1 
ATOM   724  O O   . LEU A 1 92  ? 4.200   -7.276  -2.256  1.00 8.70  ? 92  LEU A O   1 
ATOM   725  C CB  . LEU A 1 92  ? 2.620   -8.962  -0.235  1.00 8.45  ? 92  LEU A CB  1 
ATOM   726  C CG  . LEU A 1 92  ? 2.213   -9.985  0.831   1.00 8.35  ? 92  LEU A CG  1 
ATOM   727  C CD1 . LEU A 1 92  ? 1.386   -9.322  1.922   1.00 8.29  ? 92  LEU A CD1 1 
ATOM   728  C CD2 . LEU A 1 92  ? 1.447   -11.146 0.212   1.00 8.17  ? 92  LEU A CD2 1 
ATOM   729  N N   . VAL A 1 93  ? 3.172   -8.767  -3.587  1.00 8.38  ? 93  VAL A N   1 
ATOM   730  C CA  . VAL A 1 93  ? 3.135   -7.899  -4.756  1.00 8.86  ? 93  VAL A CA  1 
ATOM   731  C C   . VAL A 1 93  ? 1.684   -7.538  -5.021  1.00 8.47  ? 93  VAL A C   1 
ATOM   732  O O   . VAL A 1 93  ? 0.852   -8.421  -5.265  1.00 8.39  ? 93  VAL A O   1 
ATOM   733  C CB  . VAL A 1 93  ? 3.777   -8.561  -5.982  1.00 9.39  ? 93  VAL A CB  1 
ATOM   734  C CG1 . VAL A 1 93  ? 3.695   -7.629  -7.175  1.00 9.86  ? 93  VAL A CG1 1 
ATOM   735  C CG2 . VAL A 1 93  ? 5.221   -8.913  -5.685  1.00 9.12  ? 93  VAL A CG2 1 
ATOM   736  N N   . HIS A 1 94  ? 1.389   -6.241  -4.955  1.00 7.18  ? 94  HIS A N   1 
ATOM   737  C CA  . HIS A 1 94  ? 0.062   -5.668  -5.153  1.00 6.73  ? 94  HIS A CA  1 
ATOM   738  C C   . HIS A 1 94  ? 0.077   -4.891  -6.463  1.00 6.92  ? 94  HIS A C   1 
ATOM   739  O O   . HIS A 1 94  ? 0.731   -3.850  -6.564  1.00 6.93  ? 94  HIS A O   1 
ATOM   740  C CB  . HIS A 1 94  ? -0.291  -4.759  -3.977  1.00 6.45  ? 94  HIS A CB  1 
ATOM   741  C CG  . HIS A 1 94  ? -1.684  -4.209  -4.014  1.00 6.60  ? 94  HIS A CG  1 
ATOM   742  N ND1 . HIS A 1 94  ? -2.291  -3.667  -2.903  1.00 6.65  ? 94  HIS A ND1 1 
ATOM   743  C CD2 . HIS A 1 94  ? -2.584  -4.112  -5.021  1.00 6.25  ? 94  HIS A CD2 1 
ATOM   744  C CE1 . HIS A 1 94  ? -3.505  -3.251  -3.224  1.00 5.65  ? 94  HIS A CE1 1 
ATOM   745  N NE2 . HIS A 1 94  ? -3.707  -3.512  -4.502  1.00 6.18  ? 94  HIS A NE2 1 
ATOM   746  N N   . ILE A 1 95  ? -0.647  -5.384  -7.458  1.00 7.62  ? 95  ILE A N   1 
ATOM   747  C CA  . ILE A 1 95  ? -0.718  -4.772  -8.778  1.00 7.00  ? 95  ILE A CA  1 
ATOM   748  C C   . ILE A 1 95  ? -2.062  -4.075  -8.912  1.00 6.58  ? 95  ILE A C   1 
ATOM   749  O O   . ILE A 1 95  ? -3.099  -4.638  -8.540  1.00 6.30  ? 95  ILE A O   1 
ATOM   750  C CB  . ILE A 1 95  ? -0.538  -5.825  -9.888  1.00 7.78  ? 95  ILE A CB  1 
ATOM   751  C CG1 . ILE A 1 95  ? 0.765   -6.592  -9.675  1.00 8.60  ? 95  ILE A CG1 1 
ATOM   752  C CG2 . ILE A 1 95  ? -0.545  -5.168  -11.254 1.00 7.22  ? 95  ILE A CG2 1 
ATOM   753  C CD1 . ILE A 1 95  ? 0.887   -7.830  -10.530 1.00 9.67  ? 95  ILE A CD1 1 
ATOM   754  N N   . GLN A 1 96  ? -2.041  -2.855  -9.457  1.00 5.08  ? 96  GLN A N   1 
ATOM   755  C CA  . GLN A 1 96  ? -3.246  -2.079  -9.714  1.00 4.74  ? 96  GLN A CA  1 
ATOM   756  C C   . GLN A 1 96  ? -3.244  -1.646  -11.173 1.00 5.14  ? 96  GLN A C   1 
ATOM   757  O O   . GLN A 1 96  ? -2.268  -1.048  -11.640 1.00 5.59  ? 96  GLN A O   1 
ATOM   758  C CB  . GLN A 1 96  ? -3.311  -0.848  -8.805  1.00 3.98  ? 96  GLN A CB  1 
ATOM   759  C CG  . GLN A 1 96  ? -3.457  -1.149  -7.323  1.00 4.66  ? 96  GLN A CG  1 
ATOM   760  C CD  . GLN A 1 96  ? -3.652  0.109   -6.499  1.00 4.63  ? 96  GLN A CD  1 
ATOM   761  O OE1 . GLN A 1 96  ? -3.379  1.216   -6.964  1.00 4.86  ? 96  GLN A OE1 1 
ATOM   762  N NE2 . GLN A 1 96  ? -4.121  -0.054  -5.267  1.00 4.60  ? 96  GLN A NE2 1 
ATOM   763  N N   . LYS A 1 97  ? -4.333  -1.940  -11.884 1.00 7.85  ? 97  LYS A N   1 
ATOM   764  C CA  . LYS A 1 97  ? -4.510  -1.548  -13.277 1.00 7.37  ? 97  LYS A CA  1 
ATOM   765  C C   . LYS A 1 97  ? -5.728  -0.643  -13.387 1.00 7.27  ? 97  LYS A C   1 
ATOM   766  O O   . LYS A 1 97  ? -6.779  -0.946  -12.816 1.00 7.12  ? 97  LYS A O   1 
ATOM   767  C CB  . LYS A 1 97  ? -4.694  -2.776  -14.175 1.00 7.49  ? 97  LYS A CB  1 
ATOM   768  C CG  . LYS A 1 97  ? -3.574  -3.798  -14.101 1.00 7.61  ? 97  LYS A CG  1 
ATOM   769  C CD  . LYS A 1 97  ? -3.502  -4.620  -15.377 1.00 7.39  ? 97  LYS A CD  1 
ATOM   770  C CE  . LYS A 1 97  ? -2.649  -5.864  -15.186 1.00 6.89  ? 97  LYS A CE  1 
ATOM   771  N NZ  . LYS A 1 97  ? -3.463  -7.111  -15.244 1.00 6.53  ? 97  LYS A NZ  1 
ATOM   772  N N   . TRP A 1 98  ? -5.598  0.453   -14.132 1.00 5.23  ? 98  TRP A N   1 
ATOM   773  C CA  . TRP A 1 98  ? -6.705  1.391   -14.281 1.00 5.48  ? 98  TRP A CA  1 
ATOM   774  C C   . TRP A 1 98  ? -6.428  2.334   -15.444 1.00 5.58  ? 98  TRP A C   1 
ATOM   775  O O   . TRP A 1 98  ? -5.317  2.850   -15.578 1.00 6.03  ? 98  TRP A O   1 
ATOM   776  C CB  . TRP A 1 98  ? -6.925  2.211   -13.003 1.00 5.32  ? 98  TRP A CB  1 
ATOM   777  C CG  . TRP A 1 98  ? -5.985  3.358   -12.924 1.00 5.58  ? 98  TRP A CG  1 
ATOM   778  C CD1 . TRP A 1 98  ? -6.277  4.672   -13.146 1.00 5.34  ? 98  TRP A CD1 1 
ATOM   779  C CD2 . TRP A 1 98  ? -4.584  3.298   -12.644 1.00 5.79  ? 98  TRP A CD2 1 
ATOM   780  N NE1 . TRP A 1 98  ? -5.144  5.436   -13.009 1.00 5.70  ? 98  TRP A NE1 1 
ATOM   781  C CE2 . TRP A 1 98  ? -4.091  4.616   -12.700 1.00 5.88  ? 98  TRP A CE2 1 
ATOM   782  C CE3 . TRP A 1 98  ? -3.699  2.259   -12.343 1.00 5.75  ? 98  TRP A CE3 1 
ATOM   783  C CZ2 . TRP A 1 98  ? -2.755  4.922   -12.464 1.00 6.54  ? 98  TRP A CZ2 1 
ATOM   784  C CZ3 . TRP A 1 98  ? -2.373  2.564   -12.110 1.00 5.83  ? 98  TRP A CZ3 1 
ATOM   785  C CH2 . TRP A 1 98  ? -1.913  3.883   -12.174 1.00 6.48  ? 98  TRP A CH2 1 
ATOM   786  N N   . ASP A 1 99  ? -7.455  2.571   -16.263 1.00 8.96  ? 99  ASP A N   1 
ATOM   787  C CA  . ASP A 1 99  ? -7.376  3.533   -17.366 1.00 8.67  ? 99  ASP A CA  1 
ATOM   788  C C   . ASP A 1 99  ? -6.190  3.235   -18.281 1.00 8.85  ? 99  ASP A C   1 
ATOM   789  O O   . ASP A 1 99  ? -5.493  4.138   -18.749 1.00 8.99  ? 99  ASP A O   1 
ATOM   790  C CB  . ASP A 1 99  ? -7.304  4.970   -16.839 1.00 8.90  ? 99  ASP A CB  1 
ATOM   791  C CG  . ASP A 1 99  ? -8.578  5.404   -16.128 1.00 9.01  ? 99  ASP A CG  1 
ATOM   792  O OD1 . ASP A 1 99  ? -8.530  6.359   -15.325 1.00 9.32  ? 99  ASP A OD1 1 
ATOM   793  O OD2 . ASP A 1 99  ? -9.634  4.783   -16.380 1.00 8.64  ? 99  ASP A OD2 1 
ATOM   794  N N   . GLY A 1 100 ? -5.949  1.948   -18.531 1.00 7.94  ? 100 GLY A N   1 
ATOM   795  C CA  . GLY A 1 100 ? -4.860  1.522   -19.386 1.00 8.30  ? 100 GLY A CA  1 
ATOM   796  C C   . GLY A 1 100 ? -3.483  1.583   -18.761 1.00 8.87  ? 100 GLY A C   1 
ATOM   797  O O   . GLY A 1 100 ? -2.509  1.183   -19.412 1.00 9.06  ? 100 GLY A O   1 
ATOM   798  N N   . LYS A 1 101 ? -3.371  2.063   -17.523 1.00 7.14  ? 101 LYS A N   1 
ATOM   799  C CA  . LYS A 1 101 ? -2.116  2.214   -16.809 1.00 7.48  ? 101 LYS A CA  1 
ATOM   800  C C   . LYS A 1 101 ? -2.011  1.169   -15.699 1.00 7.56  ? 101 LYS A C   1 
ATOM   801  O O   . LYS A 1 101 ? -2.975  0.475   -15.371 1.00 7.34  ? 101 LYS A O   1 
ATOM   802  C CB  . LYS A 1 101 ? -2.005  3.615   -16.206 1.00 7.42  ? 101 LYS A CB  1 
ATOM   803  C CG  . LYS A 1 101 ? -1.466  4.690   -17.121 1.00 7.67  ? 101 LYS A CG  1 
ATOM   804  C CD  . LYS A 1 101 ? -1.518  6.024   -16.397 1.00 7.84  ? 101 LYS A CD  1 
ATOM   805  C CE  . LYS A 1 101 ? -2.923  6.599   -16.404 1.00 7.68  ? 101 LYS A CE  1 
ATOM   806  N NZ  . LYS A 1 101 ? -2.936  8.042   -16.765 1.00 7.60  ? 101 LYS A NZ  1 
ATOM   807  N N   . GLU A 1 102 ? -0.834  1.101   -15.079 1.00 9.71  ? 102 GLU A N   1 
ATOM   808  C CA  . GLU A 1 102 ? -0.571  0.125   -14.032 1.00 9.85  ? 102 GLU A CA  1 
ATOM   809  C C   . GLU A 1 102 ? 0.469   0.679   -13.066 1.00 9.70  ? 102 GLU A C   1 
ATOM   810  O O   . GLU A 1 102 ? 1.359   1.437   -13.460 1.00 10.35 ? 102 GLU A O   1 
ATOM   811  C CB  . GLU A 1 102 ? -0.091  -1.200  -14.630 1.00 10.51 ? 102 GLU A CB  1 
ATOM   812  C CG  . GLU A 1 102 ? -0.032  -2.356  -13.656 1.00 10.02 ? 102 GLU A CG  1 
ATOM   813  C CD  . GLU A 1 102 ? 0.867   -3.466  -14.154 1.00 10.24 ? 102 GLU A CD  1 
ATOM   814  O OE1 . GLU A 1 102 ? 1.894   -3.741  -13.500 1.00 10.58 ? 102 GLU A OE1 1 
ATOM   815  O OE2 . GLU A 1 102 ? 0.552   -4.054  -15.208 1.00 9.82  ? 102 GLU A OE2 1 
ATOM   816  N N   . THR A 1 103 ? 0.340   0.293   -11.796 1.00 5.68  ? 103 THR A N   1 
ATOM   817  C CA  . THR A 1 103 ? 1.339   0.616   -10.782 1.00 5.27  ? 103 THR A CA  1 
ATOM   818  C C   . THR A 1 103 ? 1.431   -0.536  -9.791  1.00 5.87  ? 103 THR A C   1 
ATOM   819  O O   . THR A 1 103 ? 0.473   -1.299  -9.615  1.00 5.73  ? 103 THR A O   1 
ATOM   820  C CB  . THR A 1 103 ? 1.018   1.923   -10.045 1.00 5.22  ? 103 THR A CB  1 
ATOM   821  O OG1 . THR A 1 103 ? 2.167   2.340   -9.295  1.00 5.84  ? 103 THR A OG1 1 
ATOM   822  C CG2 . THR A 1 103 ? -0.161  1.740   -9.099  1.00 4.80  ? 103 THR A CG2 1 
ATOM   823  N N   . ASN A 1 104 ? 2.591   -0.678  -9.144  1.00 6.35  ? 104 ASN A N   1 
ATOM   824  C CA  . ASN A 1 104 ? 2.752   -1.835  -8.273  1.00 7.18  ? 104 ASN A CA  1 
ATOM   825  C C   . ASN A 1 104 ? 3.409   -1.485  -6.946  1.00 7.54  ? 104 ASN A C   1 
ATOM   826  O O   . ASN A 1 104 ? 4.251   -0.590  -6.850  1.00 7.49  ? 104 ASN A O   1 
ATOM   827  C CB  . ASN A 1 104 ? 3.540   -2.970  -8.960  1.00 8.04  ? 104 ASN A CB  1 
ATOM   828  C CG  . ASN A 1 104 ? 4.983   -2.612  -9.223  1.00 8.43  ? 104 ASN A CG  1 
ATOM   829  O OD1 . ASN A 1 104 ? 5.855   -2.837  -8.385  1.00 8.46  ? 104 ASN A OD1 1 
ATOM   830  N ND2 . ASN A 1 104 ? 5.248   -2.062  -10.401 1.00 8.23  ? 104 ASN A ND2 1 
ATOM   831  N N   . PHE A 1 105 ? 2.988   -2.223  -5.919  1.00 8.10  ? 105 PHE A N   1 
ATOM   832  C CA  . PHE A 1 105 ? 3.484   -2.122  -4.557  1.00 7.22  ? 105 PHE A CA  1 
ATOM   833  C C   . PHE A 1 105 ? 4.151   -3.445  -4.199  1.00 7.35  ? 105 PHE A C   1 
ATOM   834  O O   . PHE A 1 105 ? 3.667   -4.513  -4.583  1.00 7.85  ? 105 PHE A O   1 
ATOM   835  C CB  . PHE A 1 105 ? 2.345   -1.851  -3.556  1.00 7.69  ? 105 PHE A CB  1 
ATOM   836  C CG  . PHE A 1 105 ? 1.408   -0.732  -3.950  1.00 7.68  ? 105 PHE A CG  1 
ATOM   837  C CD1 . PHE A 1 105 ? 1.816   0.310   -4.769  1.00 7.92  ? 105 PHE A CD1 1 
ATOM   838  C CD2 . PHE A 1 105 ? 0.101   -0.733  -3.487  1.00 7.69  ? 105 PHE A CD2 1 
ATOM   839  C CE1 . PHE A 1 105 ? 0.937   1.324   -5.118  1.00 7.60  ? 105 PHE A CE1 1 
ATOM   840  C CE2 . PHE A 1 105 ? -0.779  0.276   -3.828  1.00 7.67  ? 105 PHE A CE2 1 
ATOM   841  C CZ  . PHE A 1 105 ? -0.362  1.305   -4.645  1.00 7.50  ? 105 PHE A CZ  1 
ATOM   842  N N   . VAL A 1 106 ? 5.255   -3.377  -3.466  1.00 7.70  ? 106 VAL A N   1 
ATOM   843  C CA  . VAL A 1 106 ? 5.984   -4.559  -3.013  1.00 7.55  ? 106 VAL A CA  1 
ATOM   844  C C   . VAL A 1 106 ? 6.192   -4.427  -1.513  1.00 7.41  ? 106 VAL A C   1 
ATOM   845  O O   . VAL A 1 106 ? 6.942   -3.556  -1.061  1.00 7.51  ? 106 VAL A O   1 
ATOM   846  C CB  . VAL A 1 106 ? 7.328   -4.726  -3.739  1.00 7.27  ? 106 VAL A CB  1 
ATOM   847  C CG1 . VAL A 1 106 ? 8.106   -5.897  -3.151  1.00 7.37  ? 106 VAL A CG1 1 
ATOM   848  C CG2 . VAL A 1 106 ? 7.106   -4.923  -5.230  1.00 8.05  ? 106 VAL A CG2 1 
ATOM   849  N N   . ARG A 1 107 ? 5.525   -5.281  -0.748  1.00 8.89  ? 107 ARG A N   1 
ATOM   850  C CA  . ARG A 1 107 ? 5.604   -5.291  0.704   1.00 9.34  ? 107 ARG A CA  1 
ATOM   851  C C   . ARG A 1 107 ? 6.585   -6.369  1.140   1.00 9.43  ? 107 ARG A C   1 
ATOM   852  O O   . ARG A 1 107 ? 6.433   -7.537  0.768   1.00 9.55  ? 107 ARG A O   1 
ATOM   853  C CB  . ARG A 1 107 ? 4.228   -5.556  1.314   1.00 9.48  ? 107 ARG A CB  1 
ATOM   854  C CG  . ARG A 1 107 ? 3.350   -4.329  1.431   1.00 9.14  ? 107 ARG A CG  1 
ATOM   855  C CD  . ARG A 1 107 ? 1.985   -4.705  1.976   1.00 8.84  ? 107 ARG A CD  1 
ATOM   856  N NE  . ARG A 1 107 ? 1.335   -3.589  2.650   1.00 8.54  ? 107 ARG A NE  1 
ATOM   857  C CZ  . ARG A 1 107 ? 0.389   -2.836  2.102   1.00 8.68  ? 107 ARG A CZ  1 
ATOM   858  N NH1 . ARG A 1 107 ? -0.016  -3.071  0.862   1.00 8.61  ? 107 ARG A NH1 1 
ATOM   859  N NH2 . ARG A 1 107 ? -0.149  -1.841  2.793   1.00 8.52  ? 107 ARG A NH2 1 
ATOM   860  N N   . GLU A 1 108 ? 7.585   -5.980  1.925   1.00 7.98  ? 108 GLU A N   1 
ATOM   861  C CA  . GLU A 1 108 ? 8.589   -6.911  2.410   1.00 8.01  ? 108 GLU A CA  1 
ATOM   862  C C   . GLU A 1 108 ? 8.865   -6.611  3.874   1.00 7.93  ? 108 GLU A C   1 
ATOM   863  O O   . GLU A 1 108 ? 8.487   -5.559  4.393   1.00 7.69  ? 108 GLU A O   1 
ATOM   864  C CB  . GLU A 1 108 ? 9.884   -6.813  1.600   1.00 8.11  ? 108 GLU A CB  1 
ATOM   865  C CG  . GLU A 1 108 ? 10.691  -5.566  1.915   1.00 7.92  ? 108 GLU A CG  1 
ATOM   866  C CD  . GLU A 1 108 ? 11.909  -5.419  1.031   1.00 8.31  ? 108 GLU A CD  1 
ATOM   867  O OE1 . GLU A 1 108 ? 12.840  -6.242  1.156   1.00 8.52  ? 108 GLU A OE1 1 
ATOM   868  O OE2 . GLU A 1 108 ? 11.933  -4.482  0.205   1.00 8.01  ? 108 GLU A OE2 1 
ATOM   869  N N   . ILE A 1 109 ? 9.532   -7.547  4.537   1.00 6.99  ? 109 ILE A N   1 
ATOM   870  C CA  . ILE A 1 109 ? 9.955   -7.382  5.921   1.00 6.85  ? 109 ILE A CA  1 
ATOM   871  C C   . ILE A 1 109 ? 11.474  -7.374  5.931   1.00 6.83  ? 109 ILE A C   1 
ATOM   872  O O   . ILE A 1 109 ? 12.110  -8.417  5.743   1.00 5.98  ? 109 ILE A O   1 
ATOM   873  C CB  . ILE A 1 109 ? 9.402   -8.484  6.832   1.00 7.09  ? 109 ILE A CB  1 
ATOM   874  C CG1 . ILE A 1 109 ? 7.872   -8.502  6.786   1.00 6.58  ? 109 ILE A CG1 1 
ATOM   875  C CG2 . ILE A 1 109 ? 9.901   -8.280  8.254   1.00 7.15  ? 109 ILE A CG2 1 
ATOM   876  C CD1 . ILE A 1 109 ? 7.234   -7.199  7.229   1.00 6.58  ? 109 ILE A CD1 1 
ATOM   877  N N   . LYS A 1 110 ? 12.068  -6.204  6.128   1.00 12.57 ? 110 LYS A N   1 
ATOM   878  C CA  . LYS A 1 110 ? 13.513  -6.110  6.272   1.00 12.33 ? 110 LYS A CA  1 
ATOM   879  C C   . LYS A 1 110 ? 13.817  -5.613  7.672   1.00 11.92 ? 110 LYS A C   1 
ATOM   880  O O   . LYS A 1 110 ? 13.284  -4.581  8.090   1.00 11.87 ? 110 LYS A O   1 
ATOM   881  C CB  . LYS A 1 110 ? 14.171  -5.192  5.238   1.00 11.93 ? 110 LYS A CB  1 
ATOM   882  C CG  . LYS A 1 110 ? 15.662  -5.494  5.194   1.00 11.35 ? 110 LYS A CG  1 
ATOM   883  C CD  . LYS A 1 110 ? 16.533  -4.528  4.410   1.00 11.64 ? 110 LYS A CD  1 
ATOM   884  C CE  . LYS A 1 110 ? 17.024  -5.096  3.093   1.00 12.74 ? 110 LYS A CE  1 
ATOM   885  N NZ  . LYS A 1 110 ? 17.304  -4.049  2.054   1.00 12.94 ? 110 LYS A NZ  1 
ATOM   886  N N   . ASP A 1 111 ? 14.662  -6.355  8.385   1.00 13.63 ? 111 ASP A N   1 
ATOM   887  C CA  . ASP A 1 111 ? 15.158  -5.966  9.705   1.00 13.24 ? 111 ASP A CA  1 
ATOM   888  C C   . ASP A 1 111 ? 14.026  -5.533  10.638  1.00 13.43 ? 111 ASP A C   1 
ATOM   889  O O   . ASP A 1 111 ? 14.070  -4.471  11.264  1.00 13.88 ? 111 ASP A O   1 
ATOM   890  C CB  . ASP A 1 111 ? 16.213  -4.871  9.569   1.00 12.67 ? 111 ASP A CB  1 
ATOM   891  C CG  . ASP A 1 111 ? 17.294  -5.238  8.572   1.00 12.42 ? 111 ASP A CG  1 
ATOM   892  O OD1 . ASP A 1 111 ? 17.500  -6.447  8.339   1.00 12.49 ? 111 ASP A OD1 1 
ATOM   893  O OD2 . ASP A 1 111 ? 17.934  -4.319  8.018   1.00 12.42 ? 111 ASP A OD2 1 
ATOM   894  N N   . GLY A 1 112 ? 12.998  -6.381  10.730  1.00 7.23  ? 112 GLY A N   1 
ATOM   895  C CA  . GLY A 1 112 ? 11.848  -6.126  11.572  1.00 7.49  ? 112 GLY A CA  1 
ATOM   896  C C   . GLY A 1 112 ? 10.855  -5.116  11.038  1.00 8.17  ? 112 GLY A C   1 
ATOM   897  O O   . GLY A 1 112 ? 9.687   -5.146  11.445  1.00 8.13  ? 112 GLY A O   1 
ATOM   898  N N   . LYS A 1 113 ? 11.272  -4.218  10.154  1.00 8.78  ? 113 LYS A N   1 
ATOM   899  C CA  . LYS A 1 113 ? 10.375  -3.205  9.622   1.00 9.01  ? 113 LYS A CA  1 
ATOM   900  C C   . LYS A 1 113 ? 9.690   -3.701  8.356   1.00 9.02  ? 113 LYS A C   1 
ATOM   901  O O   . LYS A 1 113 ? 10.188  -4.586  7.652   1.00 9.20  ? 113 LYS A O   1 
ATOM   902  C CB  . LYS A 1 113 ? 11.122  -1.904  9.323   1.00 9.03  ? 113 LYS A CB  1 
ATOM   903  C CG  . LYS A 1 113 ? 11.247  -0.964  10.508  1.00 8.51  ? 113 LYS A CG  1 
ATOM   904  C CD  . LYS A 1 113 ? 12.325  -1.422  11.471  1.00 8.79  ? 113 LYS A CD  1 
ATOM   905  C CE  . LYS A 1 113 ? 13.706  -1.223  10.871  1.00 9.01  ? 113 LYS A CE  1 
ATOM   906  N NZ  . LYS A 1 113 ? 14.780  -1.687  11.791  1.00 8.81  ? 113 LYS A NZ  1 
ATOM   907  N N   . MET A 1 114 ? 8.526   -3.122  8.070   1.00 8.08  ? 114 MET A N   1 
ATOM   908  C CA  . MET A 1 114 ? 7.824   -3.382  6.821   1.00 7.82  ? 114 MET A CA  1 
ATOM   909  C C   . MET A 1 114 ? 8.213   -2.303  5.821   1.00 7.35  ? 114 MET A C   1 
ATOM   910  O O   . MET A 1 114 ? 7.969   -1.115  6.056   1.00 7.28  ? 114 MET A O   1 
ATOM   911  C CB  . MET A 1 114 ? 6.308   -3.412  7.004   1.00 7.94  ? 114 MET A CB  1 
ATOM   912  C CG  . MET A 1 114 ? 5.572   -3.652  5.687   1.00 7.92  ? 114 MET A CG  1 
ATOM   913  S SD  . MET A 1 114 ? 3.787   -3.873  5.812   1.00 7.88  ? 114 MET A SD  1 
ATOM   914  C CE  . MET A 1 114 ? 3.268   -2.247  6.349   1.00 7.55  ? 114 MET A CE  1 
ATOM   915  N N   . VAL A 1 115 ? 8.815   -2.714  4.714   1.00 7.03  ? 115 VAL A N   1 
ATOM   916  C CA  . VAL A 1 115 ? 9.258   -1.801  3.670   1.00 6.83  ? 115 VAL A CA  1 
ATOM   917  C C   . VAL A 1 115 ? 8.396   -2.043  2.442   1.00 7.09  ? 115 VAL A C   1 
ATOM   918  O O   . VAL A 1 115 ? 8.308   -3.172  1.948   1.00 6.96  ? 115 VAL A O   1 
ATOM   919  C CB  . VAL A 1 115 ? 10.747  -1.987  3.352   1.00 6.29  ? 115 VAL A CB  1 
ATOM   920  C CG1 . VAL A 1 115 ? 11.181  -0.985  2.302   1.00 6.32  ? 115 VAL A CG1 1 
ATOM   921  C CG2 . VAL A 1 115 ? 11.569  -1.828  4.620   1.00 6.75  ? 115 VAL A CG2 1 
ATOM   922  N N   . MET A 1 116 ? 7.750   -0.993  1.957   1.00 11.33 ? 116 MET A N   1 
ATOM   923  C CA  . MET A 1 116 ? 6.865   -1.070  0.806   1.00 11.67 ? 116 MET A CA  1 
ATOM   924  C C   . MET A 1 116 ? 7.425   -0.209  -0.311  1.00 11.50 ? 116 MET A C   1 
ATOM   925  O O   . MET A 1 116 ? 7.676   0.983   -0.112  1.00 11.48 ? 116 MET A O   1 
ATOM   926  C CB  . MET A 1 116 ? 5.460   -0.604  1.176   1.00 11.67 ? 116 MET A CB  1 
ATOM   927  C CG  . MET A 1 116 ? 4.383   -0.949  0.179   1.00 11.46 ? 116 MET A CG  1 
ATOM   928  S SD  . MET A 1 116 ? 2.945   0.093   0.466   1.00 11.02 ? 116 MET A SD  1 
ATOM   929  C CE  . MET A 1 116 ? 3.787   1.638   0.765   1.00 10.99 ? 116 MET A CE  1 
ATOM   930  N N   . THR A 1 117 ? 7.596   -0.808  -1.481  1.00 7.99  ? 117 THR A N   1 
ATOM   931  C CA  . THR A 1 117 ? 8.170   -0.144  -2.642  1.00 8.07  ? 117 THR A CA  1 
ATOM   932  C C   . THR A 1 117 ? 7.077   0.087   -3.674  1.00 8.47  ? 117 THR A C   1 
ATOM   933  O O   . THR A 1 117 ? 6.360   -0.843  -4.042  1.00 8.41  ? 117 THR A O   1 
ATOM   934  C CB  . THR A 1 117 ? 9.302   -0.979  -3.241  1.00 7.43  ? 117 THR A CB  1 
ATOM   935  O OG1 . THR A 1 117 ? 10.319  -1.178  -2.252  1.00 7.14  ? 117 THR A OG1 1 
ATOM   936  C CG2 . THR A 1 117 ? 9.911   -0.268  -4.434  1.00 7.93  ? 117 THR A CG2 1 
ATOM   937  N N   . LEU A 1 118 ? 6.964   1.323   -4.145  1.00 7.71  ? 118 LEU A N   1 
ATOM   938  C CA  . LEU A 1 118 ? 5.901   1.740   -5.046  1.00 8.25  ? 118 LEU A CA  1 
ATOM   939  C C   . LEU A 1 118 ? 6.549   2.129   -6.362  1.00 8.48  ? 118 LEU A C   1 
ATOM   940  O O   . LEU A 1 118 ? 7.441   2.982   -6.381  1.00 8.75  ? 118 LEU A O   1 
ATOM   941  C CB  . LEU A 1 118 ? 5.137   2.931   -4.470  1.00 8.30  ? 118 LEU A CB  1 
ATOM   942  C CG  . LEU A 1 118 ? 4.405   2.768   -3.143  1.00 7.65  ? 118 LEU A CG  1 
ATOM   943  C CD1 . LEU A 1 118 ? 5.370   2.868   -1.968  1.00 7.14  ? 118 LEU A CD1 1 
ATOM   944  C CD2 . LEU A 1 118 ? 3.380   3.853   -3.046  1.00 7.66  ? 118 LEU A CD2 1 
ATOM   945  N N   . THR A 1 119 ? 6.109   1.518   -7.455  1.00 7.16  ? 119 THR A N   1 
ATOM   946  C CA  . THR A 1 119 ? 6.699   1.798   -8.754  1.00 7.02  ? 119 THR A CA  1 
ATOM   947  C C   . THR A 1 119 ? 5.618   2.177   -9.749  1.00 7.17  ? 119 THR A C   1 
ATOM   948  O O   . THR A 1 119 ? 4.593   1.486   -9.867  1.00 6.61  ? 119 THR A O   1 
ATOM   949  C CB  . THR A 1 119 ? 7.503   0.609   -9.275  1.00 6.82  ? 119 THR A CB  1 
ATOM   950  O OG1 . THR A 1 119 ? 8.510   0.263   -8.316  1.00 6.94  ? 119 THR A OG1 1 
ATOM   951  C CG2 . THR A 1 119 ? 8.177   0.965   -10.588 1.00 6.62  ? 119 THR A CG2 1 
ATOM   952  N N   . PHE A 1 120 ? 5.856   3.293   -10.442 1.00 8.35  ? 120 PHE A N   1 
ATOM   953  C CA  . PHE A 1 120 ? 5.095   3.730   -11.607 1.00 8.54  ? 120 PHE A CA  1 
ATOM   954  C C   . PHE A 1 120 ? 6.178   4.079   -12.624 1.00 8.33  ? 120 PHE A C   1 
ATOM   955  O O   . PHE A 1 120 ? 6.842   5.112   -12.501 1.00 8.11  ? 120 PHE A O   1 
ATOM   956  C CB  . PHE A 1 120 ? 4.189   4.915   -11.277 1.00 8.93  ? 120 PHE A CB  1 
ATOM   957  C CG  . PHE A 1 120 ? 3.265   5.311   -12.392 1.00 8.92  ? 120 PHE A CG  1 
ATOM   958  C CD1 . PHE A 1 120 ? 2.212   4.486   -12.748 1.00 8.38  ? 120 PHE A CD1 1 
ATOM   959  C CD2 . PHE A 1 120 ? 3.420   6.516   -13.058 1.00 9.13  ? 120 PHE A CD2 1 
ATOM   960  C CE1 . PHE A 1 120 ? 1.344   4.840   -13.763 1.00 8.47  ? 120 PHE A CE1 1 
ATOM   961  C CE2 . PHE A 1 120 ? 2.550   6.880   -14.077 1.00 8.68  ? 120 PHE A CE2 1 
ATOM   962  C CZ  . PHE A 1 120 ? 1.510   6.039   -14.428 1.00 8.37  ? 120 PHE A CZ  1 
ATOM   963  N N   . GLY A 1 121 ? 6.388   3.186   -13.589 1.00 12.26 ? 121 GLY A N   1 
ATOM   964  C CA  . GLY A 1 121 ? 7.424   3.414   -14.589 1.00 11.07 ? 121 GLY A CA  1 
ATOM   965  C C   . GLY A 1 121 ? 8.800   3.486   -13.958 1.00 10.65 ? 121 GLY A C   1 
ATOM   966  O O   . GLY A 1 121 ? 9.229   2.580   -13.236 1.00 11.13 ? 121 GLY A O   1 
ATOM   967  N N   . ASP A 1 122 ? 9.509   4.577   -14.235 1.00 16.18 ? 122 ASP A N   1 
ATOM   968  C CA  . ASP A 1 122 ? 10.819  4.814   -13.649 1.00 15.89 ? 122 ASP A CA  1 
ATOM   969  C C   . ASP A 1 122 ? 10.751  5.564   -12.325 1.00 16.61 ? 122 ASP A C   1 
ATOM   970  O O   . ASP A 1 122 ? 11.799  5.801   -11.713 1.00 16.08 ? 122 ASP A O   1 
ATOM   971  C CB  . ASP A 1 122 ? 11.708  5.587   -14.630 1.00 16.76 ? 122 ASP A CB  1 
ATOM   972  C CG  . ASP A 1 122 ? 11.009  6.789   -15.231 1.00 17.83 ? 122 ASP A CG  1 
ATOM   973  O OD1 . ASP A 1 122 ? 11.670  7.560   -15.955 1.00 18.16 ? 122 ASP A OD1 1 
ATOM   974  O OD2 . ASP A 1 122 ? 9.797   6.961   -14.980 1.00 16.61 ? 122 ASP A OD2 1 
ATOM   975  N N   . VAL A 1 123 ? 9.563   5.940   -11.861 1.00 7.70  ? 123 VAL A N   1 
ATOM   976  C CA  . VAL A 1 123 ? 9.434   6.675   -10.609 1.00 8.67  ? 123 VAL A CA  1 
ATOM   977  C C   . VAL A 1 123 ? 9.121   5.688   -9.493  1.00 9.35  ? 123 VAL A C   1 
ATOM   978  O O   . VAL A 1 123 ? 8.153   4.920   -9.573  1.00 9.32  ? 123 VAL A O   1 
ATOM   979  C CB  . VAL A 1 123 ? 8.363   7.772   -10.703 1.00 10.26 ? 123 VAL A CB  1 
ATOM   980  C CG1 . VAL A 1 123 ? 8.075   8.339   -9.321  1.00 10.33 ? 123 VAL A CG1 1 
ATOM   981  C CG2 . VAL A 1 123 ? 8.821   8.871   -11.646 1.00 11.13 ? 123 VAL A CG2 1 
ATOM   982  N N   . VAL A 1 124 ? 9.948   5.709   -8.450  1.00 6.90  ? 124 VAL A N   1 
ATOM   983  C CA  . VAL A 1 124 ? 9.886   4.751   -7.355  1.00 6.98  ? 124 VAL A CA  1 
ATOM   984  C C   . VAL A 1 124 ? 9.874   5.505   -6.036  1.00 6.45  ? 124 VAL A C   1 
ATOM   985  O O   . VAL A 1 124 ? 10.649  6.449   -5.839  1.00 7.08  ? 124 VAL A O   1 
ATOM   986  C CB  . VAL A 1 124 ? 11.072  3.763   -7.398  1.00 7.16  ? 124 VAL A CB  1 
ATOM   987  C CG1 . VAL A 1 124 ? 11.020  2.810   -6.213  1.00 7.20  ? 124 VAL A CG1 1 
ATOM   988  C CG2 . VAL A 1 124 ? 11.082  2.993   -8.709  1.00 6.63  ? 124 VAL A CG2 1 
ATOM   989  N N   . ALA A 1 125 ? 8.994   5.085   -5.133  1.00 7.01  ? 125 ALA A N   1 
ATOM   990  C CA  . ALA A 1 125 ? 8.944   5.584   -3.767  1.00 6.39  ? 125 ALA A CA  1 
ATOM   991  C C   . ALA A 1 125 ? 9.101   4.416   -2.804  1.00 5.90  ? 125 ALA A C   1 
ATOM   992  O O   . ALA A 1 125 ? 8.808   3.270   -3.148  1.00 6.11  ? 125 ALA A O   1 
ATOM   993  C CB  . ALA A 1 125 ? 7.631   6.326   -3.491  1.00 6.23  ? 125 ALA A CB  1 
ATOM   994  N N   . VAL A 1 126 ? 9.579   4.701   -1.594  1.00 7.88  ? 126 VAL A N   1 
ATOM   995  C CA  . VAL A 1 126 ? 9.776   3.672   -0.578  1.00 8.17  ? 126 VAL A CA  1 
ATOM   996  C C   . VAL A 1 126 ? 9.200   4.175   0.739   1.00 8.59  ? 126 VAL A C   1 
ATOM   997  O O   . VAL A 1 126 ? 9.516   5.287   1.174   1.00 8.37  ? 126 VAL A O   1 
ATOM   998  C CB  . VAL A 1 126 ? 11.261  3.296   -0.413  1.00 7.89  ? 126 VAL A CB  1 
ATOM   999  C CG1 . VAL A 1 126 ? 11.407  2.156   0.576   1.00 7.70  ? 126 VAL A CG1 1 
ATOM   1000 C CG2 . VAL A 1 126 ? 11.870  2.908   -1.755  1.00 8.56  ? 126 VAL A CG2 1 
ATOM   1001 N N   . ARG A 1 127 ? 8.364   3.355   1.372   1.00 11.31 ? 127 ARG A N   1 
ATOM   1002 C CA  . ARG A 1 127 ? 7.665   3.724   2.594   1.00 11.18 ? 127 ARG A CA  1 
ATOM   1003 C C   . ARG A 1 127 ? 7.986   2.714   3.688   1.00 10.79 ? 127 ARG A C   1 
ATOM   1004 O O   . ARG A 1 127 ? 7.890   1.500   3.471   1.00 10.95 ? 127 ARG A O   1 
ATOM   1005 C CB  . ARG A 1 127 ? 6.156   3.814   2.349   1.00 11.45 ? 127 ARG A CB  1 
ATOM   1006 C CG  . ARG A 1 127 ? 5.738   5.155   1.760   1.00 11.78 ? 127 ARG A CG  1 
ATOM   1007 C CD  . ARG A 1 127 ? 4.467   5.058   0.930   1.00 12.12 ? 127 ARG A CD  1 
ATOM   1008 N NE  . ARG A 1 127 ? 3.259   5.103   1.750   1.00 11.91 ? 127 ARG A NE  1 
ATOM   1009 C CZ  . ARG A 1 127 ? 2.821   6.188   2.384   1.00 12.56 ? 127 ARG A CZ  1 
ATOM   1010 N NH1 . ARG A 1 127 ? 3.481   7.334   2.288   1.00 13.53 ? 127 ARG A NH1 1 
ATOM   1011 N NH2 . ARG A 1 127 ? 1.710   6.130   3.106   1.00 12.37 ? 127 ARG A NH2 1 
ATOM   1012 N N   . HIS A 1 128 ? 8.365   3.223   4.857   1.00 8.83  ? 128 HIS A N   1 
ATOM   1013 C CA  . HIS A 1 128 ? 8.882   2.412   5.951   1.00 8.24  ? 128 HIS A CA  1 
ATOM   1014 C C   . HIS A 1 128 ? 7.900   2.425   7.115   1.00 8.34  ? 128 HIS A C   1 
ATOM   1015 O O   . HIS A 1 128 ? 7.398   3.488   7.499   1.00 8.44  ? 128 HIS A O   1 
ATOM   1016 C CB  . HIS A 1 128 ? 10.250  2.930   6.399   1.00 7.92  ? 128 HIS A CB  1 
ATOM   1017 C CG  . HIS A 1 128 ? 11.259  2.997   5.294   1.00 8.43  ? 128 HIS A CG  1 
ATOM   1018 N ND1 . HIS A 1 128 ? 12.268  2.070   5.150   1.00 8.89  ? 128 HIS A ND1 1 
ATOM   1019 C CD2 . HIS A 1 128 ? 11.411  3.880   4.278   1.00 8.42  ? 128 HIS A CD2 1 
ATOM   1020 C CE1 . HIS A 1 128 ? 12.999  2.378   4.094   1.00 8.76  ? 128 HIS A CE1 1 
ATOM   1021 N NE2 . HIS A 1 128 ? 12.500  3.473   3.547   1.00 8.47  ? 128 HIS A NE2 1 
ATOM   1022 N N   . TYR A 1 129 ? 7.640   1.247   7.680   1.00 9.85  ? 129 TYR A N   1 
ATOM   1023 C CA  . TYR A 1 129 ? 6.684   1.081   8.763   1.00 10.06 ? 129 TYR A CA  1 
ATOM   1024 C C   . TYR A 1 129 ? 7.323   0.299   9.897   1.00 10.13 ? 129 TYR A C   1 
ATOM   1025 O O   . TYR A 1 129 ? 8.016   -0.699  9.663   1.00 10.09 ? 129 TYR A O   1 
ATOM   1026 C CB  . TYR A 1 129 ? 5.424   0.338   8.301   1.00 10.26 ? 129 TYR A CB  1 
ATOM   1027 C CG  . TYR A 1 129 ? 4.708   0.970   7.135   1.00 10.40 ? 129 TYR A CG  1 
ATOM   1028 C CD1 . TYR A 1 129 ? 5.187   0.823   5.841   1.00 10.42 ? 129 TYR A CD1 1 
ATOM   1029 C CD2 . TYR A 1 129 ? 3.546   1.702   7.327   1.00 10.66 ? 129 TYR A CD2 1 
ATOM   1030 C CE1 . TYR A 1 129 ? 4.538   1.395   4.776   1.00 10.29 ? 129 TYR A CE1 1 
ATOM   1031 C CE2 . TYR A 1 129 ? 2.889   2.278   6.266   1.00 10.81 ? 129 TYR A CE2 1 
ATOM   1032 C CZ  . TYR A 1 129 ? 3.390   2.120   4.994   1.00 10.38 ? 129 TYR A CZ  1 
ATOM   1033 O OH  . TYR A 1 129 ? 2.746   2.689   3.929   1.00 10.07 ? 129 TYR A OH  1 
ATOM   1034 N N   . GLU A 1 130 ? 7.065   0.746   11.122  1.00 14.50 ? 130 GLU A N   1 
ATOM   1035 C CA  . GLU A 1 130 ? 7.486   0.039   12.321  1.00 14.75 ? 130 GLU A CA  1 
ATOM   1036 C C   . GLU A 1 130 ? 6.315   -0.740  12.904  1.00 15.48 ? 130 GLU A C   1 
ATOM   1037 O O   . GLU A 1 130 ? 5.168   -0.285  12.857  1.00 15.88 ? 130 GLU A O   1 
ATOM   1038 C CB  . GLU A 1 130 ? 8.030   1.006   13.373  1.00 14.64 ? 130 GLU A CB  1 
ATOM   1039 C CG  . GLU A 1 130 ? 9.499   1.341   13.216  1.00 14.25 ? 130 GLU A CG  1 
ATOM   1040 C CD  . GLU A 1 130 ? 9.883   2.613   13.943  1.00 14.52 ? 130 GLU A CD  1 
ATOM   1041 O OE1 . GLU A 1 130 ? 10.624  3.433   13.361  1.00 14.71 ? 130 GLU A OE1 1 
ATOM   1042 O OE2 . GLU A 1 130 ? 9.446   2.795   15.100  1.00 15.37 ? 130 GLU A OE2 1 
ATOM   1043 N N   . LYS A 1 131 ? 6.609   -1.916  13.452  1.00 9.71  ? 131 LYS A N   1 
ATOM   1044 C CA  . LYS A 1 131 ? 5.590   -2.683  14.155  1.00 10.31 ? 131 LYS A CA  1 
ATOM   1045 C C   . LYS A 1 131 ? 5.188   -1.961  15.435  1.00 11.24 ? 131 LYS A C   1 
ATOM   1046 O O   . LYS A 1 131 ? 6.045   -1.547  16.222  1.00 11.71 ? 131 LYS A O   1 
ATOM   1047 C CB  . LYS A 1 131 ? 6.107   -4.084  14.478  1.00 10.57 ? 131 LYS A CB  1 
ATOM   1048 C CG  . LYS A 1 131 ? 5.083   -4.977  15.161  1.00 10.84 ? 131 LYS A CG  1 
ATOM   1049 C CD  . LYS A 1 131 ? 5.584   -6.407  15.292  1.00 11.32 ? 131 LYS A CD  1 
ATOM   1050 C CE  . LYS A 1 131 ? 5.577   -7.127  13.954  1.00 11.18 ? 131 LYS A CE  1 
ATOM   1051 N NZ  . LYS A 1 131 ? 6.071   -8.528  14.081  1.00 10.74 ? 131 LYS A NZ  1 
ATOM   1052 N N   . ALA A 1 132 ? 3.884   -1.804  15.638  1.00 11.73 ? 132 ALA A N   1 
ATOM   1053 C CA  . ALA A 1 132 ? 3.332   -1.150  16.812  1.00 12.07 ? 132 ALA A CA  1 
ATOM   1054 C C   . ALA A 1 132 ? 2.414   -2.115  17.551  1.00 11.33 ? 132 ALA A C   1 
ATOM   1055 O O   . ALA A 1 132 ? 2.144   -3.229  17.094  1.00 10.79 ? 132 ALA A O   1 
ATOM   1056 C CB  . ALA A 1 132 ? 2.569   0.125   16.426  1.00 12.07 ? 132 ALA A CB  1 
ATOM   1057 N N   . ALA A 1 133 ? 1.935   -1.672  18.710  1.00 15.23 ? 133 ALA A N   1 
ATOM   1058 C CA  . ALA A 1 133 ? 1.033   -2.490  19.506  1.00 14.14 ? 133 ALA A CA  1 
ATOM   1059 C C   . ALA A 1 133 ? -0.312  -2.637  18.805  1.00 13.45 ? 133 ALA A C   1 
ATOM   1060 O O   . ALA A 1 133 ? -0.804  -1.703  18.165  1.00 13.74 ? 133 ALA A O   1 
ATOM   1061 C CB  . ALA A 1 133 ? 0.841   -1.876  20.892  1.00 13.75 ? 133 ALA A CB  1 
ATOM   1062 N N   . ALA A 1 134 ? -0.903  -3.822  18.925  1.00 16.04 ? 134 ALA A N   1 
ATOM   1063 C CA  . ALA A 1 134 ? -2.216  -4.079  18.345  1.00 15.97 ? 134 ALA A CA  1 
ATOM   1064 C C   . ALA A 1 134 ? -3.308  -3.416  19.179  1.00 16.25 ? 134 ALA A C   1 
ATOM   1065 O O   . ALA A 1 134 ? -4.310  -2.942  18.645  1.00 16.38 ? 134 ALA A O   1 
ATOM   1066 C CB  . ALA A 1 134 ? -2.466  -5.578  18.232  1.00 15.93 ? 134 ALA A CB  1 
HETATM 1067 C C1  . CLR B 2 .   ? -2.136  3.661   2.357   1.00 20.55 ? 201 CLR A C1  1 
HETATM 1068 C C2  . CLR B 2 .   ? -1.592  2.661   3.380   1.00 20.23 ? 201 CLR A C2  1 
HETATM 1069 C C3  . CLR B 2 .   ? -0.117  2.933   3.601   1.00 20.24 ? 201 CLR A C3  1 
HETATM 1070 C C4  . CLR B 2 .   ? 0.681   2.616   2.343   1.00 20.04 ? 201 CLR A C4  1 
HETATM 1071 C C5  . CLR B 2 .   ? -0.006  3.117   1.084   1.00 20.79 ? 201 CLR A C5  1 
HETATM 1072 C C6  . CLR B 2 .   ? 0.465   2.737   -0.123  1.00 20.07 ? 201 CLR A C6  1 
HETATM 1073 C C7  . CLR B 2 .   ? -0.255  3.061   -1.402  1.00 20.15 ? 201 CLR A C7  1 
HETATM 1074 C C8  . CLR B 2 .   ? -1.050  4.356   -1.197  1.00 20.15 ? 201 CLR A C8  1 
HETATM 1075 C C9  . CLR B 2 .   ? -2.023  4.132   -0.038  1.00 20.45 ? 201 CLR A C9  1 
HETATM 1076 C C10 . CLR B 2 .   ? -1.203  4.062   1.215   1.00 20.62 ? 201 CLR A C10 1 
HETATM 1077 C C11 . CLR B 2 .   ? -3.122  5.150   0.181   0.00 20.15 ? 201 CLR A C11 1 
HETATM 1078 C C12 . CLR B 2 .   ? -3.563  5.864   -1.033  0.00 20.40 ? 201 CLR A C12 1 
HETATM 1079 C C13 . CLR B 2 .   ? -2.355  6.305   -1.815  1.00 20.35 ? 201 CLR A C13 1 
HETATM 1080 C C14 . CLR B 2 .   ? -1.714  5.038   -2.331  1.00 20.29 ? 201 CLR A C14 1 
HETATM 1081 C C15 . CLR B 2 .   ? -0.845  5.490   -3.478  1.00 20.47 ? 201 CLR A C15 1 
HETATM 1082 C C16 . CLR B 2 .   ? -1.528  6.706   -3.986  1.00 20.74 ? 201 CLR A C16 1 
HETATM 1083 C C17 . CLR B 2 .   ? -2.655  7.071   -3.014  1.00 20.62 ? 201 CLR A C17 1 
HETATM 1084 C C18 . CLR B 2 .   ? -1.415  7.143   -0.936  0.00 21.26 ? 201 CLR A C18 1 
HETATM 1085 C C19 . CLR B 2 .   ? -0.642  5.447   1.491   1.00 20.00 ? 201 CLR A C19 1 
HETATM 1086 C C20 . CLR B 2 .   ? -2.847  8.556   -2.747  1.00 20.74 ? 201 CLR A C20 1 
HETATM 1087 C C21 . CLR B 2 .   ? -1.530  9.329   -2.891  1.00 20.84 ? 201 CLR A C21 1 
HETATM 1088 C C22 . CLR B 2 .   ? -3.556  8.795   -1.415  1.00 20.65 ? 201 CLR A C22 1 
HETATM 1089 C C23 . CLR B 2 .   ? -2.905  9.796   -0.457  1.00 20.75 ? 201 CLR A C23 1 
HETATM 1090 C C24 . CLR B 2 .   ? -2.380  9.178   0.766   1.00 20.78 ? 201 CLR A C24 1 
HETATM 1091 C C25 . CLR B 2 .   ? -3.369  9.080   1.913   1.00 20.53 ? 201 CLR A C25 1 
HETATM 1092 C C26 . CLR B 2 .   ? -3.274  7.788   2.648   1.00 20.66 ? 201 CLR A C26 1 
HETATM 1093 C C27 . CLR B 2 .   ? -3.164  10.231  2.889   1.00 20.52 ? 201 CLR A C27 1 
HETATM 1094 O O1  . CLR B 2 .   ? 0.265   4.005   4.446   1.00 20.14 ? 201 CLR A O1  1 
HETATM 1095 O O   . HOH C 3 .   ? 7.532   -0.549  16.512  1.00 21.25 ? 301 HOH A O   1 
HETATM 1096 O O   . HOH C 3 .   ? -13.319 0.154   -6.220  1.00 9.58  ? 302 HOH A O   1 
HETATM 1097 O O   . HOH C 3 .   ? 13.007  -7.970  -4.213  1.00 14.84 ? 303 HOH A O   1 
HETATM 1098 O O   . HOH C 3 .   ? -6.172  0.160   3.905   1.00 8.31  ? 304 HOH A O   1 
HETATM 1099 O O   . HOH C 3 .   ? 7.554   17.028  -5.664  1.00 11.88 ? 305 HOH A O   1 
HETATM 1100 O O   . HOH C 3 .   ? 9.688   9.099   -15.181 1.00 9.08  ? 306 HOH A O   1 
HETATM 1101 O O   . HOH C 3 .   ? -3.575  -3.027  16.601  1.00 12.09 ? 307 HOH A O   1 
HETATM 1102 O O   . HOH C 3 .   ? 0.610   -10.027 -7.721  1.00 11.17 ? 308 HOH A O   1 
HETATM 1103 O O   . HOH C 3 .   ? 5.698   7.346   12.480  1.00 9.01  ? 309 HOH A O   1 
HETATM 1104 O O   . HOH C 3 .   ? -3.109  21.577  0.810   1.00 13.72 ? 310 HOH A O   1 
HETATM 1105 O O   . HOH C 3 .   ? 7.580   -1.447  -7.066  1.00 8.15  ? 311 HOH A O   1 
HETATM 1106 O O   . HOH C 3 .   ? -1.700  -0.554  -20.709 1.00 9.65  ? 312 HOH A O   1 
HETATM 1107 O O   . HOH C 3 .   ? 17.125  -2.288  7.196   1.00 14.12 ? 313 HOH A O   1 
HETATM 1108 O O   . HOH C 3 .   ? 10.046  -3.344  -0.620  1.00 5.22  ? 314 HOH A O   1 
HETATM 1109 O O   . HOH C 3 .   ? 3.432   -12.978 -7.682  1.00 14.35 ? 315 HOH A O   1 
HETATM 1110 O O   . HOH C 3 .   ? -5.447  -15.724 0.206   1.00 6.86  ? 316 HOH A O   1 
HETATM 1111 O O   . HOH C 3 .   ? 1.341   -5.376  16.230  1.00 9.58  ? 317 HOH A O   1 
HETATM 1112 O O   . HOH C 3 .   ? 10.739  9.789   10.263  1.00 6.89  ? 318 HOH A O   1 
HETATM 1113 O O   . HOH C 3 .   ? 10.803  -0.575  -9.181  1.00 13.05 ? 319 HOH A O   1 
HETATM 1114 O O   . HOH C 3 .   ? -11.785 -0.737  -2.801  1.00 4.93  ? 320 HOH A O   1 
HETATM 1115 O O   . HOH C 3 .   ? -3.345  -8.001  12.559  1.00 6.37  ? 321 HOH A O   1 
HETATM 1116 O O   . HOH C 3 .   ? 1.113   2.398   -16.340 1.00 7.87  ? 322 HOH A O   1 
HETATM 1117 O O   . HOH C 3 .   ? 9.182   -3.121  13.206  1.00 10.36 ? 323 HOH A O   1 
HETATM 1118 O O   . HOH C 3 .   ? -4.305  6.480   -19.570 1.00 6.98  ? 324 HOH A O   1 
HETATM 1119 O O   . HOH C 3 .   ? 1.201   9.239   3.869   1.00 9.26  ? 325 HOH A O   1 
HETATM 1120 O O   . HOH C 3 .   ? 9.918   -17.707 0.101   1.00 10.78 ? 326 HOH A O   1 
HETATM 1121 O O   . HOH C 3 .   ? -2.572  -6.390  14.786  1.00 3.67  ? 327 HOH A O   1 
HETATM 1122 O O   . HOH C 3 .   ? 6.155   1.095   17.226  1.00 6.49  ? 328 HOH A O   1 
HETATM 1123 O O   . HOH C 3 .   ? -9.523  -9.182  11.130  1.00 13.52 ? 329 HOH A O   1 
HETATM 1124 O O   . HOH C 3 .   ? -6.063  12.224  -7.142  1.00 15.92 ? 330 HOH A O   1 
HETATM 1125 O O   . HOH C 3 .   ? 4.897   19.289  -4.438  1.00 12.98 ? 331 HOH A O   1 
HETATM 1126 O O   . HOH C 3 .   ? -7.419  1.065   -1.263  1.00 7.69  ? 332 HOH A O   1 
HETATM 1127 O O   . HOH C 3 .   ? 3.981   22.447  0.828   1.00 15.12 ? 333 HOH A O   1 
HETATM 1128 O O   . HOH C 3 .   ? -11.068 -12.757 -9.870  1.00 7.22  ? 334 HOH A O   1 
HETATM 1129 O O   . HOH C 3 .   ? -13.990 -1.430  1.087   1.00 4.93  ? 335 HOH A O   1 
HETATM 1130 O O   . HOH C 3 .   ? -7.016  -6.007  9.462   1.00 5.74  ? 336 HOH A O   1 
HETATM 1131 O O   . HOH C 3 .   ? -11.789 -19.341 4.334   1.00 11.42 ? 337 HOH A O   1 
HETATM 1132 O O   . HOH C 3 .   ? -7.635  14.875  -5.406  1.00 16.26 ? 338 HOH A O   1 
HETATM 1133 O O   . HOH C 3 .   ? 13.135  6.629   -9.174  1.00 11.86 ? 339 HOH A O   1 
HETATM 1134 O O   . HOH C 3 .   ? -11.980 -5.353  -0.903  1.00 4.77  ? 340 HOH A O   1 
HETATM 1135 O O   . HOH C 3 .   ? 15.294  -8.934  6.940   1.00 8.70  ? 341 HOH A O   1 
HETATM 1136 O O   . HOH C 3 .   ? -3.142  -18.414 -2.980  1.00 12.76 ? 342 HOH A O   1 
HETATM 1137 O O   . HOH C 3 .   ? 2.088   -5.140  -1.616  1.00 6.86  ? 343 HOH A O   1 
HETATM 1138 O O   . HOH C 3 .   ? 3.298   0.303   -15.596 1.00 9.71  ? 344 HOH A O   1 
HETATM 1139 O O   . HOH C 3 .   ? 14.512  -2.834  0.772   1.00 13.29 ? 345 HOH A O   1 
HETATM 1140 O O   . HOH C 3 .   ? -0.170  -15.765 -4.713  1.00 6.81  ? 346 HOH A O   1 
HETATM 1141 O O   . HOH C 3 .   ? -8.521  7.267   11.699  1.00 5.06  ? 347 HOH A O   1 
HETATM 1142 O O   . HOH C 3 .   ? -4.735  9.865   -9.203  1.00 12.63 ? 348 HOH A O   1 
HETATM 1143 O O   . HOH C 3 .   ? -10.027 0.817   -15.777 1.00 6.34  ? 349 HOH A O   1 
HETATM 1144 O O   . HOH C 3 .   ? -10.254 1.689   7.905   1.00 9.35  ? 350 HOH A O   1 
HETATM 1145 O O   . HOH C 3 .   ? -5.014  -1.560  15.258  1.00 13.09 ? 351 HOH A O   1 
HETATM 1146 O O   . HOH C 3 .   ? -5.835  -0.548  1.005   1.00 3.99  ? 352 HOH A O   1 
HETATM 1147 O O   . HOH C 3 .   ? -1.892  -11.705 14.202  1.00 10.41 ? 353 HOH A O   1 
HETATM 1148 O O   . HOH C 3 .   ? -2.959  -2.155  -21.412 1.00 5.90  ? 354 HOH A O   1 
HETATM 1149 O O   . HOH C 3 .   ? 3.301   -7.037  17.363  1.00 11.03 ? 355 HOH A O   1 
HETATM 1150 O O   . HOH C 3 .   ? 6.406   21.909  -0.918  1.00 9.33  ? 356 HOH A O   1 
# 
